data_4IDV
#
_entry.id   4IDV
#
_cell.length_a   45.378
_cell.length_b   146.014
_cell.length_c   254.701
_cell.angle_alpha   90.000
_cell.angle_beta   90.000
_cell.angle_gamma   90.000
#
_symmetry.space_group_name_H-M   'P 21 21 21'
#
loop_
_entity.id
_entity.type
_entity.pdbx_description
1 polymer 'Mitogen-activated protein kinase kinase kinase 14'
2 non-polymer 4-{3-[2-amino-5-(2-methoxyethoxy)pyrimidin-4-yl]-1H-indol-5-yl}-2-methylbut-3-yn-2-ol
3 water water
#
_entity_poly.entity_id   1
_entity_poly.type   'polypeptide(L)'
_entity_poly.pdbx_seq_one_letter_code
;GAMGSKFSVEEYLVHALQGSVSSGQAHSLTSLAKTWAARGSRSREPSPKTEDNEGVLLTEKLKPVDYEYREEVHWATHQL
RLGRGSFGEVHRMEDKQTGFQCAVKKVRLEVFRAEELMACAGLTSPRIVPLYGAVREGPWVNIFMELLEGGSLGQLVKEQ
GCLPEDRALYYLGQALEGLEYLHSRRILHGDVKADNVLLSSDGSHAALCDFGHAVCLQPDGLGKSLLTGDYIPGTETHMA
PEVVLGRSCDAKVDVWSSCCMMLHMLNGCHPWTQFFRGPLCLKIASEPPPVREIPPSCAPLTAQAIQEGLRKEPIHRVSA
AELGGKVNRALQQVGGLKSPWRGEYKEPRHPPPNQA
;
_entity_poly.pdbx_strand_id   A,B,C,D
#
loop_
_chem_comp.id
_chem_comp.type
_chem_comp.name
_chem_comp.formula
13V non-polymer 4-{3-[2-amino-5-(2-methoxyethoxy)pyrimidin-4-yl]-1H-indol-5-yl}-2-methylbut-3-yn-2-ol 'C20 H22 N4 O3'
#
# COMPACT_ATOMS: atom_id res chain seq x y z
N PHE A 7 57.71 42.06 0.94
CA PHE A 7 58.30 41.15 -0.09
C PHE A 7 57.26 40.84 -1.16
N SER A 8 56.22 40.08 -0.76
CA SER A 8 55.51 39.19 -1.68
C SER A 8 55.70 39.58 -3.13
N VAL A 9 56.33 38.69 -3.89
CA VAL A 9 56.37 38.83 -5.33
C VAL A 9 55.02 39.38 -5.79
N GLU A 10 53.94 38.86 -5.19
CA GLU A 10 52.56 39.34 -5.39
C GLU A 10 52.37 40.84 -5.21
N GLU A 11 52.82 41.36 -4.06
CA GLU A 11 52.72 42.78 -3.77
C GLU A 11 53.54 43.61 -4.75
N TYR A 12 54.68 43.09 -5.20
CA TYR A 12 55.49 43.83 -6.18
C TYR A 12 54.73 44.04 -7.47
N LEU A 13 54.00 43.01 -7.90
CA LEU A 13 53.13 43.11 -9.07
C LEU A 13 51.96 44.10 -8.87
N VAL A 14 51.38 44.05 -7.69
CA VAL A 14 50.29 44.95 -7.40
C VAL A 14 50.81 46.38 -7.40
N HIS A 15 52.01 46.64 -6.86
CA HIS A 15 52.53 48.00 -6.80
C HIS A 15 52.84 48.51 -8.20
N ALA A 16 53.19 47.57 -9.08
CA ALA A 16 53.40 47.92 -10.47
C ALA A 16 52.14 48.43 -11.15
N LEU A 17 50.98 48.14 -10.56
CA LEU A 17 49.70 48.51 -11.13
C LEU A 17 49.16 49.81 -10.61
N GLN A 18 49.67 50.28 -9.48
CA GLN A 18 49.02 51.37 -8.73
C GLN A 18 49.38 52.70 -9.31
N GLY A 19 48.47 53.65 -9.17
CA GLY A 19 48.70 55.00 -9.69
C GLY A 19 48.42 55.12 -11.18
N SER A 20 48.03 54.04 -11.82
CA SER A 20 47.76 54.15 -13.23
C SER A 20 46.62 53.25 -13.63
N VAL A 21 46.05 53.57 -14.76
CA VAL A 21 45.18 52.63 -15.42
C VAL A 21 45.90 52.15 -16.68
N SER A 22 45.78 50.86 -16.90
CA SER A 22 46.48 50.16 -17.95
C SER A 22 45.56 49.17 -18.66
N SER A 23 45.81 48.95 -19.94
CA SER A 23 45.23 47.80 -20.62
C SER A 23 45.92 46.55 -20.08
N GLY A 24 45.16 45.60 -19.54
CA GLY A 24 45.76 44.43 -18.88
C GLY A 24 44.85 43.21 -18.90
N GLN A 25 45.07 42.30 -17.97
CA GLN A 25 44.25 41.10 -17.88
C GLN A 25 43.41 40.97 -16.58
N ALA A 26 42.37 40.15 -16.63
CA ALA A 26 41.57 39.77 -15.45
C ALA A 26 42.38 39.59 -14.16
N HIS A 27 43.38 38.74 -14.17
CA HIS A 27 44.18 38.57 -12.97
C HIS A 27 44.71 39.88 -12.40
N SER A 28 45.25 40.76 -13.22
CA SER A 28 45.74 42.07 -12.74
C SER A 28 44.63 42.89 -12.12
N LEU A 29 43.51 43.01 -12.82
CA LEU A 29 42.36 43.71 -12.28
C LEU A 29 41.96 43.12 -10.94
N THR A 30 41.83 41.81 -10.91
CA THR A 30 41.44 41.08 -9.72
C THR A 30 42.33 41.46 -8.53
N SER A 31 43.65 41.39 -8.71
CA SER A 31 44.58 41.76 -7.66
C SER A 31 44.40 43.18 -7.21
N LEU A 32 44.50 44.11 -8.15
CA LEU A 32 44.49 45.52 -7.83
C LEU A 32 43.21 45.87 -7.09
N ALA A 33 42.13 45.13 -7.39
CA ALA A 33 40.81 45.29 -6.74
C ALA A 33 40.81 45.03 -5.26
N LYS A 34 41.55 44.00 -4.87
CA LYS A 34 41.62 43.66 -3.46
C LYS A 34 42.24 44.77 -2.64
N THR A 35 43.11 45.58 -3.25
CA THR A 35 43.65 46.74 -2.56
C THR A 35 42.50 47.67 -2.26
N TRP A 36 41.59 47.83 -3.21
CA TRP A 36 40.48 48.76 -3.04
C TRP A 36 39.50 48.37 -1.92
N ALA A 37 39.36 47.09 -1.65
CA ALA A 37 38.43 46.61 -0.60
C ALA A 37 38.94 46.89 0.80
N ALA A 38 40.26 46.72 0.93
CA ALA A 38 40.99 46.81 2.22
C ALA A 38 41.06 48.22 2.86
N ARG A 39 41.01 49.27 2.04
CA ARG A 39 41.20 50.65 2.53
C ARG A 39 39.96 51.19 3.24
N THR A 50 45.02 64.22 -5.00
CA THR A 50 43.88 64.02 -5.90
C THR A 50 43.41 62.53 -5.94
N GLU A 51 43.35 61.89 -4.76
CA GLU A 51 43.19 60.41 -4.58
C GLU A 51 43.18 59.64 -5.91
N ASP A 52 44.24 58.88 -6.13
CA ASP A 52 44.62 58.44 -7.45
C ASP A 52 43.51 58.02 -8.42
N ASN A 53 43.91 58.00 -9.68
CA ASN A 53 43.15 57.47 -10.78
C ASN A 53 43.92 56.24 -11.23
N GLU A 54 43.35 55.07 -10.97
CA GLU A 54 44.01 53.82 -11.29
C GLU A 54 42.98 52.76 -11.64
N GLY A 55 43.45 51.65 -12.19
CA GLY A 55 42.58 50.55 -12.61
C GLY A 55 43.19 49.74 -13.75
N VAL A 56 42.42 48.79 -14.28
CA VAL A 56 42.81 48.08 -15.49
C VAL A 56 41.61 47.85 -16.39
N LEU A 57 41.89 47.90 -17.68
CA LEU A 57 40.91 47.80 -18.74
C LEU A 57 41.13 46.52 -19.55
N LEU A 58 40.03 45.83 -19.82
CA LEU A 58 40.08 44.47 -20.38
C LEU A 58 39.91 44.38 -21.91
N THR A 59 39.23 45.35 -22.53
CA THR A 59 39.18 45.45 -23.99
C THR A 59 40.09 46.55 -24.48
N GLU A 60 40.44 46.47 -25.76
CA GLU A 60 41.16 47.54 -26.39
C GLU A 60 40.17 48.67 -26.67
N LYS A 61 38.89 48.31 -26.73
CA LYS A 61 37.83 49.25 -27.03
C LYS A 61 37.71 50.39 -25.98
N LEU A 62 38.24 50.14 -24.79
CA LEU A 62 38.25 51.13 -23.73
C LEU A 62 39.71 51.34 -23.43
N LYS A 63 40.23 52.50 -23.84
CA LYS A 63 41.66 52.73 -23.86
C LYS A 63 42.05 53.81 -22.90
N PRO A 64 42.98 53.52 -21.97
CA PRO A 64 43.54 54.59 -21.21
C PRO A 64 44.40 55.52 -22.07
N VAL A 65 44.57 56.77 -21.61
CA VAL A 65 45.51 57.70 -22.24
C VAL A 65 46.43 58.33 -21.19
N ASP A 66 47.73 58.28 -21.48
CA ASP A 66 48.77 58.71 -20.58
C ASP A 66 48.50 58.29 -19.14
N TYR A 67 48.49 56.99 -18.91
CA TYR A 67 48.33 56.42 -17.58
C TYR A 67 47.01 56.73 -16.84
N GLU A 68 46.00 57.27 -17.54
CA GLU A 68 44.78 57.81 -16.87
C GLU A 68 43.49 57.37 -17.57
N TYR A 69 42.36 57.35 -16.83
CA TYR A 69 41.02 57.16 -17.42
C TYR A 69 39.98 57.87 -16.54
N ARG A 70 39.76 59.14 -16.84
CA ARG A 70 38.99 60.01 -15.98
C ARG A 70 37.64 60.28 -16.65
N GLU A 71 36.62 60.35 -15.82
CA GLU A 71 35.29 60.67 -16.29
C GLU A 71 35.27 62.12 -16.81
N GLU A 72 34.52 62.29 -17.90
CA GLU A 72 34.32 63.57 -18.64
C GLU A 72 35.52 64.00 -19.47
N VAL A 73 36.73 63.60 -19.06
CA VAL A 73 37.94 63.75 -19.88
C VAL A 73 38.07 62.69 -20.96
N HIS A 74 38.24 61.42 -20.57
CA HIS A 74 38.48 60.33 -21.53
C HIS A 74 37.26 59.50 -21.86
N TRP A 75 36.30 59.47 -20.94
CA TRP A 75 35.01 58.82 -21.20
C TRP A 75 33.87 59.65 -20.64
N ALA A 76 32.74 59.50 -21.30
CA ALA A 76 31.56 60.29 -21.07
C ALA A 76 30.38 59.35 -20.94
N THR A 77 29.59 59.60 -19.91
CA THR A 77 28.29 58.96 -19.79
C THR A 77 27.25 59.70 -20.69
N HIS A 78 26.36 58.95 -21.34
CA HIS A 78 25.32 59.55 -22.20
C HIS A 78 24.24 60.26 -21.41
N GLN A 79 24.37 61.58 -21.36
CA GLN A 79 23.27 62.46 -21.04
C GLN A 79 22.37 62.44 -22.28
N LEU A 80 21.15 61.88 -22.17
CA LEU A 80 20.78 61.01 -21.05
C LEU A 80 19.96 59.84 -21.58
N ARG A 81 20.45 58.63 -21.34
CA ARG A 81 19.59 57.46 -21.22
C ARG A 81 19.26 57.36 -19.74
N LEU A 82 18.20 56.64 -19.41
CA LEU A 82 17.81 56.43 -18.03
C LEU A 82 18.89 55.71 -17.21
N GLY A 83 19.01 56.08 -15.95
CA GLY A 83 19.80 55.33 -14.99
C GLY A 83 19.07 54.06 -14.57
N ARG A 84 19.75 52.93 -14.68
CA ARG A 84 19.15 51.68 -14.33
C ARG A 84 19.90 51.24 -13.10
N GLY A 85 19.53 50.09 -12.55
CA GLY A 85 20.12 49.65 -11.30
C GLY A 85 19.25 50.15 -10.16
N SER A 86 19.33 49.47 -9.02
CA SER A 86 18.53 49.79 -7.85
C SER A 86 18.77 51.20 -7.34
N PHE A 87 20.01 51.69 -7.49
CA PHE A 87 20.38 52.99 -6.99
C PHE A 87 20.65 53.92 -8.15
N GLY A 88 20.20 53.50 -9.33
CA GLY A 88 20.47 54.26 -10.53
C GLY A 88 21.96 54.45 -10.77
N GLU A 89 22.74 53.39 -10.53
CA GLU A 89 24.20 53.43 -10.62
C GLU A 89 24.72 53.03 -11.97
N VAL A 90 23.86 52.50 -12.82
CA VAL A 90 24.28 51.98 -14.10
C VAL A 90 23.90 52.94 -15.18
N HIS A 91 24.86 53.22 -16.06
CA HIS A 91 24.68 54.23 -17.08
C HIS A 91 25.31 53.80 -18.39
N ARG A 92 24.74 54.29 -19.49
CA ARG A 92 25.31 54.10 -20.80
C ARG A 92 26.48 55.06 -20.80
N MET A 93 27.62 54.60 -21.34
CA MET A 93 28.78 55.46 -21.51
C MET A 93 29.47 55.20 -22.83
N GLU A 94 30.37 56.13 -23.19
CA GLU A 94 31.12 56.10 -24.45
C GLU A 94 32.62 56.41 -24.18
N ASP A 95 33.52 55.78 -24.91
CA ASP A 95 34.93 56.13 -24.82
C ASP A 95 35.16 57.23 -25.85
N LYS A 96 35.70 58.37 -25.40
CA LYS A 96 35.80 59.58 -26.24
C LYS A 96 36.79 59.46 -27.37
N GLN A 97 37.83 58.65 -27.23
CA GLN A 97 38.81 58.42 -28.31
C GLN A 97 38.40 57.32 -29.27
N THR A 98 37.81 56.29 -28.70
CA THR A 98 37.50 55.05 -29.36
C THR A 98 36.10 55.02 -29.96
N GLY A 99 35.15 55.69 -29.34
CA GLY A 99 33.77 55.70 -29.81
C GLY A 99 32.95 54.45 -29.47
N PHE A 100 33.48 53.57 -28.63
CA PHE A 100 32.83 52.32 -28.26
C PHE A 100 31.97 52.56 -27.05
N GLN A 101 30.88 51.82 -26.97
CA GLN A 101 29.82 52.09 -26.02
C GLN A 101 29.57 50.90 -25.12
N CYS A 102 29.37 51.17 -23.85
CA CYS A 102 29.17 50.11 -22.87
C CYS A 102 28.52 50.66 -21.61
N ALA A 103 28.45 49.85 -20.58
CA ALA A 103 27.83 50.24 -19.35
C ALA A 103 28.88 50.51 -18.25
N VAL A 104 28.59 51.48 -17.37
CA VAL A 104 29.32 51.68 -16.11
C VAL A 104 28.40 51.35 -14.94
N LYS A 105 28.91 50.64 -13.95
CA LYS A 105 28.26 50.65 -12.64
C LYS A 105 29.13 51.45 -11.70
N LYS A 106 28.55 52.44 -11.06
CA LYS A 106 29.26 53.14 -10.01
C LYS A 106 29.10 52.39 -8.71
N VAL A 107 30.20 52.23 -7.99
CA VAL A 107 30.21 51.73 -6.62
C VAL A 107 31.00 52.71 -5.78
N ARG A 108 30.50 53.05 -4.60
CA ARG A 108 31.23 53.97 -3.75
C ARG A 108 32.45 53.24 -3.27
N LEU A 109 33.58 53.94 -3.26
CA LEU A 109 34.84 53.32 -2.88
C LEU A 109 34.78 52.71 -1.48
N GLU A 110 34.29 53.46 -0.49
CA GLU A 110 34.39 52.96 0.89
C GLU A 110 33.47 51.77 1.20
N VAL A 111 32.80 51.21 0.20
CA VAL A 111 32.08 49.94 0.40
C VAL A 111 32.28 48.97 -0.77
N PHE A 112 33.33 49.19 -1.55
CA PHE A 112 33.65 48.32 -2.69
C PHE A 112 34.13 46.91 -2.28
N ARG A 113 33.54 45.88 -2.86
CA ARG A 113 33.92 44.53 -2.52
C ARG A 113 34.56 43.92 -3.74
N ALA A 114 35.75 43.33 -3.56
CA ALA A 114 36.48 42.78 -4.69
C ALA A 114 35.81 41.54 -5.30
N GLU A 115 34.99 40.85 -4.52
CA GLU A 115 34.21 39.73 -5.03
C GLU A 115 33.38 40.11 -6.24
N GLU A 116 32.92 41.36 -6.30
CA GLU A 116 32.05 41.78 -7.39
C GLU A 116 32.79 41.54 -8.72
N LEU A 117 34.07 41.88 -8.77
CA LEU A 117 34.85 41.69 -9.99
C LEU A 117 35.29 40.24 -10.10
N MET A 118 35.68 39.64 -8.98
CA MET A 118 36.16 38.28 -9.01
C MET A 118 35.12 37.48 -9.76
N ALA A 119 33.85 37.63 -9.38
CA ALA A 119 32.72 36.92 -10.01
C ALA A 119 32.54 37.04 -11.55
N CYS A 120 33.07 38.06 -12.20
CA CYS A 120 32.92 38.15 -13.65
C CYS A 120 34.22 38.36 -14.43
N ALA A 121 35.34 38.47 -13.73
CA ALA A 121 36.62 38.78 -14.37
C ALA A 121 37.12 37.65 -15.28
N GLY A 122 37.33 37.95 -16.55
CA GLY A 122 37.88 36.94 -17.46
C GLY A 122 36.94 35.79 -17.78
N LEU A 123 37.49 34.57 -17.76
CA LEU A 123 36.86 33.40 -18.40
C LEU A 123 35.32 33.40 -18.34
N THR A 124 34.73 33.29 -19.52
CA THR A 124 33.39 33.83 -19.75
C THR A 124 32.36 32.79 -20.12
N SER A 125 31.57 32.34 -19.14
CA SER A 125 30.27 31.78 -19.42
C SER A 125 29.45 32.89 -20.08
N PRO A 126 28.63 32.55 -21.08
CA PRO A 126 27.69 33.50 -21.69
C PRO A 126 26.48 33.80 -20.83
N ARG A 127 26.45 33.21 -19.65
CA ARG A 127 25.41 33.49 -18.69
C ARG A 127 25.87 34.50 -17.62
N ILE A 128 27.07 35.03 -17.79
CA ILE A 128 27.66 36.04 -16.93
C ILE A 128 28.00 37.23 -17.76
N VAL A 129 27.54 38.42 -17.35
CA VAL A 129 27.89 39.66 -18.05
C VAL A 129 29.37 39.73 -18.28
N PRO A 130 29.76 40.11 -19.52
CA PRO A 130 31.16 40.41 -19.81
C PRO A 130 31.67 41.66 -19.07
N LEU A 131 32.76 41.50 -18.35
CA LEU A 131 33.43 42.58 -17.64
C LEU A 131 34.44 43.22 -18.58
N TYR A 132 34.29 44.53 -18.85
CA TYR A 132 35.19 45.24 -19.74
C TYR A 132 36.31 45.97 -19.01
N GLY A 133 36.17 46.12 -17.69
CA GLY A 133 37.29 46.59 -16.83
C GLY A 133 36.80 47.33 -15.60
N ALA A 134 37.72 47.88 -14.83
CA ALA A 134 37.32 48.83 -13.78
C ALA A 134 38.41 49.85 -13.48
N VAL A 135 38.02 51.10 -13.27
CA VAL A 135 38.97 52.07 -12.75
C VAL A 135 38.32 52.82 -11.61
N ARG A 136 39.17 53.15 -10.64
CA ARG A 136 38.81 53.95 -9.52
C ARG A 136 39.25 55.39 -9.81
N GLU A 137 38.42 56.35 -9.40
CA GLU A 137 38.70 57.78 -9.58
C GLU A 137 37.97 58.57 -8.49
N GLY A 138 38.72 58.92 -7.46
CA GLY A 138 38.15 59.68 -6.38
C GLY A 138 37.39 58.74 -5.49
N PRO A 139 36.13 59.08 -5.15
CA PRO A 139 35.34 58.26 -4.23
C PRO A 139 34.59 57.17 -4.97
N TRP A 140 34.84 57.05 -6.27
CA TRP A 140 34.20 56.05 -7.09
C TRP A 140 35.10 54.91 -7.58
N VAL A 141 34.49 53.75 -7.71
CA VAL A 141 34.99 52.70 -8.57
C VAL A 141 34.02 52.54 -9.71
N ASN A 142 34.52 52.76 -10.91
CA ASN A 142 33.75 52.63 -12.10
C ASN A 142 33.99 51.26 -12.69
N ILE A 143 32.93 50.47 -12.82
CA ILE A 143 33.00 49.15 -13.45
C ILE A 143 32.36 49.20 -14.84
N PHE A 144 33.11 48.72 -15.81
CA PHE A 144 32.72 48.75 -17.19
C PHE A 144 32.41 47.34 -17.65
N MET A 145 31.33 47.20 -18.40
CA MET A 145 30.86 45.89 -18.90
C MET A 145 29.94 46.03 -20.13
N GLU A 146 29.94 45.01 -20.97
CA GLU A 146 29.12 45.03 -22.18
C GLU A 146 27.72 45.52 -21.90
N LEU A 147 27.29 46.50 -22.66
CA LEU A 147 25.89 46.90 -22.69
C LEU A 147 25.07 45.71 -23.22
N LEU A 148 24.05 45.33 -22.46
CA LEU A 148 23.08 44.35 -22.92
C LEU A 148 21.83 45.12 -23.24
N GLU A 149 21.53 45.21 -24.53
CA GLU A 149 20.46 46.06 -24.99
C GLU A 149 19.06 45.59 -24.53
N GLY A 150 18.92 44.32 -24.15
CA GLY A 150 17.61 43.75 -23.82
C GLY A 150 16.93 44.19 -22.55
N GLY A 151 17.72 44.69 -21.61
CA GLY A 151 17.16 45.24 -20.34
C GLY A 151 17.31 44.25 -19.21
N SER A 152 16.68 44.53 -18.06
CA SER A 152 16.67 43.55 -16.98
C SER A 152 15.41 42.67 -17.09
N LEU A 153 15.49 41.46 -16.53
CA LEU A 153 14.36 40.54 -16.43
C LEU A 153 13.28 41.19 -15.61
N GLY A 154 13.68 41.92 -14.57
CA GLY A 154 12.74 42.66 -13.73
C GLY A 154 11.92 43.70 -14.48
N GLN A 155 12.54 44.38 -15.43
CA GLN A 155 11.84 45.29 -16.35
C GLN A 155 10.78 44.55 -17.16
N LEU A 156 11.19 43.38 -17.64
CA LEU A 156 10.36 42.56 -18.48
C LEU A 156 9.11 42.19 -17.72
N VAL A 157 9.27 41.80 -16.45
CA VAL A 157 8.10 41.26 -15.78
C VAL A 157 7.19 42.42 -15.48
N LYS A 158 7.77 43.60 -15.26
CA LYS A 158 6.97 44.76 -14.93
C LYS A 158 6.19 45.21 -16.14
N GLU A 159 6.81 45.16 -17.33
CA GLU A 159 6.12 45.56 -18.57
C GLU A 159 5.05 44.54 -18.95
N GLN A 160 5.30 43.26 -18.71
CA GLN A 160 4.35 42.21 -19.11
C GLN A 160 3.37 41.89 -18.00
N GLY A 161 3.55 42.50 -16.84
CA GLY A 161 2.77 42.13 -15.66
C GLY A 161 3.39 40.92 -15.03
N CYS A 162 3.23 39.79 -15.69
CA CYS A 162 3.97 38.57 -15.37
C CYS A 162 4.15 37.72 -16.63
N LEU A 163 5.05 36.74 -16.56
CA LEU A 163 5.46 35.98 -17.75
C LEU A 163 4.75 34.63 -17.94
N PRO A 164 4.56 34.22 -19.22
CA PRO A 164 4.17 32.86 -19.58
C PRO A 164 5.07 31.81 -18.94
N GLU A 165 4.49 30.71 -18.53
CA GLU A 165 5.26 29.66 -17.87
C GLU A 165 6.52 29.25 -18.68
N ASP A 166 6.39 29.08 -20.00
CA ASP A 166 7.55 28.67 -20.81
C ASP A 166 8.70 29.66 -20.81
N ARG A 167 8.41 30.95 -20.76
CA ARG A 167 9.43 31.99 -20.73
C ARG A 167 10.12 32.01 -19.37
N ALA A 168 9.31 32.03 -18.33
CA ALA A 168 9.83 31.97 -16.99
C ALA A 168 10.73 30.74 -16.85
N LEU A 169 10.26 29.59 -17.29
CA LEU A 169 11.06 28.37 -17.21
C LEU A 169 12.36 28.52 -17.93
N TYR A 170 12.30 29.22 -19.04
CA TYR A 170 13.44 29.37 -19.95
C TYR A 170 14.52 30.29 -19.39
N TYR A 171 14.11 31.43 -18.85
CA TYR A 171 15.07 32.31 -18.21
C TYR A 171 15.64 31.70 -16.92
N LEU A 172 14.82 31.03 -16.13
CA LEU A 172 15.30 30.37 -14.91
C LEU A 172 16.41 29.42 -15.30
N GLY A 173 16.25 28.76 -16.43
CA GLY A 173 17.27 27.82 -16.87
C GLY A 173 18.60 28.49 -17.14
N GLN A 174 18.58 29.69 -17.70
CA GLN A 174 19.82 30.33 -18.13
C GLN A 174 20.55 31.03 -16.98
N ALA A 175 19.77 31.51 -16.00
CA ALA A 175 20.30 31.94 -14.72
C ALA A 175 21.00 30.76 -14.03
N LEU A 176 20.38 29.59 -14.09
CA LEU A 176 20.92 28.43 -13.41
C LEU A 176 22.22 27.94 -14.04
N GLU A 177 22.45 28.25 -15.31
CA GLU A 177 23.70 27.85 -15.95
C GLU A 177 24.78 28.76 -15.42
N GLY A 178 24.43 30.05 -15.38
CA GLY A 178 25.32 31.05 -14.83
C GLY A 178 25.69 30.72 -13.42
N LEU A 179 24.71 30.35 -12.60
CA LEU A 179 24.96 30.01 -11.18
C LEU A 179 25.85 28.78 -11.07
N GLU A 180 25.49 27.75 -11.83
CA GLU A 180 26.29 26.54 -11.94
C GLU A 180 27.76 26.85 -12.24
N TYR A 181 28.00 27.88 -13.05
CA TYR A 181 29.34 28.36 -13.42
C TYR A 181 30.09 29.04 -12.28
N LEU A 182 29.43 30.00 -11.65
CA LEU A 182 29.94 30.63 -10.45
C LEU A 182 30.12 29.62 -9.34
N HIS A 183 29.16 28.73 -9.11
CA HIS A 183 29.27 27.78 -8.00
C HIS A 183 30.45 26.81 -8.24
N SER A 184 30.73 26.51 -9.50
CA SER A 184 31.94 25.77 -9.86
C SER A 184 33.22 26.59 -9.63
N ARG A 185 33.19 27.89 -9.93
CA ARG A 185 34.31 28.80 -9.60
C ARG A 185 34.29 29.17 -8.11
N ARG A 186 33.46 28.48 -7.32
CA ARG A 186 33.43 28.63 -5.89
C ARG A 186 32.98 30.02 -5.37
N ILE A 187 32.20 30.74 -6.17
CA ILE A 187 31.63 32.02 -5.76
C ILE A 187 30.12 31.83 -5.72
N LEU A 188 29.47 32.34 -4.65
CA LEU A 188 28.00 32.43 -4.65
C LEU A 188 27.62 33.86 -4.99
N HIS A 189 26.45 34.04 -5.56
CA HIS A 189 26.04 35.35 -6.09
C HIS A 189 25.47 36.28 -5.02
N GLY A 190 24.63 35.73 -4.16
CA GLY A 190 24.21 36.41 -2.93
C GLY A 190 22.94 37.24 -3.00
N ASP A 191 22.52 37.58 -4.20
CA ASP A 191 21.30 38.35 -4.43
C ASP A 191 20.83 38.14 -5.87
N VAL A 192 20.44 36.89 -6.18
CA VAL A 192 19.90 36.59 -7.52
C VAL A 192 18.41 36.94 -7.50
N LYS A 193 17.95 37.50 -8.60
CA LYS A 193 16.57 37.93 -8.75
C LYS A 193 16.43 38.58 -10.13
N ALA A 194 15.20 38.87 -10.54
CA ALA A 194 14.96 39.34 -11.90
C ALA A 194 15.72 40.64 -12.23
N ASP A 195 15.78 41.57 -11.27
CA ASP A 195 16.49 42.87 -11.51
C ASP A 195 17.97 42.66 -11.84
N ASN A 196 18.55 41.57 -11.33
CA ASN A 196 19.94 41.19 -11.65
C ASN A 196 20.06 40.06 -12.66
N VAL A 197 19.11 39.96 -13.61
CA VAL A 197 19.40 39.23 -14.86
C VAL A 197 19.11 40.11 -16.05
N LEU A 198 20.08 40.16 -16.95
CA LEU A 198 20.04 40.98 -18.14
C LEU A 198 19.73 40.16 -19.41
N LEU A 199 19.02 40.80 -20.35
CA LEU A 199 18.53 40.16 -21.57
C LEU A 199 19.28 40.69 -22.77
N SER A 200 19.46 39.82 -23.77
CA SER A 200 20.06 40.24 -25.04
C SER A 200 18.94 40.90 -25.84
N SER A 201 19.29 41.50 -26.98
CA SER A 201 18.34 42.33 -27.72
C SER A 201 17.07 41.61 -28.14
N ASP A 202 17.20 40.41 -28.71
CA ASP A 202 16.02 39.63 -29.10
C ASP A 202 15.26 38.98 -27.91
N GLY A 203 15.82 39.08 -26.70
CA GLY A 203 15.25 38.43 -25.52
C GLY A 203 15.68 36.98 -25.36
N SER A 204 16.49 36.50 -26.30
CA SER A 204 16.85 35.07 -26.35
C SER A 204 17.90 34.67 -25.32
N HIS A 205 18.69 35.63 -24.85
CA HIS A 205 19.79 35.33 -23.93
C HIS A 205 19.73 36.13 -22.64
N ALA A 206 20.00 35.41 -21.57
CA ALA A 206 20.07 35.96 -20.27
C ALA A 206 21.47 35.77 -19.75
N ALA A 207 21.92 36.78 -19.00
CA ALA A 207 23.14 36.71 -18.23
C ALA A 207 22.92 37.39 -16.88
N LEU A 208 23.65 36.93 -15.87
CA LEU A 208 23.59 37.53 -14.54
C LEU A 208 24.47 38.79 -14.45
N CYS A 209 23.97 39.78 -13.73
CA CYS A 209 24.76 40.92 -13.30
C CYS A 209 24.62 41.17 -11.78
N ASP A 210 25.25 42.24 -11.31
CA ASP A 210 25.17 42.71 -9.91
C ASP A 210 25.72 41.73 -8.89
N PHE A 211 26.98 41.39 -9.07
CA PHE A 211 27.71 40.54 -8.15
C PHE A 211 28.24 41.29 -6.91
N GLY A 212 27.69 42.47 -6.62
CA GLY A 212 28.11 43.20 -5.46
C GLY A 212 27.93 42.50 -4.12
N HIS A 213 27.02 41.52 -4.06
CA HIS A 213 26.83 40.74 -2.84
C HIS A 213 27.44 39.34 -2.89
N ALA A 214 28.35 39.08 -3.82
CA ALA A 214 28.91 37.73 -3.97
C ALA A 214 29.86 37.45 -2.83
N VAL A 215 30.07 36.18 -2.54
CA VAL A 215 31.10 35.79 -1.58
C VAL A 215 31.75 34.50 -2.08
N CYS A 216 33.00 34.29 -1.72
CA CYS A 216 33.72 33.06 -2.09
C CYS A 216 33.58 32.05 -0.96
N LEU A 217 33.94 30.81 -1.22
CA LEU A 217 33.87 29.71 -0.23
C LEU A 217 35.27 29.04 -0.27
N GLN A 218 35.62 28.15 0.66
CA GLN A 218 37.08 27.79 0.86
C GLN A 218 37.49 26.30 0.72
N PRO A 219 37.65 25.53 1.84
CA PRO A 219 37.85 24.11 1.57
C PRO A 219 36.47 23.51 1.32
N ASP A 220 35.84 23.04 2.39
CA ASP A 220 34.44 23.34 2.61
C ASP A 220 33.99 23.23 4.08
N GLY A 221 34.23 24.34 4.78
CA GLY A 221 33.28 24.77 5.79
C GLY A 221 32.11 25.32 5.00
N LEU A 222 31.42 26.29 5.60
CA LEU A 222 30.19 26.82 5.03
C LEU A 222 29.89 28.14 5.80
N GLY A 223 30.43 29.27 5.33
CA GLY A 223 30.39 30.52 6.11
C GLY A 223 28.98 30.95 6.51
N LYS A 224 28.81 31.42 7.74
CA LYS A 224 27.59 32.13 8.09
C LYS A 224 27.65 33.51 7.44
N SER A 225 26.88 33.73 6.39
CA SER A 225 26.89 34.99 5.61
C SER A 225 26.83 36.28 6.42
N LEU A 226 25.66 36.58 6.98
CA LEU A 226 25.48 37.84 7.68
C LEU A 226 25.97 37.73 9.12
N LEU A 227 26.42 38.87 9.62
CA LEU A 227 27.26 39.00 10.82
C LEU A 227 28.71 38.96 10.36
N THR A 228 29.35 40.12 10.57
CA THR A 228 30.39 40.65 9.69
C THR A 228 30.13 42.17 9.58
N GLY A 229 31.16 42.94 9.21
CA GLY A 229 30.97 44.31 8.73
C GLY A 229 30.87 44.21 7.23
N ASP A 230 31.91 43.60 6.62
CA ASP A 230 31.99 43.30 5.19
C ASP A 230 30.63 43.18 4.50
N TYR A 231 29.84 42.21 4.93
CA TYR A 231 28.68 41.77 4.14
C TYR A 231 27.38 42.58 4.29
N ILE A 232 26.93 43.04 3.11
CA ILE A 232 25.62 43.60 2.88
C ILE A 232 24.72 42.53 2.21
N PRO A 233 23.55 42.27 2.78
CA PRO A 233 22.67 41.20 2.33
C PRO A 233 21.88 41.43 1.03
N GLY A 234 21.42 40.31 0.44
CA GLY A 234 20.62 40.34 -0.77
C GLY A 234 19.21 40.82 -0.48
N THR A 235 18.32 40.59 -1.44
CA THR A 235 16.97 41.13 -1.40
C THR A 235 16.14 40.32 -0.47
N GLU A 236 15.44 40.98 0.43
CA GLU A 236 14.98 40.31 1.66
C GLU A 236 13.97 39.24 1.33
N THR A 237 13.16 39.60 0.37
CA THR A 237 12.05 38.83 -0.05
C THR A 237 12.54 37.50 -0.71
N HIS A 238 13.75 37.51 -1.26
CA HIS A 238 14.35 36.35 -1.95
C HIS A 238 15.38 35.58 -1.12
N MET A 239 15.55 35.88 0.17
CA MET A 239 16.60 35.20 0.94
C MET A 239 16.17 33.93 1.63
N ALA A 240 17.14 33.02 1.65
CA ALA A 240 16.98 31.66 2.06
C ALA A 240 16.95 31.53 3.59
N PRO A 241 16.24 30.53 4.13
CA PRO A 241 16.07 30.54 5.57
C PRO A 241 17.38 30.45 6.35
N GLU A 242 18.34 29.69 5.85
CA GLU A 242 19.65 29.60 6.52
C GLU A 242 20.37 30.97 6.61
N VAL A 243 20.07 31.88 5.69
CA VAL A 243 20.64 33.20 5.79
C VAL A 243 19.96 33.85 6.97
N VAL A 244 18.64 33.84 6.93
CA VAL A 244 17.90 34.69 7.84
C VAL A 244 18.01 34.22 9.32
N LEU A 245 18.07 32.90 9.52
CA LEU A 245 18.32 32.29 10.86
C LEU A 245 19.79 32.47 11.33
N GLY A 246 20.62 33.06 10.47
CA GLY A 246 22.00 33.23 10.82
C GLY A 246 22.70 31.90 10.85
N ARG A 247 22.28 31.00 9.99
CA ARG A 247 22.90 29.69 9.94
C ARG A 247 24.03 29.68 8.94
N SER A 248 24.68 28.55 8.85
CA SER A 248 25.72 28.31 7.89
C SER A 248 25.15 28.58 6.50
N CYS A 249 25.91 29.25 5.64
CA CYS A 249 25.42 29.53 4.29
C CYS A 249 26.38 29.02 3.19
N ASP A 250 25.84 28.65 2.03
CA ASP A 250 26.65 28.29 0.85
C ASP A 250 25.93 28.59 -0.48
N ALA A 251 26.29 27.88 -1.55
CA ALA A 251 25.71 28.11 -2.89
C ALA A 251 24.21 27.88 -2.98
N LYS A 252 23.70 27.03 -2.11
CA LYS A 252 22.26 26.68 -2.13
C LYS A 252 21.36 27.90 -1.92
N VAL A 253 21.92 28.91 -1.28
CA VAL A 253 21.31 30.19 -1.10
C VAL A 253 20.83 30.79 -2.44
N ASP A 254 21.64 30.66 -3.49
CA ASP A 254 21.23 31.16 -4.79
C ASP A 254 20.13 30.30 -5.38
N VAL A 255 20.10 28.98 -5.10
CA VAL A 255 18.99 28.20 -5.66
C VAL A 255 17.64 28.55 -4.98
N TRP A 256 17.65 28.88 -3.71
CA TRP A 256 16.41 29.41 -3.10
C TRP A 256 16.01 30.73 -3.77
N SER A 257 16.97 31.59 -3.96
CA SER A 257 16.69 32.93 -4.48
C SER A 257 16.16 32.82 -5.89
N SER A 258 16.68 31.86 -6.63
CA SER A 258 16.31 31.67 -8.01
C SER A 258 14.86 31.18 -8.12
N CYS A 259 14.44 30.31 -7.20
CA CYS A 259 13.04 29.92 -7.12
C CYS A 259 12.12 31.04 -6.65
N CYS A 260 12.59 31.95 -5.81
CA CYS A 260 11.77 33.12 -5.50
C CYS A 260 11.59 33.99 -6.77
N MET A 261 12.65 34.14 -7.55
CA MET A 261 12.55 34.83 -8.83
C MET A 261 11.56 34.14 -9.77
N MET A 262 11.56 32.81 -9.75
CA MET A 262 10.64 32.07 -10.56
C MET A 262 9.21 32.46 -10.17
N LEU A 263 8.98 32.55 -8.86
CA LEU A 263 7.65 32.84 -8.39
C LEU A 263 7.30 34.25 -8.79
N HIS A 264 8.32 35.12 -8.79
CA HIS A 264 8.16 36.50 -9.27
C HIS A 264 7.69 36.53 -10.69
N MET A 265 8.35 35.74 -11.53
CA MET A 265 8.05 35.76 -12.94
C MET A 265 6.63 35.29 -13.20
N LEU A 266 6.18 34.28 -12.47
CA LEU A 266 4.86 33.69 -12.71
C LEU A 266 3.78 34.58 -12.19
N ASN A 267 3.83 34.95 -10.92
CA ASN A 267 2.73 35.67 -10.28
C ASN A 267 2.79 37.17 -10.48
N GLY A 268 3.94 37.69 -10.90
CA GLY A 268 4.12 39.12 -11.14
C GLY A 268 4.36 39.92 -9.88
N CYS A 269 4.74 39.22 -8.82
CA CYS A 269 5.06 39.85 -7.54
C CYS A 269 6.06 38.95 -6.79
N HIS A 270 6.82 39.55 -5.89
CA HIS A 270 7.75 38.81 -5.06
C HIS A 270 7.02 37.90 -4.11
N PRO A 271 7.64 36.77 -3.72
CA PRO A 271 7.03 36.01 -2.64
C PRO A 271 6.86 36.82 -1.35
N TRP A 272 5.98 36.35 -0.48
CA TRP A 272 5.74 36.93 0.85
C TRP A 272 4.97 38.27 0.82
N THR A 273 5.35 39.20 -0.07
CA THR A 273 4.83 40.60 0.00
C THR A 273 3.31 40.64 0.13
N GLN A 274 2.63 39.71 -0.54
CA GLN A 274 1.16 39.68 -0.66
C GLN A 274 0.45 39.05 0.50
N PHE A 275 1.20 38.59 1.49
CA PHE A 275 0.62 37.84 2.61
C PHE A 275 0.94 38.46 3.97
N PHE A 276 2.16 38.98 4.12
CA PHE A 276 2.53 39.63 5.38
C PHE A 276 3.13 41.00 5.10
N ARG A 277 3.04 41.87 6.10
CA ARG A 277 3.37 43.28 5.92
C ARG A 277 4.89 43.51 6.19
N GLY A 278 5.42 42.83 7.20
CA GLY A 278 6.84 42.94 7.56
C GLY A 278 7.02 42.93 9.07
N PRO A 279 8.28 42.78 9.55
CA PRO A 279 9.45 42.39 8.77
C PRO A 279 9.30 40.96 8.23
N LEU A 280 9.63 40.80 6.96
CA LEU A 280 9.39 39.55 6.24
C LEU A 280 10.37 38.44 6.58
N CYS A 281 11.52 38.82 7.14
CA CYS A 281 12.58 37.84 7.35
C CYS A 281 12.15 36.83 8.40
N LEU A 282 11.39 37.32 9.38
CA LEU A 282 10.93 36.49 10.48
C LEU A 282 9.95 35.44 9.95
N LYS A 283 9.14 35.82 8.97
CA LYS A 283 8.21 34.89 8.35
C LYS A 283 8.94 33.79 7.58
N ILE A 284 10.00 34.18 6.86
CA ILE A 284 10.85 33.23 6.13
C ILE A 284 11.46 32.23 7.10
N ALA A 285 11.80 32.71 8.30
CA ALA A 285 12.28 31.85 9.36
C ALA A 285 11.18 30.96 9.89
N SER A 286 10.11 31.58 10.39
CA SER A 286 9.04 30.87 11.13
C SER A 286 8.15 29.96 10.29
N GLU A 287 7.93 30.31 9.02
CA GLU A 287 6.85 29.71 8.21
C GLU A 287 7.27 28.66 7.15
N PRO A 288 6.31 27.89 6.62
CA PRO A 288 6.71 26.95 5.58
C PRO A 288 7.14 27.69 4.35
N PRO A 289 7.95 27.05 3.51
CA PRO A 289 8.42 27.70 2.29
C PRO A 289 7.26 28.03 1.41
N PRO A 290 7.37 29.13 0.62
CA PRO A 290 6.21 29.67 -0.06
C PRO A 290 5.82 28.90 -1.31
N VAL A 291 5.78 27.57 -1.22
CA VAL A 291 5.21 26.71 -2.28
C VAL A 291 3.74 26.98 -2.50
N ARG A 292 3.02 27.45 -1.47
CA ARG A 292 1.60 27.83 -1.64
C ARG A 292 1.44 29.04 -2.60
N GLU A 293 2.55 29.69 -2.93
CA GLU A 293 2.60 30.73 -3.97
C GLU A 293 2.82 30.18 -5.40
N ILE A 294 2.87 28.86 -5.54
CA ILE A 294 2.97 28.26 -6.88
C ILE A 294 1.58 28.30 -7.51
N PRO A 295 1.48 28.75 -8.77
CA PRO A 295 0.14 28.71 -9.35
C PRO A 295 -0.35 27.27 -9.59
N PRO A 296 -1.61 26.96 -9.18
CA PRO A 296 -2.20 25.61 -9.46
C PRO A 296 -2.19 25.28 -10.95
N SER A 297 -2.46 26.30 -11.77
CA SER A 297 -2.31 26.29 -13.23
C SER A 297 -1.09 25.55 -13.79
N CYS A 298 0.02 25.55 -13.07
CA CYS A 298 1.30 25.13 -13.65
C CYS A 298 1.38 23.66 -13.87
N ALA A 299 2.32 23.29 -14.74
CA ALA A 299 2.59 21.91 -15.02
C ALA A 299 3.16 21.20 -13.81
N PRO A 300 2.86 19.91 -13.64
CA PRO A 300 3.45 19.14 -12.55
C PRO A 300 4.95 19.36 -12.33
N LEU A 301 5.76 19.30 -13.40
CA LEU A 301 7.23 19.37 -13.26
C LEU A 301 7.81 20.76 -12.92
N THR A 302 7.09 21.80 -13.32
CA THR A 302 7.35 23.15 -12.88
C THR A 302 7.19 23.22 -11.35
N ALA A 303 5.98 22.93 -10.86
CA ALA A 303 5.70 22.90 -9.42
C ALA A 303 6.72 22.04 -8.69
N GLN A 304 6.85 20.81 -9.16
CA GLN A 304 7.78 19.87 -8.57
C GLN A 304 9.14 20.57 -8.42
N ALA A 305 9.62 21.17 -9.50
CA ALA A 305 10.98 21.75 -9.51
C ALA A 305 11.15 22.95 -8.59
N ILE A 306 10.10 23.76 -8.41
CA ILE A 306 10.16 24.87 -7.48
C ILE A 306 10.19 24.30 -6.06
N GLN A 307 9.40 23.25 -5.85
CA GLN A 307 9.30 22.63 -4.53
C GLN A 307 10.67 22.19 -4.06
N GLU A 308 11.41 21.55 -4.95
CA GLU A 308 12.76 21.06 -4.68
C GLU A 308 13.85 22.13 -4.48
N GLY A 309 13.64 23.34 -5.01
CA GLY A 309 14.53 24.48 -4.77
C GLY A 309 14.17 25.29 -3.53
N LEU A 310 12.96 25.16 -3.03
CA LEU A 310 12.51 25.91 -1.86
C LEU A 310 12.47 25.02 -0.62
N ARG A 311 13.41 24.09 -0.51
CA ARG A 311 13.56 23.32 0.73
C ARG A 311 14.31 24.18 1.73
N LYS A 312 13.79 24.27 2.96
CA LYS A 312 14.35 25.23 3.90
C LYS A 312 15.73 24.80 4.31
N GLU A 313 15.98 23.49 4.36
CA GLU A 313 17.31 22.99 4.72
C GLU A 313 18.19 22.87 3.49
N PRO A 314 19.25 23.70 3.39
CA PRO A 314 20.15 23.71 2.23
C PRO A 314 20.88 22.42 1.93
N ILE A 315 21.03 21.56 2.93
CA ILE A 315 21.58 20.23 2.64
C ILE A 315 20.56 19.44 1.82
N HIS A 316 19.29 19.63 2.12
CA HIS A 316 18.24 18.91 1.43
C HIS A 316 17.85 19.54 0.10
N ARG A 317 18.20 20.79 -0.09
CA ARG A 317 17.78 21.50 -1.30
C ARG A 317 18.61 21.10 -2.55
N VAL A 318 17.96 21.04 -3.73
CA VAL A 318 18.66 20.69 -4.98
C VAL A 318 19.76 21.68 -5.24
N SER A 319 20.84 21.20 -5.87
CA SER A 319 21.90 22.06 -6.37
C SER A 319 21.41 22.84 -7.60
N ALA A 320 22.23 23.76 -8.11
CA ALA A 320 21.85 24.59 -9.27
C ALA A 320 21.83 23.77 -10.54
N ALA A 321 22.82 22.91 -10.69
CA ALA A 321 22.91 22.00 -11.83
C ALA A 321 21.74 21.03 -11.85
N GLU A 322 21.52 20.38 -10.73
CA GLU A 322 20.37 19.51 -10.53
C GLU A 322 19.07 20.25 -10.88
N LEU A 323 18.81 21.41 -10.29
CA LEU A 323 17.56 22.09 -10.57
C LEU A 323 17.44 22.38 -12.06
N GLY A 324 18.56 22.77 -12.67
CA GLY A 324 18.59 23.15 -14.09
C GLY A 324 18.02 22.04 -14.96
N GLY A 325 18.46 20.81 -14.67
CA GLY A 325 17.91 19.62 -15.32
C GLY A 325 16.40 19.56 -15.18
N LYS A 326 15.89 19.69 -13.96
CA LYS A 326 14.45 19.73 -13.72
C LYS A 326 13.71 20.80 -14.55
N VAL A 327 14.30 21.97 -14.75
CA VAL A 327 13.53 23.00 -15.46
C VAL A 327 13.56 22.74 -16.96
N ASN A 328 14.67 22.18 -17.47
CA ASN A 328 14.77 21.85 -18.89
C ASN A 328 13.77 20.75 -19.20
N ARG A 329 13.55 19.87 -18.23
CA ARG A 329 12.51 18.90 -18.36
C ARG A 329 11.14 19.56 -18.30
N ALA A 330 10.94 20.50 -17.37
CA ALA A 330 9.63 21.15 -17.27
C ALA A 330 9.36 21.96 -18.51
N LEU A 331 10.43 22.41 -19.17
CA LEU A 331 10.26 23.15 -20.42
C LEU A 331 9.78 22.23 -21.56
N GLN A 332 10.30 20.99 -21.61
CA GLN A 332 9.78 19.96 -22.52
C GLN A 332 8.28 19.80 -22.37
N GLN A 333 7.90 19.39 -21.16
CA GLN A 333 6.54 18.98 -20.83
C GLN A 333 5.49 20.07 -21.07
N VAL A 334 5.90 21.33 -20.93
CA VAL A 334 4.99 22.43 -21.13
C VAL A 334 4.93 22.76 -22.63
N GLY A 335 5.83 22.15 -23.40
CA GLY A 335 5.81 22.21 -24.86
C GLY A 335 6.84 23.10 -25.51
N GLY A 336 8.04 23.18 -24.94
CA GLY A 336 9.09 24.08 -25.43
C GLY A 336 8.83 25.59 -25.25
N LEU A 337 9.83 26.38 -25.68
CA LEU A 337 9.71 27.83 -25.65
C LEU A 337 8.93 28.35 -26.85
N LYS A 338 7.69 28.72 -26.64
CA LYS A 338 6.80 29.06 -27.72
C LYS A 338 6.47 30.52 -27.71
N SER A 339 6.03 31.06 -26.55
CA SER A 339 5.54 32.45 -26.44
C SER A 339 6.64 33.42 -26.84
N PRO A 340 6.30 34.50 -27.56
CA PRO A 340 7.29 35.54 -27.87
C PRO A 340 7.74 36.20 -26.58
N TRP A 341 8.81 36.97 -26.61
CA TRP A 341 9.24 37.54 -25.33
C TRP A 341 8.47 38.79 -24.86
N ARG A 342 7.67 39.40 -25.73
CA ARG A 342 7.06 40.67 -25.40
C ARG A 342 5.57 40.76 -25.67
N GLY A 343 4.88 39.63 -25.65
CA GLY A 343 3.50 39.59 -26.11
C GLY A 343 2.47 40.31 -25.25
N GLU A 344 1.30 39.70 -25.12
CA GLU A 344 0.23 40.29 -24.34
C GLU A 344 0.66 40.59 -22.91
N TYR A 345 0.19 41.69 -22.37
CA TYR A 345 0.22 41.88 -20.93
C TYR A 345 -0.57 40.73 -20.32
N LYS A 346 -0.12 40.28 -19.15
CA LYS A 346 -0.79 39.23 -18.40
C LYS A 346 -1.08 39.80 -17.04
N GLU A 347 -2.29 39.61 -16.58
CA GLU A 347 -2.74 40.17 -15.34
C GLU A 347 -1.89 39.54 -14.26
N PRO A 348 -1.28 40.36 -13.39
CA PRO A 348 -0.65 39.82 -12.20
C PRO A 348 -1.68 39.18 -11.32
N ARG A 349 -1.22 38.24 -10.50
CA ARG A 349 -2.08 37.52 -9.61
C ARG A 349 -2.47 38.47 -8.45
N HIS A 350 -3.74 38.44 -8.04
CA HIS A 350 -4.27 39.38 -7.03
C HIS A 350 -4.15 38.80 -5.60
N PRO A 351 -4.18 39.68 -4.58
CA PRO A 351 -4.26 39.23 -3.19
C PRO A 351 -5.70 39.03 -2.74
N PHE B 7 13.31 -5.92 -21.10
CA PHE B 7 14.39 -5.51 -20.15
C PHE B 7 13.96 -4.45 -19.14
N SER B 8 13.42 -3.33 -19.64
CA SER B 8 13.28 -2.10 -18.86
C SER B 8 13.67 -2.24 -17.37
N VAL B 9 14.94 -1.94 -17.08
CA VAL B 9 15.55 -2.00 -15.73
C VAL B 9 14.72 -2.66 -14.62
N GLU B 10 13.50 -2.19 -14.48
CA GLU B 10 12.50 -2.71 -13.56
C GLU B 10 12.28 -4.20 -13.72
N GLU B 11 12.37 -4.70 -14.95
CA GLU B 11 12.18 -6.12 -15.20
C GLU B 11 13.38 -6.97 -14.77
N TYR B 12 14.60 -6.47 -14.91
CA TYR B 12 15.75 -7.13 -14.25
C TYR B 12 15.61 -7.32 -12.75
N LEU B 13 15.12 -6.28 -12.06
CA LEU B 13 15.01 -6.32 -10.62
C LEU B 13 13.95 -7.32 -10.21
N VAL B 14 12.78 -7.21 -10.82
CA VAL B 14 11.70 -8.13 -10.53
C VAL B 14 12.24 -9.53 -10.76
N HIS B 15 12.85 -9.71 -11.92
CA HIS B 15 13.34 -10.99 -12.35
C HIS B 15 14.25 -11.57 -11.29
N ALA B 16 15.04 -10.71 -10.65
CA ALA B 16 15.93 -11.12 -9.54
C ALA B 16 15.19 -11.64 -8.31
N LEU B 17 14.06 -11.02 -7.97
CA LEU B 17 13.23 -11.48 -6.84
C LEU B 17 12.51 -12.82 -7.06
N GLN B 18 12.32 -13.23 -8.32
CA GLN B 18 11.49 -14.41 -8.58
C GLN B 18 12.17 -15.71 -8.25
N GLY B 19 11.36 -16.75 -8.16
CA GLY B 19 11.82 -18.05 -7.75
C GLY B 19 12.30 -18.19 -6.31
N SER B 20 12.15 -17.19 -5.47
CA SER B 20 12.61 -17.36 -4.09
C SER B 20 11.98 -16.36 -3.17
N VAL B 21 12.07 -16.62 -1.89
CA VAL B 21 11.47 -15.70 -0.98
C VAL B 21 12.64 -15.18 -0.18
N SER B 22 12.64 -13.87 0.05
CA SER B 22 13.76 -13.18 0.67
C SER B 22 13.28 -12.13 1.68
N SER B 23 14.19 -11.71 2.56
CA SER B 23 13.92 -10.64 3.49
C SER B 23 14.19 -9.36 2.73
N GLY B 24 13.25 -8.44 2.76
CA GLY B 24 13.27 -7.35 1.80
C GLY B 24 12.36 -6.22 2.20
N GLN B 25 12.18 -5.28 1.30
CA GLN B 25 11.40 -4.09 1.59
C GLN B 25 10.05 -4.15 0.88
N ALA B 26 9.13 -3.32 1.37
CA ALA B 26 7.81 -3.24 0.78
C ALA B 26 7.90 -3.05 -0.70
N HIS B 27 8.71 -2.07 -1.15
CA HIS B 27 8.77 -1.68 -2.58
C HIS B 27 8.96 -2.90 -3.48
N SER B 28 9.88 -3.78 -3.09
CA SER B 28 10.16 -5.04 -3.76
C SER B 28 8.94 -5.95 -3.82
N LEU B 29 8.33 -6.17 -2.64
CA LEU B 29 7.18 -7.04 -2.50
C LEU B 29 6.14 -6.65 -3.48
N THR B 30 5.88 -5.36 -3.46
CA THR B 30 4.81 -4.72 -4.21
C THR B 30 5.07 -4.91 -5.69
N SER B 31 6.34 -4.90 -6.06
CA SER B 31 6.76 -5.12 -7.44
C SER B 31 6.51 -6.56 -7.87
N LEU B 32 7.00 -7.52 -7.07
CA LEU B 32 6.70 -8.94 -7.29
C LEU B 32 5.17 -9.11 -7.40
N ALA B 33 4.46 -8.60 -6.40
CA ALA B 33 3.01 -8.75 -6.35
C ALA B 33 2.35 -8.47 -7.65
N LYS B 34 2.92 -7.55 -8.40
CA LYS B 34 2.31 -7.21 -9.67
C LYS B 34 2.44 -8.32 -10.70
N THR B 35 3.47 -9.15 -10.60
CA THR B 35 3.60 -10.30 -11.51
C THR B 35 2.57 -11.37 -11.16
N TRP B 36 2.17 -11.44 -9.89
CA TRP B 36 1.16 -12.40 -9.46
C TRP B 36 -0.22 -12.06 -9.95
N ALA B 37 -0.49 -10.77 -10.11
CA ALA B 37 -1.80 -10.30 -10.58
C ALA B 37 -1.96 -10.51 -12.08
N ALA B 38 -0.90 -10.17 -12.82
CA ALA B 38 -0.89 -10.30 -14.31
C ALA B 38 -1.32 -11.68 -14.82
N ARG B 39 -0.77 -12.72 -14.20
CA ARG B 39 -1.10 -14.11 -14.52
C ARG B 39 -2.55 -14.47 -14.14
N THR B 50 7.48 -27.05 -8.55
CA THR B 50 7.52 -25.99 -7.55
C THR B 50 6.21 -25.18 -7.46
N GLU B 51 5.43 -25.19 -8.57
CA GLU B 51 4.56 -24.05 -8.98
C GLU B 51 5.02 -22.88 -8.09
N ASP B 52 6.17 -22.34 -8.48
CA ASP B 52 7.14 -21.70 -7.56
C ASP B 52 6.74 -21.24 -6.15
N ASN B 53 7.75 -21.10 -5.31
CA ASN B 53 7.62 -20.60 -3.96
C ASN B 53 8.43 -19.31 -3.93
N GLU B 54 7.76 -18.19 -3.73
CA GLU B 54 8.40 -16.92 -3.88
C GLU B 54 7.64 -15.82 -3.16
N GLY B 55 8.33 -14.76 -2.79
CA GLY B 55 7.71 -13.74 -1.97
C GLY B 55 8.75 -12.94 -1.24
N VAL B 56 8.32 -11.95 -0.48
CA VAL B 56 9.27 -11.22 0.32
C VAL B 56 8.68 -10.93 1.68
N LEU B 57 9.55 -11.05 2.68
CA LEU B 57 9.21 -10.88 4.07
C LEU B 57 9.83 -9.60 4.59
N LEU B 58 9.05 -8.89 5.40
CA LEU B 58 9.41 -7.56 5.89
C LEU B 58 9.81 -7.51 7.38
N THR B 59 9.81 -8.62 8.13
CA THR B 59 10.36 -8.65 9.50
C THR B 59 11.40 -9.72 9.56
N GLU B 60 12.30 -9.59 10.51
CA GLU B 60 13.28 -10.64 10.75
C GLU B 60 12.59 -11.81 11.51
N LYS B 61 11.50 -11.48 12.22
CA LYS B 61 10.61 -12.44 12.90
C LYS B 61 10.00 -13.51 11.96
N LEU B 62 9.94 -13.21 10.67
CA LEU B 62 9.49 -14.15 9.65
C LEU B 62 10.62 -14.35 8.63
N LYS B 63 11.32 -15.48 8.72
CA LYS B 63 12.57 -15.66 8.03
C LYS B 63 12.50 -16.85 7.07
N PRO B 64 12.90 -16.63 5.82
CA PRO B 64 12.98 -17.72 4.87
C PRO B 64 14.18 -18.60 5.20
N VAL B 65 14.19 -19.83 4.69
CA VAL B 65 15.34 -20.73 4.84
C VAL B 65 15.69 -21.26 3.47
N ASP B 66 16.97 -21.17 3.12
CA ASP B 66 17.47 -21.53 1.82
C ASP B 66 16.50 -21.24 0.70
N TYR B 67 16.11 -19.97 0.60
CA TYR B 67 15.38 -19.46 -0.58
C TYR B 67 13.89 -19.69 -0.55
N GLU B 68 13.40 -20.36 0.50
CA GLU B 68 12.02 -20.85 0.57
C GLU B 68 11.28 -20.42 1.83
N TYR B 69 9.95 -20.51 1.76
CA TYR B 69 9.04 -20.35 2.90
C TYR B 69 7.73 -21.11 2.57
N ARG B 70 7.65 -22.35 3.05
CA ARG B 70 6.64 -23.32 2.67
C ARG B 70 5.81 -23.68 3.86
N GLU B 71 4.51 -23.74 3.63
CA GLU B 71 3.59 -24.02 4.70
C GLU B 71 3.79 -25.44 5.24
N GLU B 72 3.63 -25.56 6.56
CA GLU B 72 3.86 -26.81 7.31
C GLU B 72 5.34 -27.12 7.48
N VAL B 73 6.21 -26.55 6.65
CA VAL B 73 7.66 -26.77 6.79
C VAL B 73 8.41 -25.69 7.57
N HIS B 74 8.42 -24.45 7.08
CA HIS B 74 9.04 -23.32 7.81
C HIS B 74 8.05 -22.49 8.65
N TRP B 75 6.76 -22.61 8.30
CA TRP B 75 5.68 -22.06 9.09
C TRP B 75 4.51 -23.02 9.12
N ALA B 76 3.57 -22.71 10.00
CA ALA B 76 2.43 -23.56 10.26
C ALA B 76 1.33 -22.72 10.92
N THR B 77 0.10 -23.19 10.71
CA THR B 77 -1.10 -22.56 11.25
C THR B 77 -1.47 -23.27 12.57
N HIS B 78 -2.05 -22.52 13.48
CA HIS B 78 -2.35 -23.11 14.75
C HIS B 78 -3.65 -23.86 14.71
N GLN B 79 -3.53 -25.16 14.95
CA GLN B 79 -4.65 -26.07 15.08
C GLN B 79 -4.89 -26.13 16.59
N LEU B 80 -5.99 -25.52 17.06
CA LEU B 80 -6.97 -24.92 16.19
C LEU B 80 -7.51 -23.66 16.85
N ARG B 81 -6.86 -22.54 16.57
CA ARG B 81 -7.44 -21.21 16.78
C ARG B 81 -8.31 -20.92 15.52
N LEU B 82 -9.41 -20.19 15.72
CA LEU B 82 -10.48 -20.06 14.73
C LEU B 82 -10.03 -19.43 13.43
N GLY B 83 -10.54 -19.96 12.33
CA GLY B 83 -10.47 -19.28 11.06
C GLY B 83 -11.39 -18.07 11.14
N ARG B 84 -10.83 -16.90 10.86
CA ARG B 84 -11.56 -15.65 10.91
C ARG B 84 -11.67 -15.13 9.49
N GLY B 85 -12.49 -14.11 9.28
CA GLY B 85 -12.75 -13.59 7.94
C GLY B 85 -13.91 -14.26 7.21
N SER B 86 -14.44 -13.57 6.21
CA SER B 86 -15.65 -14.01 5.51
C SER B 86 -15.57 -15.40 4.90
N PHE B 87 -14.38 -15.79 4.45
CA PHE B 87 -14.18 -17.05 3.78
C PHE B 87 -13.37 -17.94 4.72
N GLY B 88 -13.31 -17.58 5.99
CA GLY B 88 -12.50 -18.35 6.94
C GLY B 88 -11.08 -18.53 6.44
N GLU B 89 -10.61 -17.52 5.72
CA GLU B 89 -9.32 -17.56 5.07
C GLU B 89 -8.21 -16.93 5.89
N VAL B 90 -8.52 -16.42 7.08
CA VAL B 90 -7.52 -15.80 7.95
C VAL B 90 -7.25 -16.69 9.17
N HIS B 91 -5.98 -16.93 9.44
CA HIS B 91 -5.56 -17.82 10.50
C HIS B 91 -4.39 -17.31 11.33
N ARG B 92 -4.36 -17.73 12.58
CA ARG B 92 -3.23 -17.53 13.43
C ARG B 92 -2.20 -18.54 12.94
N MET B 93 -0.97 -18.08 12.77
CA MET B 93 0.13 -18.92 12.32
C MET B 93 1.38 -18.66 13.16
N GLU B 94 2.46 -19.43 12.94
CA GLU B 94 3.77 -19.15 13.60
C GLU B 94 4.98 -19.64 12.80
N ASP B 95 6.08 -18.90 12.86
CA ASP B 95 7.31 -19.27 12.18
C ASP B 95 7.93 -20.36 13.03
N LYS B 96 8.13 -21.55 12.45
CA LYS B 96 8.69 -22.71 13.17
C LYS B 96 10.08 -22.44 13.69
N GLN B 97 10.82 -21.59 12.98
CA GLN B 97 12.20 -21.22 13.34
C GLN B 97 12.35 -20.15 14.42
N THR B 98 11.34 -19.29 14.55
CA THR B 98 11.42 -18.08 15.36
C THR B 98 10.46 -18.08 16.53
N GLY B 99 9.37 -18.82 16.35
CA GLY B 99 8.31 -18.85 17.33
C GLY B 99 7.52 -17.57 17.35
N PHE B 100 7.72 -16.70 16.38
CA PHE B 100 6.93 -15.48 16.26
C PHE B 100 5.58 -15.86 15.71
N GLN B 101 4.54 -15.23 16.23
CA GLN B 101 3.16 -15.54 15.82
C GLN B 101 2.48 -14.34 15.20
N CYS B 102 1.86 -14.56 14.05
CA CYS B 102 1.13 -13.49 13.38
C CYS B 102 -0.02 -14.08 12.56
N ALA B 103 -0.62 -13.30 11.68
CA ALA B 103 -1.78 -13.74 10.96
C ALA B 103 -1.47 -13.97 9.49
N VAL B 104 -2.10 -14.97 8.89
CA VAL B 104 -2.09 -15.17 7.43
C VAL B 104 -3.49 -14.99 6.90
N LYS B 105 -3.59 -14.39 5.73
CA LYS B 105 -4.80 -14.41 4.97
C LYS B 105 -4.44 -15.12 3.73
N LYS B 106 -5.17 -16.17 3.37
CA LYS B 106 -4.94 -16.87 2.12
C LYS B 106 -5.78 -16.23 1.04
N VAL B 107 -5.17 -16.00 -0.12
CA VAL B 107 -5.87 -15.53 -1.31
C VAL B 107 -5.52 -16.45 -2.44
N ARG B 108 -6.50 -16.99 -3.13
CA ARG B 108 -6.20 -17.86 -4.27
C ARG B 108 -5.44 -17.08 -5.33
N LEU B 109 -4.42 -17.71 -5.91
CA LEU B 109 -3.55 -17.04 -6.90
C LEU B 109 -4.33 -16.51 -8.10
N GLU B 110 -5.29 -17.32 -8.56
CA GLU B 110 -5.97 -17.05 -9.81
C GLU B 110 -6.85 -15.78 -9.76
N VAL B 111 -7.09 -15.24 -8.57
CA VAL B 111 -7.87 -14.03 -8.44
C VAL B 111 -7.09 -12.90 -7.74
N PHE B 112 -5.80 -13.12 -7.50
CA PHE B 112 -5.01 -12.20 -6.70
C PHE B 112 -4.90 -10.82 -7.32
N ARG B 113 -5.11 -9.81 -6.49
CA ARG B 113 -4.92 -8.42 -6.91
C ARG B 113 -3.78 -7.77 -6.10
N ALA B 114 -2.75 -7.28 -6.79
CA ALA B 114 -1.60 -6.63 -6.16
C ALA B 114 -1.99 -5.39 -5.39
N GLU B 115 -3.11 -4.78 -5.74
CA GLU B 115 -3.58 -3.64 -4.96
C GLU B 115 -3.82 -3.95 -3.49
N GLU B 116 -4.15 -5.20 -3.18
CA GLU B 116 -4.41 -5.56 -1.80
C GLU B 116 -3.15 -5.32 -0.99
N LEU B 117 -1.99 -5.54 -1.59
CA LEU B 117 -0.68 -5.27 -0.96
C LEU B 117 -0.24 -3.81 -1.05
N MET B 118 -0.38 -3.20 -2.21
CA MET B 118 -0.10 -1.78 -2.38
C MET B 118 -0.84 -0.93 -1.35
N ALA B 119 -2.00 -1.37 -0.91
CA ALA B 119 -2.75 -0.66 0.11
C ALA B 119 -2.18 -0.69 1.53
N CYS B 120 -1.42 -1.71 1.90
CA CYS B 120 -0.91 -1.75 3.28
C CYS B 120 0.61 -1.96 3.38
N ALA B 121 1.33 -1.71 2.29
CA ALA B 121 2.74 -2.05 2.17
C ALA B 121 3.60 -0.95 2.72
N GLY B 122 4.48 -1.30 3.65
CA GLY B 122 5.38 -0.33 4.23
C GLY B 122 4.64 0.85 4.84
N LEU B 123 4.84 2.02 4.25
CA LEU B 123 4.50 3.29 4.91
C LEU B 123 3.19 3.16 5.68
N THR B 124 3.26 3.59 6.94
CA THR B 124 2.43 3.00 7.98
C THR B 124 1.66 4.03 8.78
N SER B 125 0.35 4.10 8.52
CA SER B 125 -0.59 4.76 9.40
C SER B 125 -0.97 3.75 10.44
N PRO B 126 -1.04 4.18 11.72
CA PRO B 126 -1.43 3.23 12.77
C PRO B 126 -2.89 2.78 12.62
N ARG B 127 -3.49 3.16 11.50
CA ARG B 127 -4.87 2.81 11.20
C ARG B 127 -4.99 1.78 10.08
N ILE B 128 -3.83 1.35 9.57
CA ILE B 128 -3.75 0.29 8.58
C ILE B 128 -3.06 -0.85 9.30
N VAL B 129 -3.55 -2.07 9.13
CA VAL B 129 -2.84 -3.21 9.68
C VAL B 129 -1.42 -3.21 9.15
N PRO B 130 -0.49 -3.55 10.04
CA PRO B 130 0.82 -3.68 9.49
C PRO B 130 0.91 -4.93 8.63
N LEU B 131 1.58 -4.79 7.50
CA LEU B 131 1.91 -5.91 6.63
C LEU B 131 3.27 -6.53 6.94
N TYR B 132 3.31 -7.82 7.27
CA TYR B 132 4.59 -8.47 7.60
C TYR B 132 5.25 -9.18 6.44
N GLY B 133 4.50 -9.44 5.37
CA GLY B 133 5.07 -10.02 4.14
C GLY B 133 4.02 -10.67 3.25
N ALA B 134 4.48 -11.39 2.22
CA ALA B 134 3.59 -12.23 1.40
C ALA B 134 4.38 -13.27 0.64
N VAL B 135 3.99 -14.54 0.78
CA VAL B 135 4.56 -15.54 -0.11
C VAL B 135 3.51 -16.37 -0.86
N ARG B 136 3.88 -16.63 -2.11
CA ARG B 136 3.15 -17.47 -3.01
C ARG B 136 3.66 -18.88 -2.89
N GLU B 137 2.74 -19.82 -2.89
CA GLU B 137 3.09 -21.21 -2.86
C GLU B 137 1.96 -21.97 -3.55
N GLY B 138 2.25 -22.48 -4.74
CA GLY B 138 1.27 -23.28 -5.47
C GLY B 138 0.12 -22.42 -5.93
N PRO B 139 -1.10 -22.82 -5.56
CA PRO B 139 -2.28 -21.99 -5.82
C PRO B 139 -2.53 -20.82 -4.83
N TRP B 140 -1.67 -20.65 -3.84
CA TRP B 140 -1.96 -19.75 -2.74
C TRP B 140 -1.00 -18.57 -2.68
N VAL B 141 -1.57 -17.38 -2.46
CA VAL B 141 -0.82 -16.29 -1.92
C VAL B 141 -1.18 -16.21 -0.44
N ASN B 142 -0.15 -16.16 0.38
CA ASN B 142 -0.27 -16.11 1.80
C ASN B 142 0.15 -14.75 2.28
N ILE B 143 -0.75 -13.99 2.87
CA ILE B 143 -0.39 -12.63 3.26
C ILE B 143 -0.25 -12.55 4.76
N PHE B 144 0.94 -12.26 5.24
CA PHE B 144 1.22 -12.23 6.67
C PHE B 144 1.10 -10.82 7.23
N MET B 145 0.62 -10.72 8.47
CA MET B 145 0.43 -9.41 9.10
C MET B 145 0.35 -9.51 10.60
N GLU B 146 0.51 -8.35 11.25
CA GLU B 146 0.44 -8.28 12.70
C GLU B 146 -0.91 -8.77 13.10
N LEU B 147 -0.93 -9.65 14.08
CA LEU B 147 -2.14 -10.23 14.64
C LEU B 147 -2.71 -9.21 15.64
N LEU B 148 -3.91 -8.73 15.37
CA LEU B 148 -4.62 -7.82 16.25
C LEU B 148 -5.59 -8.66 17.09
N GLU B 149 -5.21 -8.84 18.35
CA GLU B 149 -5.88 -9.76 19.25
C GLU B 149 -7.29 -9.29 19.57
N GLY B 150 -7.59 -8.00 19.45
CA GLY B 150 -8.85 -7.47 19.95
C GLY B 150 -10.10 -7.93 19.24
N GLY B 151 -9.93 -8.55 18.06
CA GLY B 151 -11.07 -8.97 17.22
C GLY B 151 -11.47 -7.94 16.16
N SER B 152 -12.42 -8.30 15.30
CA SER B 152 -12.94 -7.38 14.29
C SER B 152 -14.00 -6.51 14.93
N LEU B 153 -14.32 -5.38 14.29
CA LEU B 153 -15.36 -4.48 14.77
C LEU B 153 -16.74 -5.14 14.56
N GLY B 154 -16.88 -5.97 13.54
CA GLY B 154 -18.13 -6.69 13.37
C GLY B 154 -18.43 -7.60 14.56
N GLN B 155 -17.43 -8.34 15.02
CA GLN B 155 -17.63 -9.21 16.15
C GLN B 155 -18.11 -8.35 17.32
N LEU B 156 -17.42 -7.24 17.57
CA LEU B 156 -17.84 -6.33 18.63
C LEU B 156 -19.34 -6.11 18.58
N VAL B 157 -19.88 -5.66 17.46
CA VAL B 157 -21.30 -5.32 17.44
C VAL B 157 -22.17 -6.59 17.56
N LYS B 158 -21.72 -7.71 17.01
CA LYS B 158 -22.45 -8.96 17.24
C LYS B 158 -22.48 -9.22 18.74
N GLU B 159 -21.31 -9.32 19.36
CA GLU B 159 -21.19 -9.47 20.82
C GLU B 159 -22.02 -8.46 21.61
N GLN B 160 -22.01 -7.21 21.19
CA GLN B 160 -22.66 -6.13 21.94
C GLN B 160 -24.07 -5.82 21.45
N GLY B 161 -24.56 -6.56 20.47
CA GLY B 161 -25.87 -6.28 19.88
C GLY B 161 -25.85 -5.00 19.06
N CYS B 162 -25.40 -3.91 19.67
CA CYS B 162 -25.03 -2.72 18.95
C CYS B 162 -24.25 -1.75 19.87
N LEU B 163 -23.66 -0.72 19.30
CA LEU B 163 -22.72 0.08 20.06
C LEU B 163 -23.27 1.42 20.56
N PRO B 164 -22.83 1.83 21.76
CA PRO B 164 -23.13 3.19 22.17
C PRO B 164 -22.76 4.09 21.04
N GLU B 165 -23.41 5.24 20.98
CA GLU B 165 -23.07 6.27 20.04
C GLU B 165 -21.61 6.76 20.16
N ASP B 166 -21.08 6.92 21.37
CA ASP B 166 -19.73 7.49 21.50
C ASP B 166 -18.62 6.54 21.07
N ARG B 167 -18.76 5.24 21.35
CA ARG B 167 -17.88 4.22 20.77
C ARG B 167 -18.01 4.20 19.26
N ALA B 168 -19.25 4.13 18.78
CA ALA B 168 -19.50 4.16 17.34
C ALA B 168 -18.73 5.29 16.66
N LEU B 169 -18.90 6.50 17.19
CA LEU B 169 -18.26 7.65 16.63
C LEU B 169 -16.75 7.53 16.65
N TYR B 170 -16.24 6.95 17.73
CA TYR B 170 -14.80 6.92 17.98
C TYR B 170 -14.09 6.01 17.00
N TYR B 171 -14.75 4.89 16.70
CA TYR B 171 -14.27 3.92 15.74
C TYR B 171 -14.46 4.39 14.30
N LEU B 172 -15.56 5.06 14.02
CA LEU B 172 -15.73 5.66 12.69
C LEU B 172 -14.64 6.68 12.44
N GLY B 173 -14.27 7.43 13.46
CA GLY B 173 -13.25 8.46 13.30
C GLY B 173 -11.90 7.86 13.03
N GLN B 174 -11.68 6.66 13.54
CA GLN B 174 -10.39 6.06 13.41
C GLN B 174 -10.24 5.44 12.04
N ALA B 175 -11.29 4.70 11.65
CA ALA B 175 -11.44 4.21 10.30
C ALA B 175 -11.29 5.33 9.25
N LEU B 176 -11.86 6.51 9.47
CA LEU B 176 -11.69 7.63 8.54
C LEU B 176 -10.24 8.15 8.49
N GLU B 177 -9.55 8.19 9.63
CA GLU B 177 -8.12 8.53 9.65
C GLU B 177 -7.40 7.60 8.71
N GLY B 178 -7.78 6.33 8.73
CA GLY B 178 -7.22 5.33 7.83
C GLY B 178 -7.55 5.60 6.38
N LEU B 179 -8.78 5.98 6.14
CA LEU B 179 -9.22 6.28 4.78
C LEU B 179 -8.58 7.55 4.24
N GLU B 180 -8.29 8.50 5.14
CA GLU B 180 -7.63 9.78 4.80
C GLU B 180 -6.22 9.47 4.28
N TYR B 181 -5.54 8.58 4.98
CA TYR B 181 -4.21 8.16 4.62
C TYR B 181 -4.22 7.41 3.30
N LEU B 182 -5.10 6.41 3.16
CA LEU B 182 -5.22 5.67 1.89
C LEU B 182 -5.57 6.58 0.72
N HIS B 183 -6.58 7.41 0.91
CA HIS B 183 -7.00 8.34 -0.10
C HIS B 183 -5.88 9.31 -0.58
N SER B 184 -5.03 9.80 0.34
CA SER B 184 -3.93 10.69 -0.04
C SER B 184 -2.83 9.90 -0.74
N ARG B 185 -2.69 8.61 -0.38
CA ARG B 185 -1.92 7.62 -1.17
C ARG B 185 -2.61 7.24 -2.49
N ARG B 186 -3.75 7.83 -2.79
CA ARG B 186 -4.49 7.64 -4.04
C ARG B 186 -5.00 6.20 -4.29
N ILE B 187 -5.26 5.52 -3.19
CA ILE B 187 -5.91 4.23 -3.18
C ILE B 187 -7.31 4.45 -2.61
N LEU B 188 -8.26 3.68 -3.09
CA LEU B 188 -9.59 3.66 -2.50
C LEU B 188 -9.76 2.26 -1.94
N HIS B 189 -10.43 2.12 -0.78
CA HIS B 189 -10.46 0.83 -0.01
C HIS B 189 -11.36 -0.21 -0.66
N GLY B 190 -12.61 0.12 -0.84
CA GLY B 190 -13.51 -0.68 -1.65
C GLY B 190 -14.60 -1.48 -0.98
N ASP B 191 -14.37 -1.88 0.27
CA ASP B 191 -15.33 -2.64 1.05
C ASP B 191 -15.20 -2.31 2.55
N VAL B 192 -15.41 -1.04 2.89
CA VAL B 192 -15.26 -0.61 4.28
C VAL B 192 -16.56 -0.88 5.00
N LYS B 193 -16.41 -1.67 6.06
CA LYS B 193 -17.48 -2.11 6.93
C LYS B 193 -16.85 -2.64 8.24
N ALA B 194 -17.68 -2.97 9.22
CA ALA B 194 -17.18 -3.35 10.53
C ALA B 194 -16.29 -4.58 10.49
N ASP B 195 -16.64 -5.54 9.66
CA ASP B 195 -15.88 -6.79 9.60
C ASP B 195 -14.48 -6.55 9.03
N ASN B 196 -14.29 -5.41 8.37
CA ASN B 196 -13.00 -5.06 7.81
C ASN B 196 -12.26 -3.99 8.57
N VAL B 197 -12.63 -3.75 9.84
CA VAL B 197 -11.73 -3.08 10.77
C VAL B 197 -11.51 -3.94 12.03
N LEU B 198 -10.24 -3.89 12.45
CA LEU B 198 -9.68 -4.66 13.54
C LEU B 198 -9.35 -3.77 14.71
N LEU B 199 -9.53 -4.32 15.92
CA LEU B 199 -9.29 -3.62 17.17
C LEU B 199 -8.05 -4.15 17.90
N SER B 200 -7.37 -3.29 18.65
CA SER B 200 -6.22 -3.69 19.50
C SER B 200 -6.69 -4.43 20.72
N SER B 201 -5.78 -4.98 21.50
CA SER B 201 -6.19 -5.81 22.66
C SER B 201 -7.20 -5.11 23.57
N ASP B 202 -6.92 -3.85 23.92
CA ASP B 202 -7.81 -3.07 24.78
C ASP B 202 -8.92 -2.34 24.00
N GLY B 203 -9.05 -2.60 22.71
CA GLY B 203 -10.13 -2.02 21.94
C GLY B 203 -10.08 -0.51 21.88
N SER B 204 -8.88 0.06 21.97
CA SER B 204 -8.66 1.49 21.87
C SER B 204 -8.13 1.92 20.50
N HIS B 205 -7.65 0.95 19.73
CA HIS B 205 -7.06 1.22 18.44
C HIS B 205 -7.68 0.33 17.39
N ALA B 206 -8.20 0.96 16.35
CA ALA B 206 -8.82 0.27 15.25
C ALA B 206 -7.96 0.47 14.02
N ALA B 207 -7.86 -0.57 13.20
CA ALA B 207 -7.12 -0.51 11.97
C ALA B 207 -7.96 -1.09 10.87
N LEU B 208 -7.71 -0.66 9.64
CA LEU B 208 -8.38 -1.29 8.50
C LEU B 208 -7.62 -2.51 8.06
N CYS B 209 -8.37 -3.39 7.41
CA CYS B 209 -7.83 -4.62 6.84
C CYS B 209 -8.67 -4.97 5.63
N ASP B 210 -8.39 -6.12 5.03
CA ASP B 210 -9.10 -6.65 3.86
C ASP B 210 -9.19 -5.66 2.68
N PHE B 211 -8.03 -5.36 2.12
CA PHE B 211 -7.90 -4.41 1.01
C PHE B 211 -8.05 -5.17 -0.30
N GLY B 212 -8.86 -6.22 -0.26
CA GLY B 212 -8.95 -7.13 -1.40
C GLY B 212 -9.60 -6.50 -2.60
N HIS B 213 -10.41 -5.47 -2.35
CA HIS B 213 -11.19 -4.78 -3.36
C HIS B 213 -10.58 -3.43 -3.69
N ALA B 214 -9.40 -3.15 -3.15
CA ALA B 214 -8.77 -1.86 -3.35
C ALA B 214 -8.53 -1.52 -4.82
N VAL B 215 -8.54 -0.22 -5.12
CA VAL B 215 -8.24 0.26 -6.45
C VAL B 215 -7.47 1.59 -6.39
N CYS B 216 -6.51 1.76 -7.31
CA CYS B 216 -5.75 3.00 -7.46
C CYS B 216 -6.47 4.02 -8.35
N LEU B 217 -6.37 5.30 -8.00
CA LEU B 217 -6.83 6.39 -8.90
C LEU B 217 -5.64 6.90 -9.74
N GLN B 218 -5.92 7.79 -10.70
CA GLN B 218 -5.03 7.97 -11.86
C GLN B 218 -4.29 9.33 -11.84
N PRO B 219 -4.62 10.30 -12.73
CA PRO B 219 -4.35 11.65 -12.20
C PRO B 219 -5.63 12.08 -11.48
N ASP B 220 -6.63 12.50 -12.25
CA ASP B 220 -7.97 12.70 -11.75
C ASP B 220 -8.92 12.55 -12.93
N GLY B 221 -8.97 11.35 -13.47
CA GLY B 221 -10.14 10.91 -14.22
C GLY B 221 -11.14 10.58 -13.12
N LEU B 222 -11.87 9.48 -13.28
CA LEU B 222 -12.64 8.90 -12.20
C LEU B 222 -13.04 7.51 -12.70
N GLY B 223 -12.34 6.47 -12.25
CA GLY B 223 -12.59 5.13 -12.79
C GLY B 223 -13.92 4.60 -12.29
N LYS B 224 -14.73 4.03 -13.17
CA LYS B 224 -15.97 3.36 -12.75
C LYS B 224 -15.68 1.93 -12.31
N SER B 225 -15.87 1.65 -11.01
CA SER B 225 -15.56 0.33 -10.41
C SER B 225 -16.08 -0.88 -11.16
N LEU B 226 -17.37 -1.15 -11.02
CA LEU B 226 -17.98 -2.34 -11.62
C LEU B 226 -18.18 -2.12 -13.11
N LEU B 227 -17.93 -3.18 -13.89
CA LEU B 227 -17.76 -3.18 -15.35
C LEU B 227 -16.28 -3.31 -15.69
N THR B 228 -15.85 -4.57 -15.59
CA THR B 228 -14.46 -5.03 -15.50
C THR B 228 -14.57 -6.57 -15.65
N GLY B 229 -13.50 -7.34 -15.87
CA GLY B 229 -12.15 -7.03 -15.44
C GLY B 229 -12.09 -7.67 -14.08
N ASP B 230 -10.93 -7.57 -13.41
CA ASP B 230 -10.74 -8.21 -12.09
C ASP B 230 -11.88 -7.90 -11.09
N TYR B 231 -12.59 -6.78 -11.28
CA TYR B 231 -13.37 -6.20 -10.17
C TYR B 231 -14.62 -6.97 -9.71
N ILE B 232 -14.46 -7.45 -8.47
CA ILE B 232 -15.52 -7.88 -7.61
C ILE B 232 -15.80 -6.72 -6.66
N PRO B 233 -17.06 -6.27 -6.61
CA PRO B 233 -17.40 -5.19 -5.70
C PRO B 233 -17.51 -5.64 -4.24
N GLY B 234 -17.79 -4.68 -3.36
CA GLY B 234 -17.81 -4.97 -1.93
C GLY B 234 -19.17 -5.41 -1.46
N THR B 235 -19.46 -5.09 -0.20
CA THR B 235 -20.66 -5.56 0.45
C THR B 235 -21.91 -4.83 -0.04
N GLU B 236 -22.81 -5.58 -0.70
CA GLU B 236 -24.03 -5.03 -1.35
C GLU B 236 -24.73 -3.96 -0.56
N THR B 237 -25.12 -4.33 0.64
CA THR B 237 -25.63 -3.42 1.64
C THR B 237 -24.91 -2.05 1.75
N HIS B 238 -23.57 -2.09 1.84
CA HIS B 238 -22.73 -0.91 2.11
C HIS B 238 -22.34 -0.07 0.86
N MET B 239 -22.74 -0.44 -0.35
CA MET B 239 -22.20 0.27 -1.50
C MET B 239 -22.96 1.54 -1.88
N ALA B 240 -22.21 2.46 -2.51
CA ALA B 240 -22.68 3.82 -2.76
C ALA B 240 -23.48 3.88 -4.05
N PRO B 241 -24.36 4.89 -4.19
CA PRO B 241 -25.21 4.89 -5.36
C PRO B 241 -24.36 4.83 -6.62
N GLU B 242 -23.44 5.77 -6.78
CA GLU B 242 -22.64 5.86 -8.01
C GLU B 242 -22.01 4.53 -8.43
N VAL B 243 -21.75 3.64 -7.47
CA VAL B 243 -21.23 2.31 -7.78
C VAL B 243 -22.33 1.53 -8.51
N VAL B 244 -23.51 1.59 -7.94
CA VAL B 244 -24.60 0.74 -8.33
C VAL B 244 -25.17 1.22 -9.69
N LEU B 245 -25.08 2.52 -9.94
CA LEU B 245 -25.60 3.13 -11.15
C LEU B 245 -24.70 2.90 -12.37
N GLY B 246 -23.45 2.54 -12.14
CA GLY B 246 -22.46 2.54 -13.21
C GLY B 246 -21.89 3.93 -13.48
N ARG B 247 -21.89 4.79 -12.47
CA ARG B 247 -21.25 6.08 -12.61
C ARG B 247 -19.76 5.99 -12.28
N SER B 248 -19.02 7.06 -12.52
CA SER B 248 -17.62 7.12 -12.12
C SER B 248 -17.51 7.17 -10.57
N CYS B 249 -16.54 6.42 -10.05
CA CYS B 249 -16.34 6.28 -8.61
C CYS B 249 -14.98 6.79 -8.18
N ASP B 250 -14.93 7.34 -6.98
CA ASP B 250 -13.69 7.88 -6.42
C ASP B 250 -13.59 7.52 -4.93
N ALA B 251 -12.64 8.14 -4.24
CA ALA B 251 -12.45 7.82 -2.85
C ALA B 251 -13.74 7.99 -2.07
N LYS B 252 -14.59 8.92 -2.52
CA LYS B 252 -15.86 9.23 -1.83
C LYS B 252 -16.71 7.99 -1.61
N VAL B 253 -16.55 6.98 -2.47
CA VAL B 253 -17.21 5.70 -2.27
C VAL B 253 -17.10 5.23 -0.81
N ASP B 254 -15.87 5.27 -0.28
CA ASP B 254 -15.59 4.75 1.07
C ASP B 254 -16.34 5.51 2.13
N VAL B 255 -16.48 6.83 1.98
CA VAL B 255 -17.11 7.59 3.09
C VAL B 255 -18.58 7.15 3.14
N TRP B 256 -19.17 6.88 1.99
CA TRP B 256 -20.53 6.36 1.98
C TRP B 256 -20.57 5.04 2.72
N SER B 257 -19.70 4.10 2.37
CA SER B 257 -19.68 2.84 3.09
C SER B 257 -19.48 3.00 4.58
N SER B 258 -18.59 3.93 4.95
CA SER B 258 -18.23 4.06 6.34
C SER B 258 -19.47 4.52 7.10
N CYS B 259 -20.21 5.47 6.51
CA CYS B 259 -21.50 5.87 7.07
C CYS B 259 -22.51 4.68 7.18
N CYS B 260 -22.46 3.71 6.28
CA CYS B 260 -23.31 2.51 6.51
C CYS B 260 -22.82 1.70 7.70
N MET B 261 -21.51 1.56 7.82
CA MET B 261 -20.86 0.92 8.97
C MET B 261 -21.30 1.60 10.27
N MET B 262 -21.42 2.93 10.23
CA MET B 262 -21.87 3.68 11.41
C MET B 262 -23.23 3.19 11.79
N LEU B 263 -24.11 3.15 10.80
CA LEU B 263 -25.49 2.69 11.00
C LEU B 263 -25.56 1.26 11.56
N HIS B 264 -24.70 0.39 11.02
CA HIS B 264 -24.60 -0.96 11.52
C HIS B 264 -24.17 -0.98 12.98
N MET B 265 -23.28 -0.07 13.37
CA MET B 265 -22.83 0.01 14.74
C MET B 265 -23.99 0.46 15.60
N LEU B 266 -24.69 1.50 15.16
CA LEU B 266 -25.69 2.12 16.02
C LEU B 266 -26.88 1.18 16.15
N ASN B 267 -27.37 0.66 15.04
CA ASN B 267 -28.58 -0.14 15.05
C ASN B 267 -28.34 -1.62 15.15
N GLY B 268 -27.13 -2.08 14.88
CA GLY B 268 -26.86 -3.49 15.07
C GLY B 268 -27.35 -4.38 13.96
N CYS B 269 -27.85 -3.75 12.89
CA CYS B 269 -28.14 -4.42 11.61
C CYS B 269 -27.64 -3.58 10.44
N HIS B 270 -27.35 -4.22 9.32
CA HIS B 270 -26.93 -3.48 8.14
C HIS B 270 -28.06 -2.56 7.71
N PRO B 271 -27.74 -1.51 6.94
CA PRO B 271 -28.85 -0.72 6.39
C PRO B 271 -29.61 -1.45 5.28
N TRP B 272 -30.79 -0.95 4.93
CA TRP B 272 -31.67 -1.59 3.95
C TRP B 272 -32.20 -2.98 4.37
N THR B 273 -31.34 -3.95 4.66
CA THR B 273 -31.79 -5.36 4.88
C THR B 273 -33.07 -5.50 5.71
N GLN B 274 -33.24 -4.68 6.74
CA GLN B 274 -34.49 -4.74 7.50
C GLN B 274 -35.68 -4.26 6.69
N PHE B 275 -35.49 -3.23 5.86
CA PHE B 275 -36.60 -2.55 5.14
C PHE B 275 -37.05 -3.23 3.84
N PHE B 276 -36.13 -3.95 3.16
CA PHE B 276 -36.41 -4.59 1.85
C PHE B 276 -35.71 -5.96 1.76
N ARG B 277 -36.26 -6.88 0.98
CA ARG B 277 -35.73 -8.27 0.95
C ARG B 277 -34.69 -8.52 -0.15
N GLY B 278 -34.77 -7.74 -1.24
CA GLY B 278 -33.72 -7.70 -2.28
C GLY B 278 -34.10 -8.34 -3.60
N PRO B 279 -33.33 -8.10 -4.69
CA PRO B 279 -32.13 -7.28 -4.96
C PRO B 279 -32.11 -5.83 -4.46
N LEU B 280 -31.13 -5.55 -3.59
CA LEU B 280 -31.07 -4.33 -2.77
C LEU B 280 -30.41 -3.19 -3.53
N CYS B 281 -29.37 -3.49 -4.30
CA CYS B 281 -28.66 -2.49 -5.10
C CYS B 281 -29.63 -1.56 -5.85
N LEU B 282 -30.70 -2.15 -6.35
CA LEU B 282 -31.70 -1.39 -7.10
C LEU B 282 -32.34 -0.31 -6.23
N LYS B 283 -32.48 -0.60 -4.94
CA LYS B 283 -33.03 0.37 -3.98
C LYS B 283 -32.01 1.44 -3.60
N ILE B 284 -30.73 1.07 -3.57
CA ILE B 284 -29.66 2.02 -3.30
C ILE B 284 -29.83 3.09 -4.37
N ALA B 285 -29.97 2.61 -5.60
CA ALA B 285 -30.16 3.46 -6.77
C ALA B 285 -31.45 4.24 -6.70
N SER B 286 -32.55 3.52 -6.46
CA SER B 286 -33.93 4.04 -6.61
C SER B 286 -34.48 4.82 -5.42
N GLU B 287 -34.03 4.50 -4.21
CA GLU B 287 -34.51 5.18 -3.00
C GLU B 287 -33.61 6.32 -2.59
N PRO B 288 -34.08 7.14 -1.64
CA PRO B 288 -33.20 8.22 -1.17
C PRO B 288 -32.15 7.63 -0.21
N PRO B 289 -31.21 8.47 0.28
CA PRO B 289 -30.25 7.87 1.19
C PRO B 289 -30.96 7.35 2.45
N PRO B 290 -30.49 6.23 2.99
CA PRO B 290 -31.11 5.61 4.16
C PRO B 290 -30.89 6.38 5.49
N VAL B 291 -30.94 7.71 5.47
CA VAL B 291 -30.83 8.54 6.71
C VAL B 291 -32.05 8.35 7.61
N ARG B 292 -32.96 7.53 7.12
CA ARG B 292 -34.10 7.10 7.88
C ARG B 292 -33.63 6.24 9.03
N GLU B 293 -32.59 5.44 8.78
CA GLU B 293 -32.12 4.43 9.74
C GLU B 293 -31.33 5.04 10.91
N ILE B 294 -30.93 6.31 10.79
CA ILE B 294 -30.36 7.01 11.94
C ILE B 294 -31.33 6.84 13.13
N PRO B 295 -30.86 6.30 14.27
CA PRO B 295 -31.82 6.02 15.33
C PRO B 295 -32.15 7.28 16.11
N PRO B 296 -33.36 7.34 16.68
CA PRO B 296 -33.90 8.59 17.18
C PRO B 296 -32.97 9.33 18.10
N SER B 297 -32.64 8.66 19.19
CA SER B 297 -32.10 9.27 20.39
C SER B 297 -30.83 10.12 20.26
N CYS B 298 -30.19 10.11 19.11
CA CYS B 298 -28.79 10.50 19.02
C CYS B 298 -28.56 11.95 18.55
N ALA B 299 -27.31 12.40 18.72
CA ALA B 299 -26.99 13.80 18.76
C ALA B 299 -27.06 14.48 17.39
N PRO B 300 -27.40 15.78 17.33
CA PRO B 300 -27.55 16.57 16.12
C PRO B 300 -26.38 16.53 15.18
N LEU B 301 -25.18 16.79 15.69
CA LEU B 301 -24.01 16.75 14.83
C LEU B 301 -23.72 15.34 14.36
N THR B 302 -24.12 14.33 15.15
CA THR B 302 -23.89 12.94 14.78
C THR B 302 -24.71 12.66 13.54
N ALA B 303 -26.02 12.82 13.69
CA ALA B 303 -26.98 12.74 12.58
C ALA B 303 -26.57 13.65 11.43
N GLN B 304 -26.31 14.92 11.70
CA GLN B 304 -25.80 15.80 10.66
C GLN B 304 -24.64 15.13 9.91
N ALA B 305 -23.60 14.71 10.63
CA ALA B 305 -22.41 14.10 10.01
C ALA B 305 -22.75 12.86 9.17
N ILE B 306 -23.70 12.06 9.60
CA ILE B 306 -24.02 10.83 8.86
C ILE B 306 -24.70 11.19 7.54
N GLN B 307 -25.56 12.21 7.59
CA GLN B 307 -26.28 12.69 6.42
C GLN B 307 -25.30 13.16 5.35
N GLU B 308 -24.31 13.93 5.76
CA GLU B 308 -23.38 14.55 4.80
C GLU B 308 -22.38 13.53 4.24
N GLY B 309 -22.28 12.37 4.87
CA GLY B 309 -21.54 11.25 4.30
C GLY B 309 -22.46 10.35 3.50
N LEU B 310 -23.75 10.65 3.53
CA LEU B 310 -24.73 9.88 2.76
C LEU B 310 -25.50 10.74 1.72
N ARG B 311 -24.82 11.71 1.14
CA ARG B 311 -25.32 12.43 -0.02
C ARG B 311 -25.12 11.48 -1.19
N LYS B 312 -26.11 11.39 -2.08
CA LYS B 312 -26.08 10.43 -3.17
C LYS B 312 -25.14 10.82 -4.28
N GLU B 313 -24.83 12.11 -4.37
CA GLU B 313 -23.92 12.62 -5.38
C GLU B 313 -22.57 12.93 -4.73
N PRO B 314 -21.56 12.10 -5.03
CA PRO B 314 -20.19 12.18 -4.46
C PRO B 314 -19.57 13.57 -4.38
N ILE B 315 -19.92 14.44 -5.33
CA ILE B 315 -19.31 15.77 -5.38
C ILE B 315 -19.77 16.64 -4.19
N HIS B 316 -20.99 16.38 -3.71
CA HIS B 316 -21.56 17.08 -2.55
C HIS B 316 -21.09 16.43 -1.28
N ARG B 317 -21.24 15.10 -1.24
CA ARG B 317 -20.79 14.24 -0.14
C ARG B 317 -19.33 14.53 0.32
N VAL B 318 -19.17 14.75 1.63
CA VAL B 318 -17.91 15.15 2.21
C VAL B 318 -16.82 14.16 1.90
N SER B 319 -15.57 14.62 1.95
CA SER B 319 -14.42 13.74 1.91
C SER B 319 -14.26 12.99 3.23
N ALA B 320 -13.47 11.93 3.25
CA ALA B 320 -13.10 11.26 4.48
C ALA B 320 -12.56 12.28 5.50
N ALA B 321 -11.72 13.20 5.05
CA ALA B 321 -11.09 14.22 5.92
C ALA B 321 -12.11 15.14 6.59
N GLU B 322 -13.03 15.66 5.77
CA GLU B 322 -14.11 16.50 6.27
C GLU B 322 -14.95 15.73 7.29
N LEU B 323 -15.27 14.49 6.96
CA LEU B 323 -16.09 13.67 7.84
C LEU B 323 -15.40 13.40 9.19
N GLY B 324 -14.09 13.17 9.18
CA GLY B 324 -13.29 13.06 10.42
C GLY B 324 -13.45 14.25 11.35
N GLY B 325 -13.32 15.46 10.79
CA GLY B 325 -13.51 16.70 11.57
C GLY B 325 -14.88 16.70 12.21
N LYS B 326 -15.88 16.28 11.43
CA LYS B 326 -17.28 16.30 11.87
C LYS B 326 -17.66 15.30 12.96
N VAL B 327 -17.03 14.11 12.96
CA VAL B 327 -17.25 13.15 14.05
C VAL B 327 -16.45 13.54 15.30
N ASN B 328 -15.20 13.95 15.15
CA ASN B 328 -14.45 14.48 16.29
C ASN B 328 -15.33 15.44 17.07
N ARG B 329 -15.90 16.40 16.32
CA ARG B 329 -16.84 17.38 16.88
C ARG B 329 -18.14 16.77 17.45
N ALA B 330 -18.66 15.74 16.79
CA ALA B 330 -19.83 15.05 17.32
C ALA B 330 -19.52 14.28 18.62
N LEU B 331 -18.27 13.82 18.73
CA LEU B 331 -17.87 12.99 19.85
C LEU B 331 -17.76 13.90 21.05
N GLN B 332 -17.14 15.06 20.85
CA GLN B 332 -17.16 16.15 21.85
C GLN B 332 -18.59 16.46 22.27
N GLN B 333 -19.46 16.71 21.31
CA GLN B 333 -20.83 17.12 21.62
C GLN B 333 -21.55 16.06 22.45
N VAL B 334 -21.20 14.79 22.28
CA VAL B 334 -21.82 13.75 23.09
C VAL B 334 -21.01 13.53 24.39
N GLY B 335 -19.89 14.24 24.55
CA GLY B 335 -19.13 14.23 25.78
C GLY B 335 -17.97 13.26 25.76
N GLY B 336 -17.11 13.37 24.75
CA GLY B 336 -15.96 12.48 24.56
C GLY B 336 -16.29 11.00 24.66
N LEU B 337 -15.29 10.18 24.36
CA LEU B 337 -15.42 8.74 24.57
C LEU B 337 -15.50 8.42 26.04
N LYS B 338 -16.59 7.80 26.47
CA LYS B 338 -16.77 7.41 27.86
C LYS B 338 -17.06 5.92 28.05
N SER B 339 -17.96 5.38 27.24
CA SER B 339 -18.40 4.01 27.41
C SER B 339 -17.26 3.00 27.41
N PRO B 340 -17.41 1.89 28.18
CA PRO B 340 -16.42 0.81 28.12
C PRO B 340 -16.63 0.07 26.82
N TRP B 341 -15.60 -0.62 26.33
CA TRP B 341 -15.78 -1.30 25.05
C TRP B 341 -16.53 -2.64 25.17
N ARG B 342 -16.49 -3.28 26.34
CA ARG B 342 -17.11 -4.58 26.46
C ARG B 342 -18.26 -4.55 27.44
N GLY B 343 -19.06 -3.49 27.39
CA GLY B 343 -20.12 -3.29 28.37
C GLY B 343 -21.39 -4.13 28.26
N GLU B 344 -22.50 -3.52 28.68
CA GLU B 344 -23.83 -4.15 28.74
C GLU B 344 -24.28 -4.38 27.31
N TYR B 345 -24.89 -5.54 27.05
CA TYR B 345 -25.53 -5.82 25.74
C TYR B 345 -26.66 -4.82 25.45
N LYS B 346 -26.72 -4.31 24.22
CA LYS B 346 -27.78 -3.36 23.88
C LYS B 346 -28.62 -3.89 22.74
N GLU B 347 -29.93 -3.77 22.90
CA GLU B 347 -30.86 -4.52 22.08
C GLU B 347 -30.88 -3.94 20.68
N PRO B 348 -30.53 -4.76 19.69
CA PRO B 348 -30.56 -4.27 18.32
C PRO B 348 -31.92 -3.68 17.94
N ARG B 349 -31.91 -2.74 16.99
CA ARG B 349 -33.15 -2.16 16.48
C ARG B 349 -33.93 -3.28 15.76
N HIS B 350 -35.25 -3.17 15.76
CA HIS B 350 -36.14 -4.25 15.32
C HIS B 350 -36.85 -3.93 13.98
N PRO B 351 -37.21 -4.98 13.21
CA PRO B 351 -37.98 -4.82 11.95
C PRO B 351 -39.37 -4.23 12.18
N PHE C 7 -23.48 -6.32 -17.72
CA PHE C 7 -23.64 -5.43 -16.53
C PHE C 7 -24.32 -6.19 -15.41
N SER C 8 -25.65 -6.34 -15.49
CA SER C 8 -26.51 -6.55 -14.32
C SER C 8 -25.73 -6.48 -13.00
N VAL C 9 -25.80 -5.33 -12.34
CA VAL C 9 -25.16 -5.11 -11.04
C VAL C 9 -25.41 -6.31 -10.11
N GLU C 10 -26.61 -6.91 -10.18
CA GLU C 10 -26.94 -8.15 -9.46
C GLU C 10 -25.93 -9.24 -9.75
N GLU C 11 -25.57 -9.34 -11.02
CA GLU C 11 -24.73 -10.42 -11.54
C GLU C 11 -23.28 -10.26 -11.15
N TYR C 12 -22.82 -9.03 -10.99
CA TYR C 12 -21.50 -8.79 -10.43
C TYR C 12 -21.44 -9.22 -8.99
N LEU C 13 -22.50 -8.89 -8.27
CA LEU C 13 -22.66 -9.27 -6.88
C LEU C 13 -22.77 -10.77 -6.73
N VAL C 14 -23.42 -11.42 -7.70
CA VAL C 14 -23.55 -12.88 -7.72
C VAL C 14 -22.24 -13.55 -8.11
N HIS C 15 -21.55 -12.98 -9.09
CA HIS C 15 -20.27 -13.52 -9.52
C HIS C 15 -19.28 -13.44 -8.37
N ALA C 16 -19.43 -12.40 -7.54
CA ALA C 16 -18.63 -12.19 -6.32
C ALA C 16 -18.70 -13.38 -5.37
N LEU C 17 -19.86 -14.00 -5.27
CA LEU C 17 -20.13 -15.09 -4.35
C LEU C 17 -19.72 -16.46 -4.87
N GLN C 18 -19.69 -16.64 -6.19
CA GLN C 18 -19.46 -17.96 -6.78
C GLN C 18 -18.00 -18.39 -6.62
N GLY C 19 -17.77 -19.70 -6.60
CA GLY C 19 -16.44 -20.29 -6.52
C GLY C 19 -15.96 -20.45 -5.09
N SER C 20 -16.82 -20.06 -4.15
CA SER C 20 -16.42 -19.97 -2.75
C SER C 20 -17.60 -19.99 -1.79
N VAL C 21 -17.42 -20.61 -0.64
CA VAL C 21 -18.38 -20.49 0.43
C VAL C 21 -17.85 -19.54 1.47
N SER C 22 -18.79 -18.77 2.02
CA SER C 22 -18.55 -17.60 2.82
C SER C 22 -19.57 -17.46 3.94
N SER C 23 -19.17 -16.86 5.06
CA SER C 23 -20.14 -16.44 6.05
C SER C 23 -20.77 -15.18 5.49
N GLY C 24 -22.11 -15.08 5.55
CA GLY C 24 -22.86 -13.99 4.92
C GLY C 24 -24.30 -13.86 5.37
N GLN C 25 -25.10 -13.24 4.52
CA GLN C 25 -26.47 -12.96 4.89
C GLN C 25 -27.46 -13.66 3.96
N ALA C 26 -28.68 -13.85 4.48
CA ALA C 26 -29.71 -14.57 3.78
C ALA C 26 -29.78 -14.14 2.33
N HIS C 27 -29.83 -12.83 2.07
CA HIS C 27 -30.06 -12.34 0.71
C HIS C 27 -29.05 -12.86 -0.33
N SER C 28 -27.77 -12.89 0.05
CA SER C 28 -26.69 -13.42 -0.78
C SER C 28 -26.90 -14.90 -1.11
N LEU C 29 -27.29 -15.68 -0.09
CA LEU C 29 -27.57 -17.11 -0.25
C LEU C 29 -28.64 -17.30 -1.30
N THR C 30 -29.73 -16.58 -1.12
CA THR C 30 -30.85 -16.62 -2.04
C THR C 30 -30.38 -16.30 -3.48
N SER C 31 -29.68 -15.19 -3.69
CA SER C 31 -29.25 -14.83 -5.04
C SER C 31 -28.49 -15.98 -5.64
N LEU C 32 -27.59 -16.54 -4.86
CA LEU C 32 -26.69 -17.54 -5.39
C LEU C 32 -27.48 -18.79 -5.70
N ALA C 33 -28.40 -19.14 -4.80
CA ALA C 33 -29.27 -20.32 -4.95
C ALA C 33 -30.04 -20.34 -6.28
N LYS C 34 -30.33 -19.14 -6.79
CA LYS C 34 -30.99 -18.99 -8.07
C LYS C 34 -30.15 -19.58 -9.19
N THR C 35 -28.86 -19.30 -9.21
CA THR C 35 -28.00 -19.90 -10.23
C THR C 35 -28.00 -21.43 -10.12
N TRP C 36 -28.33 -21.99 -8.95
CA TRP C 36 -28.29 -23.45 -8.76
C TRP C 36 -29.45 -24.14 -9.41
N ALA C 37 -30.60 -23.49 -9.32
CA ALA C 37 -31.84 -23.96 -9.91
C ALA C 37 -31.73 -23.86 -11.42
N ALA C 38 -31.25 -22.70 -11.89
CA ALA C 38 -31.15 -22.36 -13.32
C ALA C 38 -30.36 -23.40 -14.14
N ARG C 39 -29.35 -23.99 -13.51
CA ARG C 39 -28.42 -24.97 -14.12
C ARG C 39 -29.06 -26.12 -14.96
N THR C 50 -13.38 -30.03 -9.86
CA THR C 50 -13.94 -29.40 -8.67
C THR C 50 -15.46 -29.58 -8.60
N GLU C 51 -16.13 -29.32 -9.73
CA GLU C 51 -17.52 -28.82 -9.76
C GLU C 51 -17.70 -27.97 -8.49
N ASP C 52 -17.38 -26.70 -8.61
CA ASP C 52 -17.18 -25.83 -7.46
C ASP C 52 -17.87 -26.28 -6.16
N ASN C 53 -17.16 -26.08 -5.05
CA ASN C 53 -17.75 -26.05 -3.72
C ASN C 53 -18.07 -24.58 -3.45
N GLU C 54 -19.32 -24.28 -3.12
CA GLU C 54 -19.76 -22.89 -2.94
C GLU C 54 -21.04 -22.84 -2.11
N GLY C 55 -21.35 -21.65 -1.63
CA GLY C 55 -22.51 -21.49 -0.78
C GLY C 55 -22.23 -20.40 0.22
N VAL C 56 -23.19 -20.14 1.09
CA VAL C 56 -23.02 -19.17 2.11
C VAL C 56 -23.69 -19.73 3.36
N LEU C 57 -22.99 -19.58 4.50
CA LEU C 57 -23.50 -19.91 5.82
C LEU C 57 -23.96 -18.66 6.57
N LEU C 58 -24.95 -18.79 7.44
CA LEU C 58 -25.62 -17.66 8.09
C LEU C 58 -25.40 -17.62 9.60
N THR C 59 -24.68 -18.60 10.16
CA THR C 59 -24.23 -18.56 11.56
C THR C 59 -22.74 -18.67 11.57
N GLU C 60 -22.13 -17.95 12.48
CA GLU C 60 -20.70 -18.08 12.73
C GLU C 60 -20.40 -19.53 13.22
N LYS C 61 -21.41 -20.15 13.83
CA LYS C 61 -21.37 -21.54 14.32
C LYS C 61 -21.06 -22.59 13.23
N LEU C 62 -21.37 -22.24 11.98
CA LEU C 62 -21.05 -23.06 10.79
C LEU C 62 -20.11 -22.26 9.90
N LYS C 63 -18.83 -22.63 9.88
CA LYS C 63 -17.78 -21.70 9.41
C LYS C 63 -16.93 -22.25 8.27
N PRO C 64 -16.79 -21.50 7.18
CA PRO C 64 -15.92 -21.96 6.10
C PRO C 64 -14.46 -21.84 6.47
N VAL C 65 -13.64 -22.63 5.81
CA VAL C 65 -12.20 -22.55 5.97
C VAL C 65 -11.53 -22.48 4.59
N ASP C 66 -10.66 -21.49 4.46
CA ASP C 66 -10.04 -21.13 3.21
C ASP C 66 -10.95 -21.42 2.03
N TYR C 67 -12.02 -20.62 1.97
CA TYR C 67 -12.94 -20.49 0.83
C TYR C 67 -13.88 -21.68 0.61
N GLU C 68 -13.86 -22.65 1.53
CA GLU C 68 -14.47 -23.96 1.31
C GLU C 68 -15.34 -24.42 2.45
N TYR C 69 -16.21 -25.39 2.12
CA TYR C 69 -16.95 -26.21 3.09
C TYR C 69 -17.21 -27.57 2.47
N ARG C 70 -16.36 -28.54 2.81
CA ARG C 70 -16.42 -29.87 2.22
C ARG C 70 -16.78 -30.94 3.24
N GLU C 71 -17.65 -31.86 2.79
CA GLU C 71 -18.20 -32.87 3.65
C GLU C 71 -17.10 -33.90 3.92
N GLU C 72 -17.02 -34.28 5.19
CA GLU C 72 -16.00 -35.16 5.74
C GLU C 72 -14.64 -34.46 5.96
N VAL C 73 -14.40 -33.35 5.27
CA VAL C 73 -13.22 -32.49 5.50
C VAL C 73 -13.46 -31.47 6.63
N HIS C 74 -14.44 -30.59 6.46
CA HIS C 74 -14.74 -29.52 7.40
C HIS C 74 -16.02 -29.72 8.20
N TRP C 75 -16.91 -30.56 7.70
CA TRP C 75 -18.10 -30.99 8.44
C TRP C 75 -18.33 -32.47 8.23
N ALA C 76 -18.91 -33.13 9.23
CA ALA C 76 -19.20 -34.58 9.15
C ALA C 76 -20.55 -34.92 9.78
N THR C 77 -21.21 -35.93 9.21
CA THR C 77 -22.52 -36.38 9.65
C THR C 77 -22.31 -37.40 10.75
N HIS C 78 -23.13 -37.34 11.79
CA HIS C 78 -23.03 -38.28 12.90
C HIS C 78 -23.37 -39.69 12.46
N GLN C 79 -22.34 -40.42 12.06
CA GLN C 79 -22.40 -41.85 11.85
C GLN C 79 -22.54 -42.44 13.26
N LEU C 80 -23.65 -43.11 13.56
CA LEU C 80 -24.88 -43.06 12.80
C LEU C 80 -26.00 -42.74 13.76
N ARG C 81 -26.63 -41.59 13.57
CA ARG C 81 -28.00 -41.41 14.01
C ARG C 81 -28.88 -41.75 12.81
N LEU C 82 -30.18 -41.77 13.01
CA LEU C 82 -31.11 -42.19 11.97
C LEU C 82 -31.22 -41.15 10.88
N GLY C 83 -31.24 -41.62 9.63
CA GLY C 83 -31.55 -40.77 8.48
C GLY C 83 -33.04 -40.57 8.47
N ARG C 84 -33.46 -39.31 8.51
CA ARG C 84 -34.86 -38.97 8.60
C ARG C 84 -35.25 -38.37 7.28
N GLY C 85 -36.50 -37.96 7.15
CA GLY C 85 -37.04 -37.49 5.89
C GLY C 85 -37.57 -38.64 5.07
N SER C 86 -38.41 -38.33 4.08
CA SER C 86 -39.01 -39.37 3.21
C SER C 86 -37.98 -40.16 2.47
N PHE C 87 -36.89 -39.51 2.10
CA PHE C 87 -35.83 -40.13 1.33
C PHE C 87 -34.62 -40.40 2.23
N GLY C 88 -34.82 -40.32 3.54
CA GLY C 88 -33.70 -40.48 4.47
C GLY C 88 -32.55 -39.55 4.10
N GLU C 89 -32.88 -38.32 3.70
CA GLU C 89 -31.92 -37.34 3.19
C GLU C 89 -31.52 -36.27 4.21
N VAL C 90 -32.09 -36.36 5.41
CA VAL C 90 -31.77 -35.49 6.50
C VAL C 90 -30.90 -36.25 7.48
N HIS C 91 -29.80 -35.66 7.92
CA HIS C 91 -28.93 -36.29 8.91
C HIS C 91 -28.45 -35.24 9.87
N ARG C 92 -28.19 -35.65 11.11
CA ARG C 92 -27.63 -34.69 12.05
C ARG C 92 -26.15 -34.70 11.75
N MET C 93 -25.52 -33.54 11.93
CA MET C 93 -24.13 -33.27 11.54
C MET C 93 -23.45 -32.25 12.44
N GLU C 94 -22.17 -32.05 12.22
CA GLU C 94 -21.36 -31.31 13.16
C GLU C 94 -20.27 -30.55 12.43
N ASP C 95 -20.05 -29.28 12.78
CA ASP C 95 -18.92 -28.56 12.20
C ASP C 95 -17.68 -29.14 12.86
N LYS C 96 -16.66 -29.52 12.08
CA LYS C 96 -15.44 -30.12 12.68
C LYS C 96 -14.59 -29.11 13.44
N GLN C 97 -14.71 -27.82 13.11
CA GLN C 97 -13.90 -26.78 13.77
C GLN C 97 -14.60 -26.19 14.97
N THR C 98 -15.92 -25.99 14.84
CA THR C 98 -16.71 -25.30 15.85
C THR C 98 -17.36 -26.22 16.86
N GLY C 99 -17.54 -27.50 16.53
CA GLY C 99 -18.19 -28.49 17.42
C GLY C 99 -19.72 -28.43 17.46
N PHE C 100 -20.24 -27.39 16.83
CA PHE C 100 -21.67 -27.05 16.76
C PHE C 100 -22.44 -28.01 15.89
N GLN C 101 -23.66 -28.33 16.31
CA GLN C 101 -24.43 -29.38 15.68
C GLN C 101 -25.72 -28.85 15.06
N CYS C 102 -26.11 -29.47 13.96
CA CYS C 102 -27.41 -29.22 13.39
C CYS C 102 -27.71 -30.23 12.30
N ALA C 103 -28.74 -29.97 11.49
CA ALA C 103 -29.29 -30.92 10.51
C ALA C 103 -28.98 -30.50 9.07
N VAL C 104 -28.59 -31.46 8.24
CA VAL C 104 -28.40 -31.23 6.82
C VAL C 104 -29.54 -31.93 6.16
N LYS C 105 -30.10 -31.29 5.15
CA LYS C 105 -30.89 -31.99 4.15
C LYS C 105 -30.11 -32.00 2.85
N LYS C 106 -30.00 -33.17 2.24
CA LYS C 106 -29.43 -33.26 0.92
C LYS C 106 -30.52 -33.15 -0.15
N VAL C 107 -30.19 -32.39 -1.21
CA VAL C 107 -31.01 -32.22 -2.38
C VAL C 107 -30.10 -32.33 -3.55
N ARG C 108 -30.45 -33.17 -4.51
CA ARG C 108 -29.62 -33.36 -5.70
C ARG C 108 -29.63 -32.08 -6.49
N LEU C 109 -28.44 -31.66 -6.93
CA LEU C 109 -28.30 -30.36 -7.59
C LEU C 109 -29.34 -30.25 -8.67
N GLU C 110 -29.41 -31.25 -9.54
CA GLU C 110 -30.07 -31.04 -10.82
C GLU C 110 -31.59 -30.92 -10.68
N VAL C 111 -32.13 -31.21 -9.50
CA VAL C 111 -33.55 -30.92 -9.20
C VAL C 111 -33.80 -29.86 -8.12
N PHE C 112 -32.72 -29.25 -7.62
CA PHE C 112 -32.82 -28.21 -6.60
C PHE C 112 -33.68 -27.04 -7.10
N ARG C 113 -34.57 -26.58 -6.23
CA ARG C 113 -35.45 -25.46 -6.50
C ARG C 113 -35.15 -24.39 -5.45
N ALA C 114 -34.98 -23.15 -5.90
CA ALA C 114 -34.44 -22.10 -5.04
C ALA C 114 -35.46 -21.69 -4.03
N GLU C 115 -36.71 -21.93 -4.37
CA GLU C 115 -37.84 -21.63 -3.50
C GLU C 115 -37.77 -22.31 -2.14
N GLU C 116 -37.08 -23.42 -2.05
CA GLU C 116 -36.91 -24.11 -0.80
C GLU C 116 -36.16 -23.19 0.16
N LEU C 117 -35.16 -22.47 -0.34
CA LEU C 117 -34.41 -21.56 0.53
C LEU C 117 -35.17 -20.27 0.77
N MET C 118 -35.70 -19.67 -0.29
CA MET C 118 -36.51 -18.46 -0.17
C MET C 118 -37.56 -18.62 0.91
N ALA C 119 -38.14 -19.80 0.98
CA ALA C 119 -39.22 -20.06 1.94
C ALA C 119 -38.80 -19.98 3.40
N CYS C 120 -37.51 -20.02 3.71
CA CYS C 120 -37.07 -19.99 5.11
C CYS C 120 -35.79 -19.17 5.37
N ALA C 121 -35.38 -18.32 4.43
CA ALA C 121 -34.14 -17.58 4.56
C ALA C 121 -34.35 -16.29 5.35
N GLY C 122 -33.57 -16.13 6.41
CA GLY C 122 -33.57 -14.90 7.19
C GLY C 122 -34.84 -14.67 8.00
N LEU C 123 -35.24 -13.39 8.04
CA LEU C 123 -36.50 -12.95 8.64
C LEU C 123 -37.39 -14.15 9.01
N THR C 124 -37.65 -14.30 10.29
CA THR C 124 -38.01 -15.62 10.80
C THR C 124 -39.33 -15.61 11.56
N SER C 125 -40.27 -16.46 11.15
CA SER C 125 -41.34 -16.85 12.07
C SER C 125 -40.80 -17.97 12.96
N PRO C 126 -41.25 -18.03 14.24
CA PRO C 126 -40.82 -19.14 15.09
C PRO C 126 -41.47 -20.44 14.69
N ARG C 127 -42.39 -20.39 13.71
CA ARG C 127 -43.05 -21.59 13.19
C ARG C 127 -42.43 -22.06 11.86
N ILE C 128 -41.38 -21.37 11.38
CA ILE C 128 -40.55 -21.87 10.28
C ILE C 128 -39.19 -22.32 10.79
N VAL C 129 -38.63 -23.39 10.23
CA VAL C 129 -37.38 -23.92 10.73
C VAL C 129 -36.20 -23.01 10.44
N PRO C 130 -35.40 -22.68 11.47
CA PRO C 130 -34.25 -21.79 11.24
C PRO C 130 -33.26 -22.33 10.23
N LEU C 131 -32.92 -21.49 9.28
CA LEU C 131 -32.00 -21.87 8.20
C LEU C 131 -30.59 -21.38 8.50
N TYR C 132 -29.63 -22.29 8.65
CA TYR C 132 -28.26 -21.88 8.98
C TYR C 132 -27.36 -21.67 7.79
N GLY C 133 -27.68 -22.25 6.64
CA GLY C 133 -26.84 -22.07 5.47
C GLY C 133 -27.25 -22.99 4.32
N ALA C 134 -26.51 -22.92 3.22
CA ALA C 134 -26.62 -23.92 2.20
C ALA C 134 -25.33 -23.92 1.41
N VAL C 135 -24.84 -25.09 1.05
CA VAL C 135 -23.66 -25.16 0.22
C VAL C 135 -23.74 -26.35 -0.71
N ARG C 136 -23.37 -26.03 -1.94
CA ARG C 136 -23.22 -26.94 -3.04
C ARG C 136 -21.85 -27.60 -3.04
N GLU C 137 -21.82 -28.91 -3.27
CA GLU C 137 -20.59 -29.67 -3.42
C GLU C 137 -20.92 -30.88 -4.30
N GLY C 138 -20.19 -31.00 -5.39
CA GLY C 138 -20.41 -32.08 -6.33
C GLY C 138 -21.81 -32.06 -6.91
N PRO C 139 -22.52 -33.19 -6.84
CA PRO C 139 -23.91 -33.32 -7.30
C PRO C 139 -24.92 -32.95 -6.21
N TRP C 140 -24.42 -32.43 -5.08
CA TRP C 140 -25.26 -32.12 -3.94
C TRP C 140 -25.44 -30.64 -3.59
N VAL C 141 -26.59 -30.31 -2.99
CA VAL C 141 -26.74 -29.10 -2.25
C VAL C 141 -27.06 -29.49 -0.82
N ASN C 142 -26.20 -29.12 0.13
CA ASN C 142 -26.42 -29.42 1.53
C ASN C 142 -27.10 -28.27 2.23
N ILE C 143 -28.19 -28.50 2.97
CA ILE C 143 -28.96 -27.39 3.55
C ILE C 143 -28.95 -27.48 5.05
N PHE C 144 -28.44 -26.43 5.69
CA PHE C 144 -28.17 -26.46 7.13
C PHE C 144 -29.28 -25.74 7.90
N MET C 145 -29.68 -26.34 9.01
CA MET C 145 -30.82 -25.85 9.75
C MET C 145 -30.82 -26.36 11.17
N GLU C 146 -31.49 -25.61 12.04
CA GLU C 146 -31.56 -25.94 13.44
C GLU C 146 -32.13 -27.33 13.55
N LEU C 147 -31.53 -28.08 14.47
CA LEU C 147 -31.97 -29.42 14.79
C LEU C 147 -33.09 -29.24 15.81
N LEU C 148 -34.25 -29.77 15.45
CA LEU C 148 -35.39 -29.77 16.32
C LEU C 148 -35.44 -31.16 16.91
N GLU C 149 -35.20 -31.22 18.20
CA GLU C 149 -34.91 -32.49 18.82
C GLU C 149 -36.16 -33.36 18.96
N GLY C 150 -37.36 -32.76 19.07
CA GLY C 150 -38.59 -33.53 19.35
C GLY C 150 -39.16 -34.42 18.26
N GLY C 151 -38.55 -34.39 17.08
CA GLY C 151 -38.98 -35.27 16.00
C GLY C 151 -39.98 -34.59 15.11
N SER C 152 -40.61 -35.37 14.22
CA SER C 152 -41.67 -34.84 13.33
C SER C 152 -42.98 -35.09 14.04
N LEU C 153 -43.99 -34.32 13.65
CA LEU C 153 -45.36 -34.56 14.04
C LEU C 153 -45.83 -35.90 13.47
N GLY C 154 -45.28 -36.24 12.30
CA GLY C 154 -45.49 -37.55 11.71
C GLY C 154 -45.13 -38.73 12.61
N GLN C 155 -43.93 -38.70 13.21
CA GLN C 155 -43.49 -39.79 14.08
C GLN C 155 -44.39 -39.82 15.29
N LEU C 156 -44.82 -38.63 15.71
CA LEU C 156 -45.61 -38.52 16.91
C LEU C 156 -46.84 -39.37 16.77
N VAL C 157 -47.59 -39.13 15.71
CA VAL C 157 -48.85 -39.86 15.49
C VAL C 157 -48.58 -41.36 15.24
N LYS C 158 -47.49 -41.70 14.55
CA LYS C 158 -47.10 -43.10 14.36
C LYS C 158 -46.89 -43.77 15.72
N GLU C 159 -46.12 -43.14 16.61
CA GLU C 159 -45.91 -43.67 17.96
C GLU C 159 -47.19 -43.71 18.78
N GLN C 160 -47.94 -42.60 18.82
CA GLN C 160 -49.16 -42.55 19.65
C GLN C 160 -50.39 -43.24 19.04
N GLY C 161 -50.24 -43.88 17.88
CA GLY C 161 -51.38 -44.37 17.11
C GLY C 161 -52.15 -43.22 16.48
N CYS C 162 -52.69 -42.36 17.33
CA CYS C 162 -53.18 -41.07 16.89
C CYS C 162 -53.23 -40.13 18.09
N LEU C 163 -53.68 -38.89 17.84
CA LEU C 163 -53.52 -37.75 18.78
C LEU C 163 -54.80 -37.27 19.41
N PRO C 164 -54.73 -36.89 20.69
CA PRO C 164 -55.92 -36.30 21.26
C PRO C 164 -56.34 -35.01 20.56
N GLU C 165 -57.64 -34.72 20.60
CA GLU C 165 -58.21 -33.50 20.00
C GLU C 165 -57.47 -32.21 20.39
N ASP C 166 -57.26 -31.97 21.68
CA ASP C 166 -56.51 -30.77 22.15
C ASP C 166 -55.14 -30.58 21.45
N ARG C 167 -54.33 -31.63 21.39
CA ARG C 167 -52.99 -31.58 20.76
C ARG C 167 -53.15 -31.36 19.27
N ALA C 168 -53.86 -32.29 18.63
CA ALA C 168 -54.25 -32.18 17.24
C ALA C 168 -54.60 -30.74 16.89
N LEU C 169 -55.50 -30.14 17.66
CA LEU C 169 -55.86 -28.73 17.48
C LEU C 169 -54.68 -27.78 17.69
N TYR C 170 -54.03 -27.92 18.84
CA TYR C 170 -52.88 -27.08 19.20
C TYR C 170 -51.78 -27.02 18.11
N TYR C 171 -51.31 -28.18 17.67
CA TYR C 171 -50.34 -28.25 16.58
C TYR C 171 -50.85 -27.68 15.25
N LEU C 172 -52.11 -27.96 14.91
CA LEU C 172 -52.74 -27.40 13.72
C LEU C 172 -52.58 -25.89 13.77
N GLY C 173 -53.00 -25.31 14.89
CA GLY C 173 -52.95 -23.87 15.06
C GLY C 173 -51.58 -23.36 14.72
N GLN C 174 -50.56 -24.06 15.19
CA GLN C 174 -49.22 -23.54 14.99
C GLN C 174 -48.82 -23.59 13.54
N ALA C 175 -49.00 -24.73 12.93
CA ALA C 175 -48.73 -24.84 11.51
C ALA C 175 -49.38 -23.66 10.78
N LEU C 176 -50.64 -23.39 11.08
CA LEU C 176 -51.33 -22.26 10.44
C LEU C 176 -50.65 -20.91 10.73
N GLU C 177 -50.05 -20.71 11.90
CA GLU C 177 -49.23 -19.47 12.08
C GLU C 177 -48.08 -19.34 11.08
N GLY C 178 -47.42 -20.47 10.80
CA GLY C 178 -46.34 -20.50 9.84
C GLY C 178 -46.81 -20.32 8.40
N LEU C 179 -47.83 -21.08 8.04
CA LEU C 179 -48.46 -20.95 6.76
C LEU C 179 -48.92 -19.52 6.54
N GLU C 180 -49.65 -18.97 7.51
CA GLU C 180 -50.10 -17.59 7.43
C GLU C 180 -48.90 -16.68 7.15
N TYR C 181 -47.78 -16.94 7.80
CA TYR C 181 -46.58 -16.13 7.61
C TYR C 181 -46.05 -16.31 6.21
N LEU C 182 -45.89 -17.54 5.76
CA LEU C 182 -45.42 -17.81 4.39
C LEU C 182 -46.29 -17.14 3.34
N HIS C 183 -47.60 -17.35 3.42
CA HIS C 183 -48.51 -16.72 2.48
C HIS C 183 -48.37 -15.19 2.53
N SER C 184 -48.24 -14.61 3.72
CA SER C 184 -48.07 -13.15 3.86
C SER C 184 -46.82 -12.67 3.14
N ARG C 185 -45.80 -13.52 3.06
CA ARG C 185 -44.57 -13.25 2.30
C ARG C 185 -44.71 -13.70 0.84
N ARG C 186 -45.92 -14.06 0.43
CA ARG C 186 -46.21 -14.44 -0.96
C ARG C 186 -45.54 -15.77 -1.40
N ILE C 187 -45.47 -16.74 -0.48
CA ILE C 187 -44.94 -18.10 -0.77
C ILE C 187 -45.96 -19.17 -0.31
N LEU C 188 -45.94 -20.32 -0.96
CA LEU C 188 -46.87 -21.40 -0.69
C LEU C 188 -46.06 -22.65 -0.41
N HIS C 189 -46.44 -23.40 0.63
CA HIS C 189 -45.60 -24.48 1.07
C HIS C 189 -45.62 -25.62 0.07
N GLY C 190 -46.81 -26.09 -0.30
CA GLY C 190 -46.96 -27.05 -1.38
C GLY C 190 -47.06 -28.50 -0.98
N ASP C 191 -46.72 -28.80 0.26
CA ASP C 191 -46.72 -30.18 0.75
C ASP C 191 -46.83 -30.26 2.27
N VAL C 192 -47.81 -29.57 2.84
CA VAL C 192 -47.94 -29.54 4.29
C VAL C 192 -48.48 -30.89 4.72
N LYS C 193 -48.00 -31.39 5.85
CA LYS C 193 -48.46 -32.66 6.41
C LYS C 193 -47.64 -33.07 7.64
N ALA C 194 -48.15 -34.00 8.44
CA ALA C 194 -47.49 -34.37 9.69
C ALA C 194 -45.98 -34.54 9.54
N ASP C 195 -45.54 -35.20 8.47
CA ASP C 195 -44.14 -35.54 8.32
C ASP C 195 -43.25 -34.31 8.08
N ASN C 196 -43.88 -33.21 7.67
CA ASN C 196 -43.21 -31.93 7.48
C ASN C 196 -43.50 -30.86 8.51
N VAL C 197 -43.92 -31.22 9.70
CA VAL C 197 -43.82 -30.28 10.80
C VAL C 197 -43.09 -30.88 11.97
N LEU C 198 -42.12 -30.11 12.44
CA LEU C 198 -41.14 -30.53 13.43
C LEU C 198 -41.45 -29.96 14.80
N LEU C 199 -41.22 -30.79 15.82
CA LEU C 199 -41.50 -30.48 17.22
C LEU C 199 -40.22 -30.14 17.99
N SER C 200 -40.27 -29.12 18.85
CA SER C 200 -39.18 -28.91 19.87
C SER C 200 -39.23 -30.12 20.78
N SER C 201 -38.19 -30.35 21.59
CA SER C 201 -38.05 -31.57 22.44
C SER C 201 -39.05 -31.73 23.61
N ASP C 202 -39.74 -30.67 24.01
CA ASP C 202 -40.87 -30.78 24.96
C ASP C 202 -42.23 -30.77 24.24
N GLY C 203 -42.21 -30.88 22.93
CA GLY C 203 -43.45 -30.93 22.16
C GLY C 203 -44.27 -29.64 22.17
N SER C 204 -43.70 -28.57 22.71
CA SER C 204 -44.50 -27.38 22.95
C SER C 204 -44.60 -26.58 21.68
N HIS C 205 -43.54 -26.62 20.88
CA HIS C 205 -43.39 -25.76 19.71
C HIS C 205 -43.25 -26.57 18.43
N ALA C 206 -44.06 -26.22 17.45
CA ALA C 206 -44.03 -26.87 16.17
C ALA C 206 -43.53 -25.89 15.15
N ALA C 207 -42.80 -26.40 14.16
CA ALA C 207 -42.33 -25.58 13.04
C ALA C 207 -42.40 -26.35 11.73
N LEU C 208 -42.50 -25.61 10.64
CA LEU C 208 -42.64 -26.21 9.33
C LEU C 208 -41.26 -26.45 8.77
N CYS C 209 -41.16 -27.51 7.98
CA CYS C 209 -39.95 -27.88 7.29
C CYS C 209 -40.33 -28.48 5.95
N ASP C 210 -39.33 -28.99 5.24
CA ASP C 210 -39.42 -29.37 3.83
C ASP C 210 -40.14 -28.38 2.93
N PHE C 211 -39.44 -27.34 2.50
CA PHE C 211 -39.99 -26.37 1.54
C PHE C 211 -39.63 -26.69 0.09
N GLY C 212 -39.28 -27.94 -0.19
CA GLY C 212 -38.82 -28.32 -1.53
C GLY C 212 -39.88 -28.18 -2.62
N HIS C 213 -41.13 -28.20 -2.19
CA HIS C 213 -42.27 -28.13 -3.09
C HIS C 213 -42.85 -26.71 -3.19
N ALA C 214 -42.20 -25.75 -2.55
CA ALA C 214 -42.77 -24.41 -2.45
C ALA C 214 -42.82 -23.69 -3.79
N VAL C 215 -43.69 -22.69 -3.89
CA VAL C 215 -43.79 -21.88 -5.09
C VAL C 215 -44.26 -20.49 -4.67
N CYS C 216 -43.80 -19.47 -5.41
CA CYS C 216 -44.11 -18.05 -5.20
C CYS C 216 -45.31 -17.60 -6.01
N LEU C 217 -46.13 -16.70 -5.48
CA LEU C 217 -47.22 -16.16 -6.26
C LEU C 217 -46.77 -14.89 -7.00
N GLN C 218 -47.70 -14.10 -7.55
CA GLN C 218 -47.39 -13.24 -8.72
C GLN C 218 -46.74 -11.84 -8.48
N PRO C 219 -47.50 -10.72 -8.45
CA PRO C 219 -48.87 -10.26 -8.25
C PRO C 219 -49.92 -11.26 -7.80
N ASP C 220 -51.13 -11.10 -8.34
CA ASP C 220 -52.25 -11.97 -8.02
C ASP C 220 -52.89 -12.51 -9.30
N GLY C 221 -52.07 -12.94 -10.26
CA GLY C 221 -52.55 -13.84 -11.32
C GLY C 221 -53.13 -15.01 -10.54
N LEU C 222 -52.62 -16.21 -10.78
CA LEU C 222 -52.77 -17.34 -9.86
C LEU C 222 -52.27 -18.58 -10.59
N GLY C 223 -51.05 -19.01 -10.29
CA GLY C 223 -50.38 -20.03 -11.11
C GLY C 223 -51.00 -21.40 -10.97
N LYS C 224 -50.91 -22.24 -12.01
CA LYS C 224 -51.25 -23.66 -11.89
C LYS C 224 -49.97 -24.46 -11.58
N SER C 225 -49.95 -25.16 -10.45
CA SER C 225 -48.76 -25.92 -9.96
C SER C 225 -48.42 -27.12 -10.84
N LEU C 226 -49.30 -28.12 -10.76
CA LEU C 226 -49.31 -29.29 -11.62
C LEU C 226 -49.27 -28.81 -13.07
N LEU C 227 -49.01 -29.71 -14.02
CA LEU C 227 -48.92 -29.33 -15.43
C LEU C 227 -47.94 -28.19 -15.67
N THR C 228 -46.71 -28.38 -15.23
CA THR C 228 -45.59 -27.54 -15.62
C THR C 228 -44.33 -28.33 -15.34
N GLY C 229 -44.09 -29.33 -16.21
CA GLY C 229 -42.90 -30.18 -16.17
C GLY C 229 -41.70 -29.42 -15.63
N ASP C 230 -41.17 -29.91 -14.51
CA ASP C 230 -40.40 -29.14 -13.51
C ASP C 230 -41.10 -29.48 -12.21
N TYR C 231 -42.40 -29.19 -12.13
CA TYR C 231 -43.07 -29.22 -10.84
C TYR C 231 -43.37 -30.60 -10.31
N ILE C 232 -42.76 -30.89 -9.16
CA ILE C 232 -43.01 -32.08 -8.37
C ILE C 232 -43.99 -31.66 -7.28
N PRO C 233 -45.15 -32.35 -7.20
CA PRO C 233 -46.20 -31.96 -6.29
C PRO C 233 -46.16 -32.64 -4.93
N GLY C 234 -47.06 -32.21 -4.04
CA GLY C 234 -47.08 -32.67 -2.68
C GLY C 234 -47.58 -34.10 -2.55
N THR C 235 -48.06 -34.43 -1.36
CA THR C 235 -48.48 -35.77 -1.05
C THR C 235 -49.91 -36.03 -1.54
N GLU C 236 -50.06 -37.04 -2.40
CA GLU C 236 -51.30 -37.32 -3.13
C GLU C 236 -52.51 -37.26 -2.20
N THR C 237 -52.40 -37.97 -1.11
CA THR C 237 -53.48 -38.04 -0.16
C THR C 237 -53.95 -36.65 0.35
N HIS C 238 -52.99 -35.72 0.52
CA HIS C 238 -53.23 -34.40 1.10
C HIS C 238 -53.56 -33.29 0.08
N MET C 239 -53.62 -33.59 -1.22
CA MET C 239 -53.74 -32.49 -2.16
C MET C 239 -55.19 -32.06 -2.38
N ALA C 240 -55.32 -30.80 -2.80
CA ALA C 240 -56.58 -30.10 -2.90
C ALA C 240 -57.14 -30.34 -4.29
N PRO C 241 -58.48 -30.24 -4.44
CA PRO C 241 -59.11 -30.64 -5.68
C PRO C 241 -58.61 -29.79 -6.83
N GLU C 242 -58.37 -28.51 -6.59
CA GLU C 242 -57.96 -27.61 -7.64
C GLU C 242 -56.57 -27.94 -8.14
N VAL C 243 -55.77 -28.61 -7.33
CA VAL C 243 -54.46 -29.05 -7.80
C VAL C 243 -54.65 -30.20 -8.74
N VAL C 244 -55.53 -31.10 -8.34
CA VAL C 244 -55.69 -32.41 -8.94
C VAL C 244 -56.41 -32.27 -10.32
N LEU C 245 -57.22 -31.23 -10.43
CA LEU C 245 -58.00 -30.95 -11.62
C LEU C 245 -57.23 -30.14 -12.67
N GLY C 246 -56.08 -29.59 -12.35
CA GLY C 246 -55.36 -28.73 -13.30
C GLY C 246 -55.77 -27.26 -13.25
N ARG C 247 -56.43 -26.87 -12.17
CA ARG C 247 -56.95 -25.52 -12.02
C ARG C 247 -55.92 -24.57 -11.44
N SER C 248 -56.27 -23.30 -11.49
CA SER C 248 -55.48 -22.26 -10.86
C SER C 248 -55.26 -22.59 -9.38
N CYS C 249 -54.01 -22.41 -8.92
CA CYS C 249 -53.64 -22.72 -7.54
C CYS C 249 -53.06 -21.52 -6.78
N ASP C 250 -53.27 -21.52 -5.47
CA ASP C 250 -52.87 -20.42 -4.63
C ASP C 250 -52.65 -20.91 -3.19
N ALA C 251 -52.46 -19.97 -2.26
CA ALA C 251 -52.19 -20.33 -0.86
C ALA C 251 -53.19 -21.33 -0.28
N LYS C 252 -54.44 -21.24 -0.75
CA LYS C 252 -55.52 -22.01 -0.14
C LYS C 252 -55.22 -23.48 -0.27
N VAL C 253 -54.32 -23.82 -1.19
CA VAL C 253 -53.87 -25.19 -1.34
C VAL C 253 -53.31 -25.76 -0.01
N ASP C 254 -52.59 -24.92 0.73
CA ASP C 254 -52.02 -25.33 2.02
C ASP C 254 -53.10 -25.62 3.08
N VAL C 255 -54.16 -24.83 3.06
CA VAL C 255 -55.20 -24.97 4.07
C VAL C 255 -55.99 -26.28 3.87
N TRP C 256 -56.17 -26.69 2.61
CA TRP C 256 -56.73 -28.03 2.36
C TRP C 256 -55.78 -29.10 2.94
N SER C 257 -54.47 -28.94 2.69
CA SER C 257 -53.50 -29.91 3.20
C SER C 257 -53.40 -29.95 4.73
N SER C 258 -53.47 -28.78 5.33
CA SER C 258 -53.46 -28.70 6.77
C SER C 258 -54.64 -29.48 7.33
N CYS C 259 -55.77 -29.42 6.62
CA CYS C 259 -56.97 -30.07 7.16
C CYS C 259 -56.93 -31.54 6.97
N CYS C 260 -56.23 -32.00 5.94
CA CYS C 260 -56.02 -33.47 5.80
C CYS C 260 -55.04 -33.98 6.84
N MET C 261 -54.05 -33.13 7.16
CA MET C 261 -53.11 -33.41 8.26
C MET C 261 -53.86 -33.51 9.60
N MET C 262 -54.82 -32.61 9.79
CA MET C 262 -55.66 -32.70 10.96
C MET C 262 -56.30 -34.08 11.10
N LEU C 263 -56.87 -34.59 10.01
CA LEU C 263 -57.58 -35.87 10.06
C LEU C 263 -56.60 -36.98 10.35
N HIS C 264 -55.42 -36.88 9.77
CA HIS C 264 -54.32 -37.79 10.07
C HIS C 264 -54.01 -37.80 11.56
N MET C 265 -53.97 -36.62 12.15
CA MET C 265 -53.69 -36.52 13.57
C MET C 265 -54.76 -37.16 14.40
N LEU C 266 -56.03 -36.90 14.08
CA LEU C 266 -57.13 -37.46 14.86
C LEU C 266 -57.31 -38.96 14.56
N ASN C 267 -57.46 -39.32 13.29
CA ASN C 267 -57.82 -40.69 12.91
C ASN C 267 -56.67 -41.68 13.01
N GLY C 268 -55.45 -41.19 12.77
CA GLY C 268 -54.26 -42.05 12.78
C GLY C 268 -53.95 -42.61 11.42
N CYS C 269 -54.66 -42.12 10.41
CA CYS C 269 -54.33 -42.47 9.04
C CYS C 269 -54.72 -41.31 8.10
N HIS C 270 -54.06 -41.31 6.95
CA HIS C 270 -54.34 -40.36 5.89
C HIS C 270 -55.81 -40.48 5.43
N PRO C 271 -56.43 -39.33 5.06
CA PRO C 271 -57.76 -39.41 4.48
C PRO C 271 -57.77 -40.24 3.19
N TRP C 272 -58.96 -40.49 2.64
CA TRP C 272 -59.12 -41.32 1.43
C TRP C 272 -58.62 -42.77 1.51
N THR C 273 -57.34 -42.98 1.89
CA THR C 273 -56.69 -44.30 1.82
C THR C 273 -57.62 -45.40 2.27
N GLN C 274 -58.31 -45.16 3.38
CA GLN C 274 -59.10 -46.20 4.02
C GLN C 274 -60.44 -46.51 3.34
N PHE C 275 -60.73 -45.90 2.20
CA PHE C 275 -61.96 -46.21 1.43
C PHE C 275 -61.76 -46.55 -0.04
N PHE C 276 -60.73 -46.01 -0.68
CA PHE C 276 -60.49 -46.26 -2.11
C PHE C 276 -59.11 -46.85 -2.36
N ARG C 277 -59.00 -47.76 -3.32
CA ARG C 277 -57.73 -48.52 -3.53
C ARG C 277 -56.63 -47.69 -4.23
N GLY C 278 -57.04 -46.83 -5.16
CA GLY C 278 -56.13 -46.00 -5.95
C GLY C 278 -56.39 -46.16 -7.44
N PRO C 279 -56.02 -45.16 -8.26
CA PRO C 279 -55.50 -43.83 -7.94
C PRO C 279 -56.50 -42.95 -7.21
N LEU C 280 -56.00 -42.24 -6.20
CA LEU C 280 -56.83 -41.51 -5.24
C LEU C 280 -57.02 -40.03 -5.64
N CYS C 281 -56.20 -39.56 -6.58
CA CYS C 281 -56.37 -38.23 -7.19
C CYS C 281 -57.70 -38.10 -7.93
N LEU C 282 -58.09 -39.16 -8.60
CA LEU C 282 -59.38 -39.17 -9.29
C LEU C 282 -60.51 -38.92 -8.32
N LYS C 283 -60.46 -39.58 -7.16
CA LYS C 283 -61.52 -39.49 -6.13
C LYS C 283 -61.54 -38.14 -5.37
N ILE C 284 -60.39 -37.47 -5.26
CA ILE C 284 -60.32 -36.10 -4.69
C ILE C 284 -61.11 -35.09 -5.53
N ALA C 285 -60.92 -35.20 -6.86
CA ALA C 285 -61.75 -34.52 -7.86
C ALA C 285 -63.20 -35.03 -7.88
N SER C 286 -63.37 -36.34 -8.15
CA SER C 286 -64.70 -37.00 -8.22
C SER C 286 -65.62 -36.69 -7.02
N GLU C 287 -65.10 -36.93 -5.82
CA GLU C 287 -65.93 -37.09 -4.62
C GLU C 287 -66.11 -35.83 -3.81
N PRO C 288 -67.09 -35.85 -2.91
CA PRO C 288 -67.28 -34.71 -2.02
C PRO C 288 -66.11 -34.56 -1.05
N PRO C 289 -66.03 -33.42 -0.34
CA PRO C 289 -64.97 -33.27 0.63
C PRO C 289 -65.06 -34.33 1.73
N PRO C 290 -63.92 -34.89 2.15
CA PRO C 290 -63.91 -36.03 3.05
C PRO C 290 -64.26 -35.69 4.51
N VAL C 291 -65.24 -34.82 4.73
CA VAL C 291 -65.68 -34.48 6.08
C VAL C 291 -66.39 -35.65 6.80
N ARG C 292 -66.73 -36.71 6.08
CA ARG C 292 -67.13 -37.98 6.70
C ARG C 292 -66.03 -38.54 7.61
N GLU C 293 -64.76 -38.19 7.33
CA GLU C 293 -63.61 -38.77 8.07
C GLU C 293 -63.42 -38.12 9.44
N ILE C 294 -64.10 -37.01 9.69
CA ILE C 294 -64.12 -36.43 11.00
C ILE C 294 -64.68 -37.50 11.93
N PRO C 295 -64.16 -37.59 13.17
CA PRO C 295 -64.81 -38.51 14.11
C PRO C 295 -66.03 -37.82 14.72
N PRO C 296 -67.14 -38.56 14.88
CA PRO C 296 -68.28 -37.90 15.50
C PRO C 296 -67.85 -37.35 16.89
N SER C 297 -67.02 -38.13 17.57
CA SER C 297 -66.40 -37.83 18.86
C SER C 297 -66.12 -36.36 19.14
N CYS C 298 -65.50 -35.67 18.19
CA CYS C 298 -64.98 -34.34 18.47
C CYS C 298 -66.05 -33.26 18.57
N ALA C 299 -65.60 -32.09 18.98
CA ALA C 299 -66.44 -30.94 19.24
C ALA C 299 -67.19 -30.46 18.00
N PRO C 300 -68.25 -29.65 18.19
CA PRO C 300 -68.83 -28.73 17.23
C PRO C 300 -67.83 -27.85 16.50
N LEU C 301 -67.11 -26.97 17.18
CA LEU C 301 -66.21 -26.03 16.45
C LEU C 301 -64.99 -26.70 15.85
N THR C 302 -64.57 -27.83 16.43
CA THR C 302 -63.48 -28.61 15.87
C THR C 302 -63.93 -29.06 14.49
N ALA C 303 -64.93 -29.93 14.45
CA ALA C 303 -65.49 -30.44 13.19
C ALA C 303 -65.91 -29.32 12.24
N GLN C 304 -66.44 -28.23 12.78
CA GLN C 304 -66.85 -27.10 11.94
C GLN C 304 -65.68 -26.52 11.16
N ALA C 305 -64.58 -26.21 11.85
CA ALA C 305 -63.38 -25.63 11.19
C ALA C 305 -62.73 -26.51 10.09
N ILE C 306 -62.69 -27.82 10.33
CA ILE C 306 -62.20 -28.78 9.34
C ILE C 306 -63.00 -28.63 8.05
N GLN C 307 -64.33 -28.57 8.19
CA GLN C 307 -65.24 -28.46 7.04
C GLN C 307 -64.98 -27.24 6.17
N GLU C 308 -64.75 -26.10 6.83
CA GLU C 308 -64.51 -24.83 6.15
C GLU C 308 -63.11 -24.80 5.51
N GLY C 309 -62.26 -25.75 5.90
CA GLY C 309 -60.91 -25.89 5.35
C GLY C 309 -60.83 -26.99 4.31
N LEU C 310 -61.91 -27.78 4.22
CA LEU C 310 -62.04 -28.80 3.20
C LEU C 310 -63.10 -28.46 2.13
N ARG C 311 -63.50 -27.21 2.06
CA ARG C 311 -64.29 -26.75 0.93
C ARG C 311 -63.53 -26.99 -0.39
N LYS C 312 -64.18 -27.64 -1.35
CA LYS C 312 -63.50 -27.96 -2.59
C LYS C 312 -63.07 -26.72 -3.39
N GLU C 313 -63.89 -25.68 -3.37
CA GLU C 313 -63.63 -24.45 -4.11
C GLU C 313 -62.74 -23.50 -3.28
N PRO C 314 -61.49 -23.32 -3.70
CA PRO C 314 -60.56 -22.49 -2.95
C PRO C 314 -61.07 -21.07 -2.67
N ILE C 315 -61.97 -20.58 -3.49
CA ILE C 315 -62.49 -19.27 -3.23
C ILE C 315 -63.33 -19.35 -1.94
N HIS C 316 -64.14 -20.39 -1.81
CA HIS C 316 -64.98 -20.56 -0.60
C HIS C 316 -64.22 -21.08 0.61
N ARG C 317 -63.09 -21.75 0.36
CA ARG C 317 -62.21 -22.18 1.42
C ARG C 317 -61.62 -20.96 2.20
N VAL C 318 -61.51 -21.08 3.54
CA VAL C 318 -60.98 -20.00 4.40
C VAL C 318 -59.45 -19.91 4.32
N SER C 319 -58.91 -18.69 4.32
CA SER C 319 -57.49 -18.47 4.44
C SER C 319 -56.87 -19.07 5.74
N ALA C 320 -55.55 -19.18 5.78
CA ALA C 320 -54.87 -19.69 6.96
C ALA C 320 -55.17 -18.83 8.20
N ALA C 321 -55.15 -17.50 8.03
CA ALA C 321 -55.44 -16.60 9.14
C ALA C 321 -56.77 -16.95 9.77
N GLU C 322 -57.79 -17.06 8.92
CA GLU C 322 -59.15 -17.38 9.37
C GLU C 322 -59.21 -18.68 10.17
N LEU C 323 -58.69 -19.76 9.56
CA LEU C 323 -58.71 -21.06 10.20
C LEU C 323 -57.91 -21.04 11.51
N GLY C 324 -56.86 -20.21 11.57
CA GLY C 324 -56.17 -19.96 12.82
C GLY C 324 -57.16 -19.54 13.90
N GLY C 325 -58.01 -18.58 13.53
CA GLY C 325 -59.08 -18.13 14.40
C GLY C 325 -59.89 -19.31 14.91
N LYS C 326 -60.40 -20.11 13.99
CA LYS C 326 -61.31 -21.20 14.35
C LYS C 326 -60.68 -22.24 15.25
N VAL C 327 -59.43 -22.62 14.97
CA VAL C 327 -58.75 -23.62 15.81
C VAL C 327 -58.50 -23.10 17.22
N ASN C 328 -58.02 -21.86 17.34
CA ASN C 328 -57.81 -21.24 18.65
C ASN C 328 -59.05 -21.38 19.48
N ARG C 329 -60.17 -20.91 18.93
CA ARG C 329 -61.49 -21.08 19.53
C ARG C 329 -61.86 -22.54 19.84
N ALA C 330 -61.88 -23.41 18.84
CA ALA C 330 -62.27 -24.82 19.06
C ALA C 330 -61.39 -25.51 20.13
N LEU C 331 -60.16 -25.04 20.30
CA LEU C 331 -59.32 -25.48 21.42
C LEU C 331 -60.00 -25.06 22.72
N GLN C 332 -60.17 -23.74 22.92
CA GLN C 332 -60.91 -23.17 24.07
C GLN C 332 -62.17 -23.96 24.41
N GLN C 333 -63.05 -24.09 23.43
CA GLN C 333 -64.27 -24.86 23.59
C GLN C 333 -64.02 -26.31 24.02
N VAL C 334 -62.90 -26.91 23.61
CA VAL C 334 -62.59 -28.28 24.04
C VAL C 334 -61.70 -28.27 25.31
N GLY C 335 -61.48 -27.07 25.87
CA GLY C 335 -60.87 -26.89 27.17
C GLY C 335 -59.36 -26.80 27.15
N GLY C 336 -58.83 -25.94 26.29
CA GLY C 336 -57.39 -25.69 26.20
C GLY C 336 -56.50 -26.89 25.93
N LEU C 337 -55.19 -26.61 25.93
CA LEU C 337 -54.16 -27.64 25.80
C LEU C 337 -53.96 -28.42 27.10
N LYS C 338 -54.32 -29.70 27.15
CA LYS C 338 -54.22 -30.50 28.40
C LYS C 338 -53.37 -31.76 28.33
N SER C 339 -53.64 -32.62 27.35
CA SER C 339 -53.02 -33.95 27.26
C SER C 339 -51.49 -33.93 27.19
N PRO C 340 -50.81 -34.78 27.99
CA PRO C 340 -49.35 -34.86 27.89
C PRO C 340 -48.93 -35.26 26.49
N TRP C 341 -47.85 -34.71 25.95
CA TRP C 341 -47.61 -34.91 24.53
C TRP C 341 -47.28 -36.36 24.09
N ARG C 342 -46.70 -37.18 24.97
CA ARG C 342 -46.56 -38.59 24.63
C ARG C 342 -47.30 -39.47 25.64
N GLY C 343 -48.63 -39.35 25.61
CA GLY C 343 -49.53 -40.07 26.53
C GLY C 343 -49.78 -41.55 26.23
N GLU C 344 -51.00 -41.99 26.53
CA GLU C 344 -51.39 -43.37 26.28
C GLU C 344 -51.43 -43.56 24.79
N TYR C 345 -50.98 -44.71 24.31
CA TYR C 345 -51.27 -45.10 22.93
C TYR C 345 -52.78 -44.91 22.74
N LYS C 346 -53.18 -44.66 21.52
CA LYS C 346 -54.57 -44.37 21.20
C LYS C 346 -54.85 -45.06 19.87
N GLU C 347 -55.92 -45.85 19.82
CA GLU C 347 -56.10 -46.82 18.73
C GLU C 347 -56.44 -46.09 17.42
N PRO C 348 -55.64 -46.32 16.36
CA PRO C 348 -56.01 -45.76 15.06
C PRO C 348 -57.35 -46.34 14.54
N ARG C 349 -58.21 -45.44 14.06
CA ARG C 349 -59.55 -45.81 13.61
C ARG C 349 -59.44 -46.88 12.51
N HIS C 350 -60.05 -48.05 12.76
CA HIS C 350 -60.07 -49.17 11.80
C HIS C 350 -60.91 -48.89 10.52
N PRO C 351 -60.69 -49.66 9.44
CA PRO C 351 -61.48 -49.59 8.19
C PRO C 351 -62.98 -49.87 8.33
N PHE D 7 43.57 -29.73 -25.24
CA PHE D 7 44.88 -29.55 -24.53
C PHE D 7 44.78 -28.53 -23.42
N SER D 8 44.49 -27.28 -23.79
CA SER D 8 44.87 -26.13 -22.96
C SER D 8 45.10 -26.56 -21.50
N VAL D 9 46.33 -27.00 -21.22
CA VAL D 9 46.77 -27.53 -19.91
C VAL D 9 45.96 -27.04 -18.70
N GLU D 10 45.52 -25.78 -18.72
CA GLU D 10 44.52 -25.27 -17.76
C GLU D 10 43.46 -26.34 -17.53
N GLU D 11 43.00 -26.91 -18.64
CA GLU D 11 41.85 -27.79 -18.67
C GLU D 11 42.21 -29.18 -18.21
N TYR D 12 43.42 -29.65 -18.50
CA TYR D 12 43.89 -30.88 -17.85
C TYR D 12 43.85 -30.74 -16.33
N LEU D 13 44.32 -29.61 -15.84
CA LEU D 13 44.33 -29.33 -14.40
C LEU D 13 42.89 -29.32 -13.88
N VAL D 14 42.02 -28.57 -14.54
CA VAL D 14 40.65 -28.45 -14.08
C VAL D 14 39.97 -29.80 -14.08
N HIS D 15 40.38 -30.67 -14.98
CA HIS D 15 39.81 -31.99 -15.06
C HIS D 15 40.24 -32.77 -13.85
N ALA D 16 41.52 -32.72 -13.52
CA ALA D 16 42.05 -33.38 -12.33
C ALA D 16 41.27 -33.06 -11.05
N LEU D 17 40.65 -31.87 -11.01
CA LEU D 17 39.84 -31.45 -9.85
C LEU D 17 38.36 -31.86 -9.95
N GLN D 18 37.85 -32.15 -11.14
CA GLN D 18 36.44 -32.54 -11.22
C GLN D 18 36.14 -33.93 -10.66
N GLY D 19 34.96 -34.04 -10.08
CA GLY D 19 34.44 -35.31 -9.60
C GLY D 19 34.96 -35.71 -8.25
N SER D 20 35.59 -34.76 -7.56
CA SER D 20 36.02 -35.01 -6.18
C SER D 20 36.21 -33.72 -5.42
N VAL D 21 36.40 -33.83 -4.11
CA VAL D 21 36.66 -32.66 -3.32
C VAL D 21 38.00 -32.88 -2.66
N SER D 22 38.87 -31.87 -2.72
CA SER D 22 40.24 -31.93 -2.19
C SER D 22 40.63 -30.75 -1.31
N SER D 23 41.57 -30.96 -0.40
CA SER D 23 42.21 -29.85 0.28
C SER D 23 43.21 -29.30 -0.71
N GLY D 24 43.01 -28.05 -1.12
CA GLY D 24 43.83 -27.42 -2.16
C GLY D 24 44.04 -25.94 -1.92
N GLN D 25 44.29 -25.23 -3.02
CA GLN D 25 44.62 -23.82 -2.91
C GLN D 25 43.60 -22.95 -3.61
N ALA D 26 43.52 -21.69 -3.23
CA ALA D 26 42.58 -20.74 -3.83
C ALA D 26 42.54 -20.75 -5.36
N HIS D 27 43.70 -20.75 -6.01
CA HIS D 27 43.74 -20.71 -7.50
C HIS D 27 43.07 -21.92 -8.18
N SER D 28 43.06 -23.08 -7.51
CA SER D 28 42.33 -24.29 -7.94
C SER D 28 40.83 -24.20 -7.74
N LEU D 29 40.41 -23.66 -6.60
CA LEU D 29 39.01 -23.41 -6.37
C LEU D 29 38.43 -22.40 -7.38
N THR D 30 39.17 -21.33 -7.64
CA THR D 30 38.81 -20.40 -8.71
C THR D 30 38.59 -21.12 -10.05
N SER D 31 39.54 -21.97 -10.43
CA SER D 31 39.47 -22.71 -11.70
C SER D 31 38.22 -23.56 -11.84
N LEU D 32 37.94 -24.34 -10.81
CA LEU D 32 36.81 -25.25 -10.79
C LEU D 32 35.51 -24.45 -10.79
N ALA D 33 35.46 -23.44 -9.94
CA ALA D 33 34.30 -22.56 -9.85
C ALA D 33 33.81 -22.11 -11.23
N LYS D 34 34.73 -21.72 -12.11
CA LYS D 34 34.37 -21.33 -13.46
C LYS D 34 33.62 -22.41 -14.24
N THR D 35 33.92 -23.68 -13.99
CA THR D 35 33.15 -24.76 -14.64
C THR D 35 31.72 -24.86 -14.13
N TRP D 36 31.46 -24.41 -12.91
CA TRP D 36 30.13 -24.45 -12.36
C TRP D 36 29.23 -23.36 -12.93
N ALA D 37 29.83 -22.23 -13.32
CA ALA D 37 29.06 -21.11 -13.88
C ALA D 37 28.69 -21.30 -15.37
N ALA D 38 29.57 -21.96 -16.12
CA ALA D 38 29.31 -22.28 -17.55
C ALA D 38 27.97 -23.02 -17.75
N ARG D 39 27.84 -24.14 -17.04
CA ARG D 39 26.64 -25.00 -16.98
C ARG D 39 25.32 -24.29 -16.55
N THR D 50 24.94 -39.66 -8.54
CA THR D 50 25.51 -38.90 -7.43
C THR D 50 25.15 -37.40 -7.48
N GLU D 51 24.89 -36.87 -8.68
CA GLU D 51 25.06 -35.44 -9.01
C GLU D 51 26.41 -34.96 -8.38
N ASP D 52 27.46 -35.02 -9.18
CA ASP D 52 28.83 -35.09 -8.65
C ASP D 52 29.06 -34.19 -7.45
N ASN D 53 29.69 -34.76 -6.43
CA ASN D 53 30.16 -34.03 -5.29
C ASN D 53 31.61 -33.68 -5.62
N GLU D 54 31.92 -32.39 -5.64
CA GLU D 54 33.25 -31.93 -6.01
C GLU D 54 33.47 -30.53 -5.48
N GLY D 55 34.72 -30.16 -5.26
CA GLY D 55 35.05 -28.84 -4.68
C GLY D 55 36.46 -28.81 -4.14
N VAL D 56 36.89 -27.67 -3.65
CA VAL D 56 38.17 -27.61 -2.89
C VAL D 56 38.00 -26.86 -1.58
N LEU D 57 38.73 -27.32 -0.56
CA LEU D 57 38.71 -26.71 0.76
C LEU D 57 40.07 -26.05 1.03
N LEU D 58 40.04 -24.86 1.57
CA LEU D 58 41.26 -24.12 1.80
C LEU D 58 41.89 -24.30 3.18
N THR D 59 41.10 -24.55 4.23
CA THR D 59 41.64 -24.83 5.57
C THR D 59 41.71 -26.31 5.79
N GLU D 60 42.68 -26.73 6.56
CA GLU D 60 42.75 -28.14 7.00
C GLU D 60 41.69 -28.44 8.07
N LYS D 61 41.05 -27.40 8.61
CA LYS D 61 39.94 -27.52 9.56
C LYS D 61 38.63 -28.03 8.93
N LEU D 62 38.63 -28.13 7.61
CA LEU D 62 37.49 -28.59 6.85
C LEU D 62 38.04 -29.64 5.89
N LYS D 63 37.93 -30.89 6.31
CA LYS D 63 38.61 -31.97 5.63
C LYS D 63 37.65 -32.91 4.87
N PRO D 64 38.00 -33.23 3.61
CA PRO D 64 37.21 -34.22 2.90
C PRO D 64 37.50 -35.65 3.39
N VAL D 65 36.61 -36.59 3.08
CA VAL D 65 36.88 -37.99 3.39
C VAL D 65 36.61 -38.80 2.12
N ASP D 66 37.55 -39.67 1.82
CA ASP D 66 37.56 -40.46 0.58
C ASP D 66 36.94 -39.69 -0.56
N TYR D 67 37.54 -38.57 -0.92
CA TYR D 67 37.17 -37.81 -2.13
C TYR D 67 35.80 -37.12 -2.07
N GLU D 68 35.19 -37.08 -0.90
CA GLU D 68 33.84 -36.58 -0.77
C GLU D 68 33.72 -35.57 0.34
N TYR D 69 32.68 -34.73 0.28
CA TYR D 69 32.31 -33.79 1.35
C TYR D 69 30.82 -33.42 1.23
N ARG D 70 29.98 -34.22 1.89
CA ARG D 70 28.54 -34.22 1.65
C ARG D 70 27.81 -33.76 2.88
N GLU D 71 26.71 -33.05 2.67
CA GLU D 71 25.92 -32.55 3.78
C GLU D 71 25.36 -33.72 4.58
N GLU D 72 25.36 -33.58 5.90
CA GLU D 72 24.80 -34.59 6.83
C GLU D 72 25.65 -35.85 6.99
N VAL D 73 26.57 -36.10 6.05
CA VAL D 73 27.51 -37.19 6.21
C VAL D 73 28.79 -36.68 6.85
N HIS D 74 29.40 -35.66 6.26
CA HIS D 74 30.75 -35.23 6.65
C HIS D 74 30.70 -33.92 7.39
N TRP D 75 29.73 -33.09 7.05
CA TRP D 75 29.46 -31.89 7.78
C TRP D 75 27.97 -31.77 7.99
N ALA D 76 27.58 -30.95 8.96
CA ALA D 76 26.16 -30.70 9.24
C ALA D 76 25.95 -29.28 9.68
N THR D 77 24.79 -28.72 9.34
CA THR D 77 24.44 -27.38 9.81
C THR D 77 23.92 -27.48 11.24
N HIS D 78 24.15 -26.43 12.01
CA HIS D 78 23.74 -26.44 13.38
C HIS D 78 22.25 -26.21 13.42
N GLN D 79 21.58 -27.24 13.94
CA GLN D 79 20.19 -27.20 14.32
C GLN D 79 20.19 -26.82 15.81
N LEU D 80 19.87 -25.57 16.12
CA LEU D 80 19.63 -24.54 15.11
C LEU D 80 20.04 -23.15 15.59
N ARG D 81 21.06 -22.58 14.96
CA ARG D 81 21.25 -21.12 14.93
C ARG D 81 20.30 -20.57 13.87
N LEU D 82 19.94 -19.29 13.97
CA LEU D 82 19.09 -18.65 12.95
C LEU D 82 19.78 -18.73 11.61
N GLY D 83 19.02 -19.09 10.57
CA GLY D 83 19.46 -18.92 9.19
C GLY D 83 19.53 -17.42 8.92
N ARG D 84 20.62 -17.00 8.26
CA ARG D 84 20.94 -15.59 8.10
C ARG D 84 21.04 -15.23 6.63
N GLY D 85 21.16 -13.93 6.38
CA GLY D 85 21.22 -13.40 5.02
C GLY D 85 19.85 -13.33 4.38
N SER D 86 19.79 -12.64 3.24
CA SER D 86 18.52 -12.33 2.62
C SER D 86 17.58 -13.51 2.34
N PHE D 87 18.14 -14.69 2.03
CA PHE D 87 17.31 -15.84 1.70
C PHE D 87 17.42 -16.93 2.75
N GLY D 88 17.89 -16.55 3.93
CA GLY D 88 18.22 -17.54 4.94
C GLY D 88 19.17 -18.58 4.38
N GLU D 89 20.06 -18.18 3.46
CA GLU D 89 21.00 -19.12 2.82
C GLU D 89 22.16 -19.45 3.74
N VAL D 90 22.45 -18.58 4.69
CA VAL D 90 23.67 -18.72 5.46
C VAL D 90 23.40 -19.42 6.77
N HIS D 91 24.11 -20.53 7.03
CA HIS D 91 23.98 -21.24 8.29
C HIS D 91 25.31 -21.43 8.96
N ARG D 92 25.30 -21.53 10.29
CA ARG D 92 26.51 -21.97 10.96
C ARG D 92 26.49 -23.47 10.79
N MET D 93 27.68 -24.07 10.83
CA MET D 93 27.84 -25.46 10.46
C MET D 93 29.11 -26.06 11.06
N GLU D 94 29.20 -27.39 11.03
CA GLU D 94 30.30 -28.10 11.69
C GLU D 94 30.84 -29.23 10.84
N ASP D 95 32.16 -29.38 10.78
CA ASP D 95 32.77 -30.55 10.15
C ASP D 95 32.72 -31.70 11.15
N LYS D 96 32.01 -32.78 10.82
CA LYS D 96 31.74 -33.87 11.79
C LYS D 96 32.98 -34.67 12.25
N GLN D 97 34.13 -34.39 11.66
CA GLN D 97 35.38 -35.05 12.01
C GLN D 97 36.31 -34.14 12.81
N THR D 98 36.31 -32.87 12.45
CA THR D 98 37.21 -31.87 12.98
C THR D 98 36.62 -31.11 14.16
N GLY D 99 35.29 -31.00 14.18
CA GLY D 99 34.58 -30.30 15.25
C GLY D 99 34.74 -28.80 15.16
N PHE D 100 35.43 -28.36 14.12
CA PHE D 100 35.64 -26.96 13.84
C PHE D 100 34.35 -26.40 13.26
N GLN D 101 34.08 -25.16 13.61
CA GLN D 101 32.86 -24.50 13.16
C GLN D 101 33.13 -23.35 12.21
N CYS D 102 32.21 -23.19 11.28
CA CYS D 102 32.22 -22.04 10.43
C CYS D 102 30.90 -21.91 9.68
N ALA D 103 30.86 -21.04 8.68
CA ALA D 103 29.62 -20.66 8.03
C ALA D 103 29.51 -21.19 6.60
N VAL D 104 28.28 -21.50 6.19
CA VAL D 104 27.95 -21.92 4.83
C VAL D 104 26.97 -20.96 4.22
N LYS D 105 27.25 -20.52 3.01
CA LYS D 105 26.27 -19.85 2.20
C LYS D 105 25.91 -20.81 1.10
N LYS D 106 24.62 -21.12 1.00
CA LYS D 106 24.11 -21.92 -0.10
C LYS D 106 23.78 -21.02 -1.25
N VAL D 107 24.33 -21.38 -2.41
CA VAL D 107 23.94 -20.80 -3.68
C VAL D 107 23.37 -21.91 -4.55
N ARG D 108 22.27 -21.63 -5.25
CA ARG D 108 21.77 -22.57 -6.24
C ARG D 108 22.77 -22.67 -7.39
N LEU D 109 23.15 -23.91 -7.67
CA LEU D 109 24.06 -24.22 -8.76
C LEU D 109 23.76 -23.43 -10.02
N GLU D 110 22.47 -23.31 -10.37
CA GLU D 110 22.09 -22.88 -11.71
C GLU D 110 22.22 -21.36 -11.92
N VAL D 111 22.50 -20.62 -10.85
CA VAL D 111 22.78 -19.22 -11.00
C VAL D 111 24.08 -18.86 -10.33
N PHE D 112 24.91 -19.85 -10.04
CA PHE D 112 26.24 -19.60 -9.47
C PHE D 112 27.12 -18.78 -10.44
N ARG D 113 27.83 -17.80 -9.90
CA ARG D 113 28.74 -16.98 -10.68
C ARG D 113 30.09 -17.08 -9.98
N ALA D 114 31.11 -17.53 -10.72
CA ALA D 114 32.46 -17.78 -10.18
C ALA D 114 33.01 -16.55 -9.51
N GLU D 115 32.67 -15.38 -10.05
CA GLU D 115 33.09 -14.12 -9.47
C GLU D 115 32.88 -14.01 -7.96
N GLU D 116 31.86 -14.67 -7.41
CA GLU D 116 31.63 -14.69 -5.96
C GLU D 116 32.82 -15.28 -5.20
N LEU D 117 33.55 -16.19 -5.84
CA LEU D 117 34.76 -16.80 -5.26
C LEU D 117 36.04 -16.09 -5.69
N MET D 118 36.06 -15.52 -6.89
CA MET D 118 37.22 -14.80 -7.37
C MET D 118 37.48 -13.62 -6.44
N ALA D 119 36.41 -12.92 -6.10
CA ALA D 119 36.50 -11.79 -5.20
C ALA D 119 37.21 -12.03 -3.86
N CYS D 120 37.02 -13.18 -3.24
CA CYS D 120 37.55 -13.39 -1.88
C CYS D 120 38.45 -14.62 -1.67
N ALA D 121 38.65 -15.41 -2.73
CA ALA D 121 39.63 -16.48 -2.69
C ALA D 121 41.01 -15.92 -2.42
N GLY D 122 41.81 -16.68 -1.68
CA GLY D 122 43.20 -16.35 -1.44
C GLY D 122 43.41 -15.03 -0.75
N LEU D 123 44.55 -14.42 -1.07
CA LEU D 123 44.99 -13.20 -0.42
C LEU D 123 43.88 -12.27 0.04
N THR D 124 44.01 -11.86 1.30
CA THR D 124 42.90 -11.32 2.06
C THR D 124 43.26 -9.93 2.55
N SER D 125 42.41 -8.97 2.21
CA SER D 125 42.28 -7.78 3.03
C SER D 125 41.62 -8.21 4.33
N PRO D 126 42.06 -7.67 5.47
CA PRO D 126 41.30 -7.94 6.70
C PRO D 126 39.85 -7.46 6.60
N ARG D 127 39.56 -6.63 5.59
CA ARG D 127 38.21 -6.08 5.37
C ARG D 127 37.42 -6.94 4.34
N ILE D 128 37.92 -8.15 4.05
CA ILE D 128 37.24 -9.18 3.26
C ILE D 128 37.15 -10.52 4.04
N VAL D 129 35.93 -11.05 4.25
CA VAL D 129 35.75 -12.38 4.87
C VAL D 129 36.70 -13.44 4.35
N PRO D 130 37.24 -14.26 5.27
CA PRO D 130 38.06 -15.37 4.84
C PRO D 130 37.20 -16.42 4.19
N LEU D 131 37.58 -16.82 2.99
CA LEU D 131 36.95 -17.93 2.31
C LEU D 131 37.62 -19.23 2.69
N TYR D 132 36.82 -20.18 3.17
CA TYR D 132 37.31 -21.46 3.69
C TYR D 132 37.20 -22.56 2.64
N GLY D 133 36.32 -22.38 1.66
CA GLY D 133 36.26 -23.26 0.50
C GLY D 133 34.91 -23.23 -0.17
N ALA D 134 34.69 -24.13 -1.10
CA ALA D 134 33.38 -24.27 -1.69
C ALA D 134 33.26 -25.67 -2.23
N VAL D 135 32.12 -26.32 -1.96
CA VAL D 135 31.82 -27.62 -2.60
C VAL D 135 30.41 -27.70 -3.18
N ARG D 136 30.36 -28.30 -4.36
CA ARG D 136 29.14 -28.57 -5.08
C ARG D 136 28.59 -29.91 -4.67
N GLU D 137 27.31 -29.93 -4.36
CA GLU D 137 26.58 -31.16 -4.13
C GLU D 137 25.17 -31.02 -4.71
N GLY D 138 24.86 -31.88 -5.67
CA GLY D 138 23.57 -31.87 -6.32
C GLY D 138 23.32 -30.53 -6.95
N PRO D 139 22.18 -29.89 -6.57
CA PRO D 139 21.74 -28.56 -7.03
C PRO D 139 22.32 -27.37 -6.25
N TRP D 140 23.23 -27.66 -5.32
CA TRP D 140 23.78 -26.62 -4.48
C TRP D 140 25.26 -26.35 -4.66
N VAL D 141 25.67 -25.10 -4.51
CA VAL D 141 27.06 -24.79 -4.20
C VAL D 141 27.07 -24.35 -2.74
N ASN D 142 27.90 -25.02 -1.96
CA ASN D 142 28.09 -24.68 -0.58
C ASN D 142 29.38 -23.90 -0.44
N ILE D 143 29.28 -22.63 -0.06
CA ILE D 143 30.47 -21.80 0.07
C ILE D 143 30.76 -21.63 1.53
N PHE D 144 31.99 -21.96 1.94
CA PHE D 144 32.38 -21.99 3.35
C PHE D 144 33.31 -20.82 3.65
N MET D 145 33.18 -20.28 4.86
CA MET D 145 33.98 -19.14 5.24
C MET D 145 34.01 -18.99 6.75
N GLU D 146 35.02 -18.27 7.25
CA GLU D 146 35.09 -17.92 8.67
C GLU D 146 33.76 -17.38 9.18
N LEU D 147 33.27 -17.97 10.26
CA LEU D 147 32.11 -17.45 10.95
C LEU D 147 32.56 -16.21 11.72
N LEU D 148 31.94 -15.08 11.42
CA LEU D 148 32.24 -13.83 12.11
C LEU D 148 31.23 -13.60 13.22
N GLU D 149 31.63 -13.79 14.48
CA GLU D 149 30.63 -13.89 15.53
C GLU D 149 29.83 -12.57 15.79
N GLY D 150 30.35 -11.43 15.33
CA GLY D 150 29.64 -10.16 15.49
C GLY D 150 28.31 -9.96 14.73
N GLY D 151 28.03 -10.75 13.71
CA GLY D 151 26.79 -10.56 12.90
C GLY D 151 26.86 -9.48 11.85
N SER D 152 25.77 -9.23 11.13
CA SER D 152 25.81 -8.24 10.03
C SER D 152 25.69 -6.80 10.54
N LEU D 153 26.21 -5.86 9.77
CA LEU D 153 26.07 -4.46 10.10
C LEU D 153 24.59 -4.11 9.96
N GLY D 154 23.89 -4.88 9.12
CA GLY D 154 22.46 -4.77 8.97
C GLY D 154 21.68 -5.16 10.21
N GLN D 155 22.06 -6.27 10.83
CA GLN D 155 21.41 -6.67 12.06
C GLN D 155 21.64 -5.58 13.11
N LEU D 156 22.91 -5.13 13.18
CA LEU D 156 23.36 -4.09 14.12
C LEU D 156 22.44 -2.88 14.09
N VAL D 157 22.14 -2.35 12.90
CA VAL D 157 21.21 -1.21 12.79
C VAL D 157 19.74 -1.58 13.13
N LYS D 158 19.26 -2.78 12.79
CA LYS D 158 17.89 -3.16 13.15
C LYS D 158 17.77 -3.36 14.68
N GLU D 159 18.84 -3.81 15.33
CA GLU D 159 18.83 -3.93 16.80
C GLU D 159 18.79 -2.56 17.46
N GLN D 160 19.69 -1.70 17.00
CA GLN D 160 19.95 -0.40 17.62
C GLN D 160 19.00 0.69 17.17
N GLY D 161 18.13 0.39 16.21
CA GLY D 161 17.36 1.43 15.48
C GLY D 161 18.20 2.18 14.43
N CYS D 162 19.25 2.85 14.90
CA CYS D 162 20.25 3.44 14.03
C CYS D 162 21.54 3.77 14.78
N LEU D 163 22.60 4.00 14.01
CA LEU D 163 23.93 4.07 14.56
C LEU D 163 24.35 5.49 14.84
N PRO D 164 25.12 5.67 15.93
CA PRO D 164 25.69 6.96 16.15
C PRO D 164 26.66 7.31 15.05
N GLU D 165 26.69 8.60 14.70
CA GLU D 165 27.53 9.12 13.66
C GLU D 165 28.96 8.58 13.69
N ASP D 166 29.59 8.53 14.87
CA ASP D 166 31.03 8.11 14.96
C ASP D 166 31.20 6.65 14.55
N ARG D 167 30.24 5.81 14.96
CA ARG D 167 30.18 4.43 14.50
C ARG D 167 30.01 4.41 12.99
N ALA D 168 28.91 4.94 12.51
CA ALA D 168 28.62 4.96 11.09
C ALA D 168 29.81 5.29 10.25
N LEU D 169 30.48 6.37 10.58
CA LEU D 169 31.71 6.76 9.91
C LEU D 169 32.75 5.64 9.97
N TYR D 170 32.93 5.11 11.17
CA TYR D 170 33.91 4.06 11.41
C TYR D 170 33.70 2.90 10.43
N TYR D 171 32.51 2.35 10.43
CA TYR D 171 32.21 1.18 9.59
C TYR D 171 32.14 1.48 8.11
N LEU D 172 31.83 2.72 7.74
CA LEU D 172 31.91 3.17 6.35
C LEU D 172 33.36 3.18 5.89
N GLY D 173 34.25 3.70 6.75
CA GLY D 173 35.68 3.73 6.48
C GLY D 173 36.16 2.32 6.22
N GLN D 174 35.68 1.40 7.04
CA GLN D 174 36.23 0.08 7.01
C GLN D 174 35.79 -0.64 5.77
N ALA D 175 34.51 -0.60 5.50
CA ALA D 175 34.01 -1.06 4.22
C ALA D 175 34.80 -0.46 3.03
N LEU D 176 35.11 0.84 3.11
CA LEU D 176 35.79 1.50 2.01
C LEU D 176 37.19 0.94 1.80
N GLU D 177 37.90 0.61 2.87
CA GLU D 177 39.23 0.04 2.75
C GLU D 177 39.11 -1.29 2.02
N GLY D 178 38.08 -2.04 2.35
CA GLY D 178 37.80 -3.30 1.68
C GLY D 178 37.56 -3.07 0.20
N LEU D 179 36.82 -2.00 -0.10
CA LEU D 179 36.47 -1.63 -1.47
C LEU D 179 37.71 -1.18 -2.27
N GLU D 180 38.59 -0.39 -1.65
CA GLU D 180 39.88 -0.03 -2.24
C GLU D 180 40.64 -1.28 -2.65
N TYR D 181 40.65 -2.29 -1.78
CA TYR D 181 41.34 -3.56 -2.06
C TYR D 181 40.74 -4.30 -3.26
N LEU D 182 39.41 -4.34 -3.34
CA LEU D 182 38.71 -4.99 -4.48
C LEU D 182 38.86 -4.18 -5.76
N HIS D 183 38.82 -2.87 -5.65
CA HIS D 183 38.98 -2.02 -6.81
C HIS D 183 40.40 -2.11 -7.35
N SER D 184 41.39 -2.07 -6.47
CA SER D 184 42.78 -2.28 -6.90
C SER D 184 42.94 -3.61 -7.66
N ARG D 185 42.20 -4.65 -7.25
CA ARG D 185 42.20 -5.98 -7.90
C ARG D 185 41.23 -6.01 -9.10
N ARG D 186 40.82 -4.85 -9.59
CA ARG D 186 39.77 -4.75 -10.65
C ARG D 186 38.56 -5.70 -10.47
N ILE D 187 38.01 -5.72 -9.25
CA ILE D 187 36.72 -6.35 -8.94
C ILE D 187 35.83 -5.28 -8.32
N LEU D 188 34.61 -5.11 -8.83
CA LEU D 188 33.65 -4.31 -8.07
C LEU D 188 32.70 -5.24 -7.33
N HIS D 189 32.22 -4.77 -6.18
CA HIS D 189 31.48 -5.64 -5.27
C HIS D 189 30.07 -5.86 -5.80
N GLY D 190 29.45 -4.77 -6.23
CA GLY D 190 28.14 -4.84 -6.86
C GLY D 190 26.94 -4.74 -5.95
N ASP D 191 26.97 -5.24 -4.72
CA ASP D 191 25.84 -5.05 -3.82
C ASP D 191 26.18 -4.55 -2.40
N VAL D 192 26.87 -3.43 -2.29
CA VAL D 192 27.32 -3.05 -0.95
C VAL D 192 26.14 -2.47 -0.16
N LYS D 193 26.10 -2.84 1.12
CA LYS D 193 25.06 -2.45 2.05
C LYS D 193 25.34 -3.13 3.37
N ALA D 194 24.55 -2.78 4.37
CA ALA D 194 24.85 -3.15 5.75
C ALA D 194 24.73 -4.63 5.96
N ASP D 195 23.68 -5.19 5.36
CA ASP D 195 23.50 -6.63 5.38
C ASP D 195 24.73 -7.42 4.88
N ASN D 196 25.54 -6.81 4.02
CA ASN D 196 26.71 -7.50 3.49
C ASN D 196 28.03 -6.99 4.02
N VAL D 197 28.03 -6.41 5.23
CA VAL D 197 29.25 -6.32 6.04
C VAL D 197 29.07 -6.97 7.42
N LEU D 198 30.09 -7.72 7.77
CA LEU D 198 30.09 -8.61 8.88
C LEU D 198 31.03 -8.05 9.94
N LEU D 199 30.76 -8.31 11.21
CA LEU D 199 31.48 -7.69 12.31
C LEU D 199 32.22 -8.76 13.15
N SER D 200 33.38 -8.40 13.73
CA SER D 200 34.07 -9.31 14.65
C SER D 200 33.37 -9.33 15.99
N SER D 201 33.84 -10.19 16.90
CA SER D 201 33.17 -10.47 18.18
C SER D 201 32.94 -9.22 19.04
N ASP D 202 33.90 -8.30 19.06
CA ASP D 202 33.75 -7.03 19.80
C ASP D 202 33.26 -5.88 18.92
N GLY D 203 33.02 -6.15 17.65
CA GLY D 203 32.50 -5.14 16.74
C GLY D 203 33.51 -4.12 16.27
N SER D 204 34.78 -4.31 16.58
CA SER D 204 35.78 -3.35 16.15
C SER D 204 36.21 -3.57 14.68
N HIS D 205 35.91 -4.74 14.11
CA HIS D 205 36.34 -5.04 12.75
C HIS D 205 35.19 -5.44 11.80
N ALA D 206 35.14 -4.75 10.67
CA ALA D 206 34.15 -4.97 9.63
C ALA D 206 34.83 -5.57 8.40
N ALA D 207 34.12 -6.46 7.74
CA ALA D 207 34.62 -7.09 6.51
C ALA D 207 33.48 -7.25 5.54
N LEU D 208 33.79 -7.08 4.28
CA LEU D 208 32.79 -7.21 3.25
C LEU D 208 32.51 -8.68 3.05
N CYS D 209 31.25 -8.99 2.75
CA CYS D 209 30.85 -10.31 2.37
C CYS D 209 29.81 -10.19 1.25
N ASP D 210 29.17 -11.32 0.91
CA ASP D 210 28.25 -11.45 -0.23
C ASP D 210 28.76 -10.92 -1.58
N PHE D 211 29.65 -11.65 -2.23
CA PHE D 211 30.23 -11.25 -3.51
C PHE D 211 29.47 -11.83 -4.69
N GLY D 212 28.19 -12.06 -4.50
CA GLY D 212 27.43 -12.80 -5.47
C GLY D 212 27.13 -11.95 -6.70
N HIS D 213 27.27 -10.64 -6.54
CA HIS D 213 27.04 -9.70 -7.61
C HIS D 213 28.36 -9.04 -8.06
N ALA D 214 29.51 -9.56 -7.62
CA ALA D 214 30.74 -8.92 -8.04
C ALA D 214 30.91 -9.08 -9.54
N VAL D 215 31.66 -8.19 -10.17
CA VAL D 215 31.94 -8.31 -11.57
C VAL D 215 33.35 -7.82 -11.81
N CYS D 216 33.97 -8.28 -12.89
CA CYS D 216 35.38 -7.94 -13.19
C CYS D 216 35.49 -6.85 -14.22
N LEU D 217 36.51 -6.00 -14.05
CA LEU D 217 36.79 -4.93 -15.01
C LEU D 217 37.82 -5.37 -16.07
N GLN D 218 38.27 -4.44 -16.90
CA GLN D 218 38.81 -4.77 -18.24
C GLN D 218 40.34 -5.04 -18.35
N PRO D 219 41.24 -4.02 -18.40
CA PRO D 219 41.38 -2.58 -18.14
C PRO D 219 40.19 -1.80 -17.61
N ASP D 220 39.70 -0.85 -18.41
CA ASP D 220 38.57 -0.02 -18.04
C ASP D 220 37.80 0.42 -19.29
N GLY D 221 37.48 -0.56 -20.14
CA GLY D 221 36.37 -0.43 -21.08
C GLY D 221 35.06 -0.01 -20.43
N LEU D 222 34.88 -0.34 -19.14
CA LEU D 222 33.74 0.13 -18.33
C LEU D 222 32.41 -0.42 -18.86
N GLY D 223 32.17 -1.70 -18.59
CA GLY D 223 30.99 -2.40 -19.11
C GLY D 223 29.72 -1.99 -18.41
N LYS D 224 28.60 -2.15 -19.10
CA LYS D 224 27.30 -1.86 -18.54
C LYS D 224 26.83 -3.06 -17.73
N SER D 225 26.74 -2.91 -16.41
CA SER D 225 26.41 -4.03 -15.52
C SER D 225 25.13 -4.79 -15.89
N LEU D 226 23.99 -4.11 -15.84
CA LEU D 226 22.72 -4.78 -16.10
C LEU D 226 22.52 -4.83 -17.61
N LEU D 227 21.73 -5.79 -18.06
CA LEU D 227 21.61 -6.17 -19.49
C LEU D 227 22.72 -7.13 -19.95
N THR D 228 22.38 -8.41 -19.89
CA THR D 228 23.31 -9.55 -19.79
C THR D 228 22.33 -10.78 -19.69
N GLY D 229 22.74 -12.05 -19.83
CA GLY D 229 23.97 -12.64 -19.35
C GLY D 229 23.53 -13.14 -17.98
N ASP D 230 24.44 -13.71 -17.20
CA ASP D 230 24.12 -14.10 -15.80
C ASP D 230 23.43 -12.98 -14.98
N TYR D 231 23.96 -11.75 -15.10
CA TYR D 231 23.85 -10.75 -14.05
C TYR D 231 22.47 -10.54 -13.48
N ILE D 232 22.37 -10.84 -12.20
CA ILE D 232 21.33 -10.28 -11.36
C ILE D 232 21.97 -9.10 -10.58
N PRO D 233 21.25 -7.97 -10.46
CA PRO D 233 21.85 -6.77 -9.92
C PRO D 233 21.65 -6.69 -8.42
N GLY D 234 22.13 -5.62 -7.80
CA GLY D 234 22.10 -5.49 -6.35
C GLY D 234 20.82 -4.88 -5.82
N THR D 235 20.92 -4.34 -4.62
CA THR D 235 19.80 -3.76 -3.93
C THR D 235 19.36 -2.43 -4.54
N GLU D 236 18.15 -2.43 -5.07
CA GLU D 236 17.56 -1.33 -5.84
C GLU D 236 17.81 0.00 -5.12
N THR D 237 17.38 -0.03 -3.88
CA THR D 237 17.50 1.06 -2.99
C THR D 237 18.94 1.62 -2.94
N HIS D 238 19.95 0.75 -3.07
CA HIS D 238 21.35 1.20 -3.02
C HIS D 238 22.02 1.47 -4.36
N MET D 239 21.33 1.27 -5.48
CA MET D 239 22.08 1.30 -6.74
C MET D 239 22.25 2.67 -7.36
N ALA D 240 23.46 2.88 -7.91
CA ALA D 240 23.87 4.12 -8.59
C ALA D 240 23.02 4.43 -9.83
N PRO D 241 22.93 5.71 -10.21
CA PRO D 241 22.14 6.06 -11.37
C PRO D 241 22.70 5.42 -12.63
N GLU D 242 24.00 5.39 -12.77
CA GLU D 242 24.56 4.80 -13.96
C GLU D 242 24.13 3.34 -14.18
N VAL D 243 23.93 2.60 -13.09
CA VAL D 243 23.42 1.23 -13.16
C VAL D 243 21.99 1.22 -13.69
N VAL D 244 21.19 2.02 -13.02
CA VAL D 244 19.78 2.06 -13.23
C VAL D 244 19.47 2.60 -14.62
N LEU D 245 20.36 3.41 -15.17
CA LEU D 245 20.10 4.13 -16.43
C LEU D 245 20.57 3.31 -17.63
N GLY D 246 21.17 2.15 -17.39
CA GLY D 246 21.72 1.41 -18.50
C GLY D 246 23.02 2.01 -19.04
N ARG D 247 23.66 2.87 -18.27
CA ARG D 247 24.92 3.50 -18.72
C ARG D 247 26.11 2.64 -18.37
N SER D 248 27.30 3.07 -18.78
CA SER D 248 28.52 2.36 -18.41
C SER D 248 28.79 2.41 -16.90
N CYS D 249 29.23 1.29 -16.32
CA CYS D 249 29.47 1.14 -14.89
C CYS D 249 30.89 0.73 -14.55
N ASP D 250 31.39 1.26 -13.43
CA ASP D 250 32.74 0.92 -12.90
C ASP D 250 32.74 0.82 -11.37
N ALA D 251 33.92 0.70 -10.78
CA ALA D 251 34.07 0.71 -9.32
C ALA D 251 33.24 1.80 -8.58
N LYS D 252 33.13 3.00 -9.15
CA LYS D 252 32.39 4.11 -8.48
C LYS D 252 30.96 3.76 -8.06
N VAL D 253 30.41 2.72 -8.68
CA VAL D 253 29.10 2.15 -8.32
C VAL D 253 29.05 1.71 -6.86
N ASP D 254 30.15 1.11 -6.40
CA ASP D 254 30.29 0.73 -5.00
C ASP D 254 30.30 1.95 -4.08
N VAL D 255 30.98 3.04 -4.46
CA VAL D 255 31.05 4.21 -3.56
C VAL D 255 29.68 4.91 -3.46
N TRP D 256 28.86 4.80 -4.51
CA TRP D 256 27.44 5.25 -4.42
C TRP D 256 26.65 4.36 -3.43
N SER D 257 26.85 3.06 -3.57
CA SER D 257 26.16 2.13 -2.70
C SER D 257 26.56 2.37 -1.28
N SER D 258 27.87 2.52 -1.08
CA SER D 258 28.41 2.67 0.24
C SER D 258 27.95 3.95 0.92
N CYS D 259 27.63 5.00 0.18
CA CYS D 259 27.00 6.18 0.80
C CYS D 259 25.51 5.98 1.04
N CYS D 260 24.88 5.06 0.33
CA CYS D 260 23.52 4.70 0.66
C CYS D 260 23.50 3.96 1.99
N MET D 261 24.49 3.08 2.20
CA MET D 261 24.61 2.35 3.44
C MET D 261 24.76 3.34 4.58
N MET D 262 25.59 4.35 4.33
CA MET D 262 25.88 5.37 5.35
C MET D 262 24.58 6.01 5.77
N LEU D 263 23.75 6.33 4.79
CA LEU D 263 22.45 6.89 5.09
C LEU D 263 21.58 5.91 5.85
N HIS D 264 21.66 4.63 5.51
CA HIS D 264 20.87 3.59 6.20
C HIS D 264 21.28 3.51 7.64
N MET D 265 22.59 3.58 7.89
CA MET D 265 23.13 3.57 9.26
C MET D 265 22.61 4.75 10.08
N LEU D 266 22.75 5.95 9.55
CA LEU D 266 22.33 7.14 10.27
C LEU D 266 20.82 7.16 10.54
N ASN D 267 20.03 6.79 9.54
CA ASN D 267 18.60 7.06 9.60
C ASN D 267 17.76 5.86 10.04
N GLY D 268 18.33 4.66 9.94
CA GLY D 268 17.57 3.46 10.29
C GLY D 268 16.59 3.11 9.19
N CYS D 269 16.89 3.56 7.97
CA CYS D 269 16.21 3.06 6.82
C CYS D 269 16.95 3.32 5.54
N HIS D 270 16.53 2.56 4.53
CA HIS D 270 17.10 2.73 3.22
C HIS D 270 16.80 4.14 2.64
N PRO D 271 17.71 4.65 1.82
CA PRO D 271 17.31 5.87 1.16
C PRO D 271 16.21 5.59 0.15
N TRP D 272 15.49 6.64 -0.21
CA TRP D 272 14.39 6.63 -1.20
C TRP D 272 13.07 6.15 -0.59
N THR D 273 13.15 5.12 0.25
CA THR D 273 11.99 4.33 0.67
C THR D 273 10.94 5.14 1.40
N GLN D 274 11.38 6.10 2.19
CA GLN D 274 10.45 6.94 2.93
C GLN D 274 9.85 8.09 2.10
N PHE D 275 10.30 8.25 0.86
CA PHE D 275 9.91 9.39 0.03
C PHE D 275 9.22 9.01 -1.27
N PHE D 276 9.25 7.73 -1.67
CA PHE D 276 8.64 7.27 -2.93
C PHE D 276 8.04 5.89 -2.82
N ARG D 277 7.02 5.59 -3.62
CA ARG D 277 6.25 4.34 -3.42
C ARG D 277 6.71 3.18 -4.35
N GLY D 278 7.41 3.55 -5.42
CA GLY D 278 8.05 2.61 -6.32
C GLY D 278 7.34 2.60 -7.67
N PRO D 279 7.99 2.01 -8.69
CA PRO D 279 9.35 1.46 -8.63
C PRO D 279 10.41 2.55 -8.36
N LEU D 280 11.41 2.20 -7.54
CA LEU D 280 12.38 3.19 -7.05
C LEU D 280 13.47 3.44 -8.07
N CYS D 281 13.81 2.42 -8.86
CA CYS D 281 14.80 2.59 -9.91
C CYS D 281 14.49 3.79 -10.84
N LEU D 282 13.21 4.02 -11.11
CA LEU D 282 12.80 5.09 -12.01
C LEU D 282 13.12 6.44 -11.37
N LYS D 283 12.85 6.53 -10.07
CA LYS D 283 13.15 7.73 -9.29
C LYS D 283 14.68 7.95 -9.16
N ILE D 284 15.46 6.89 -9.03
CA ILE D 284 16.92 7.03 -8.98
C ILE D 284 17.41 7.70 -10.24
N ALA D 285 16.70 7.44 -11.33
CA ALA D 285 17.07 7.95 -12.64
C ALA D 285 16.58 9.39 -12.83
N SER D 286 15.36 9.68 -12.41
CA SER D 286 14.77 10.98 -12.69
C SER D 286 15.16 12.04 -11.67
N GLU D 287 15.50 11.61 -10.46
CA GLU D 287 15.57 12.52 -9.32
C GLU D 287 16.99 12.87 -8.97
N PRO D 288 17.19 14.05 -8.35
CA PRO D 288 18.52 14.38 -7.92
C PRO D 288 18.95 13.46 -6.78
N PRO D 289 20.26 13.36 -6.56
CA PRO D 289 20.72 12.37 -5.59
C PRO D 289 20.00 12.56 -4.29
N PRO D 290 19.94 11.50 -3.49
CA PRO D 290 19.11 11.61 -2.28
C PRO D 290 19.79 12.30 -1.07
N VAL D 291 20.58 13.33 -1.32
CA VAL D 291 21.14 14.15 -0.25
C VAL D 291 20.09 14.66 0.73
N ARG D 292 18.87 14.77 0.23
CA ARG D 292 17.65 15.03 1.03
C ARG D 292 17.44 14.03 2.21
N GLU D 293 18.26 12.99 2.28
CA GLU D 293 18.23 12.02 3.37
C GLU D 293 19.33 12.25 4.37
N ILE D 294 20.22 13.20 4.11
CA ILE D 294 21.26 13.51 5.06
C ILE D 294 20.62 14.26 6.22
N PRO D 295 20.86 13.77 7.45
CA PRO D 295 20.30 14.42 8.63
C PRO D 295 21.05 15.72 8.94
N PRO D 296 20.32 16.84 9.07
CA PRO D 296 20.98 18.12 9.32
C PRO D 296 21.95 18.07 10.49
N SER D 297 21.63 17.26 11.50
CA SER D 297 22.40 17.23 12.75
C SER D 297 23.86 16.78 12.60
N CYS D 298 24.19 16.05 11.55
CA CYS D 298 25.54 15.53 11.44
C CYS D 298 26.51 16.59 11.01
N ALA D 299 27.79 16.26 11.15
CA ALA D 299 28.88 17.22 10.99
C ALA D 299 28.94 17.67 9.57
N PRO D 300 29.48 18.87 9.32
CA PRO D 300 29.87 19.40 8.01
C PRO D 300 30.69 18.48 7.08
N LEU D 301 31.85 17.98 7.52
CA LEU D 301 32.64 17.05 6.66
C LEU D 301 31.93 15.72 6.45
N THR D 302 31.06 15.32 7.39
CA THR D 302 30.20 14.13 7.21
C THR D 302 29.25 14.40 6.07
N ALA D 303 28.46 15.47 6.22
CA ALA D 303 27.50 15.83 5.20
C ALA D 303 28.17 15.99 3.84
N GLN D 304 29.34 16.63 3.82
CA GLN D 304 30.08 16.88 2.61
C GLN D 304 30.51 15.54 2.01
N ALA D 305 30.84 14.57 2.86
CA ALA D 305 31.39 13.29 2.40
C ALA D 305 30.33 12.46 1.75
N ILE D 306 29.10 12.57 2.23
CA ILE D 306 28.00 11.88 1.58
C ILE D 306 27.67 12.53 0.23
N GLN D 307 27.51 13.86 0.19
CA GLN D 307 27.27 14.60 -1.08
C GLN D 307 28.25 14.12 -2.11
N GLU D 308 29.53 14.17 -1.76
CA GLU D 308 30.58 13.96 -2.74
C GLU D 308 30.51 12.55 -3.30
N GLY D 309 29.99 11.58 -2.53
CA GLY D 309 29.92 10.17 -2.99
C GLY D 309 28.60 9.82 -3.65
N LEU D 310 27.69 10.79 -3.66
CA LEU D 310 26.36 10.66 -4.22
C LEU D 310 26.24 11.58 -5.42
N ARG D 311 27.35 11.87 -6.07
CA ARG D 311 27.28 12.61 -7.31
C ARG D 311 26.86 11.64 -8.43
N LYS D 312 25.82 12.02 -9.17
CA LYS D 312 25.16 11.13 -10.16
C LYS D 312 26.06 10.69 -11.28
N GLU D 313 26.96 11.56 -11.69
CA GLU D 313 27.97 11.19 -12.68
C GLU D 313 29.22 10.60 -11.96
N PRO D 314 29.53 9.30 -12.20
CA PRO D 314 30.70 8.63 -11.61
C PRO D 314 32.06 9.32 -11.88
N ILE D 315 32.14 10.11 -12.94
CA ILE D 315 33.37 10.81 -13.21
C ILE D 315 33.60 11.91 -12.18
N HIS D 316 32.53 12.53 -11.70
CA HIS D 316 32.69 13.52 -10.63
C HIS D 316 32.43 12.98 -9.23
N ARG D 317 32.12 11.69 -9.16
CA ARG D 317 31.99 10.99 -7.88
C ARG D 317 33.38 10.47 -7.46
N VAL D 318 33.71 10.71 -6.20
CA VAL D 318 34.99 10.30 -5.61
C VAL D 318 35.28 8.78 -5.76
N SER D 319 36.55 8.40 -5.70
CA SER D 319 36.95 7.01 -5.74
C SER D 319 36.64 6.50 -4.37
N ALA D 320 36.90 5.22 -4.10
CA ALA D 320 36.72 4.65 -2.77
C ALA D 320 37.77 5.21 -1.82
N ALA D 321 38.99 5.35 -2.36
CA ALA D 321 40.15 5.82 -1.61
C ALA D 321 39.96 7.26 -1.23
N GLU D 322 39.65 8.06 -2.23
CA GLU D 322 39.33 9.45 -1.99
C GLU D 322 38.31 9.58 -0.86
N LEU D 323 37.26 8.78 -0.87
CA LEU D 323 36.25 8.93 0.17
C LEU D 323 36.72 8.38 1.50
N GLY D 324 37.71 7.49 1.44
CA GLY D 324 38.39 7.00 2.61
C GLY D 324 38.85 8.19 3.41
N GLY D 325 39.64 9.04 2.78
CA GLY D 325 40.24 10.18 3.47
C GLY D 325 39.20 11.09 4.09
N LYS D 326 38.16 11.39 3.32
CA LYS D 326 37.13 12.33 3.75
C LYS D 326 36.48 11.84 5.04
N VAL D 327 36.34 10.52 5.20
CA VAL D 327 35.64 10.00 6.37
C VAL D 327 36.58 9.81 7.54
N ASN D 328 37.86 9.60 7.28
CA ASN D 328 38.85 9.56 8.37
C ASN D 328 38.88 10.93 9.04
N ARG D 329 39.02 11.96 8.23
CA ARG D 329 38.89 13.33 8.70
C ARG D 329 37.60 13.57 9.47
N ALA D 330 36.50 13.15 8.88
CA ALA D 330 35.20 13.38 9.50
C ALA D 330 35.05 12.59 10.80
N LEU D 331 35.79 11.49 10.95
CA LEU D 331 35.84 10.77 12.23
C LEU D 331 36.70 11.53 13.23
N GLN D 332 37.78 12.18 12.77
CA GLN D 332 38.54 13.09 13.63
C GLN D 332 37.66 14.23 14.10
N GLN D 333 37.24 15.07 13.14
CA GLN D 333 36.41 16.24 13.45
C GLN D 333 35.22 15.98 14.36
N VAL D 334 34.76 14.74 14.40
CA VAL D 334 33.62 14.39 15.23
C VAL D 334 34.06 13.80 16.58
N GLY D 335 35.38 13.68 16.81
CA GLY D 335 35.94 13.26 18.09
C GLY D 335 36.43 11.83 18.17
N GLY D 336 36.56 11.20 17.02
CA GLY D 336 37.01 9.82 16.94
C GLY D 336 35.93 8.87 17.39
N LEU D 337 36.20 7.57 17.23
CA LEU D 337 35.27 6.51 17.60
C LEU D 337 35.13 6.42 19.12
N LYS D 338 33.96 6.77 19.62
CA LYS D 338 33.74 6.79 21.05
C LYS D 338 32.53 5.99 21.49
N SER D 339 31.42 6.07 20.75
CA SER D 339 30.21 5.34 21.14
C SER D 339 30.56 3.88 21.35
N PRO D 340 29.95 3.23 22.35
CA PRO D 340 30.07 1.77 22.37
C PRO D 340 29.41 1.19 21.12
N TRP D 341 29.69 -0.08 20.82
CA TRP D 341 28.98 -0.74 19.69
C TRP D 341 27.69 -1.42 20.13
N ARG D 342 27.24 -1.13 21.35
CA ARG D 342 26.06 -1.76 21.92
C ARG D 342 25.23 -0.80 22.72
N GLY D 343 25.19 0.45 22.28
CA GLY D 343 24.53 1.52 23.01
C GLY D 343 23.01 1.42 23.05
N GLU D 344 22.41 2.47 23.62
CA GLU D 344 20.97 2.57 23.84
C GLU D 344 20.26 2.38 22.49
N TYR D 345 18.98 2.05 22.54
CA TYR D 345 18.19 2.05 21.33
C TYR D 345 18.17 3.49 20.89
N LYS D 346 18.31 3.70 19.60
CA LYS D 346 18.30 5.04 19.04
C LYS D 346 17.12 5.06 18.09
N GLU D 347 16.30 6.09 18.16
CA GLU D 347 15.07 6.06 17.43
C GLU D 347 15.36 6.29 15.93
N PRO D 348 14.75 5.46 15.06
CA PRO D 348 14.84 5.66 13.63
C PRO D 348 14.05 6.87 13.15
N ARG D 349 14.56 7.51 12.10
CA ARG D 349 13.94 8.67 11.47
C ARG D 349 12.55 8.31 10.97
N HIS D 350 11.62 9.26 11.06
CA HIS D 350 10.23 9.05 10.63
C HIS D 350 9.88 9.81 9.35
N PRO D 351 8.80 9.41 8.68
CA PRO D 351 8.49 10.12 7.42
C PRO D 351 7.97 11.55 7.60
N3 13V E . 25.65 45.42 -18.82
C15 13V E . 24.43 45.93 -18.60
N2 13V E . 24.08 46.09 -17.35
N4 13V E . 23.73 46.21 -19.66
C16 13V E . 22.49 46.71 -19.47
C17 13V E . 21.96 46.91 -18.19
O2 13V E . 20.69 47.46 -17.93
C18 13V E . 19.49 47.41 -18.66
C19 13V E . 18.35 48.04 -17.84
O3 13V E . 17.74 47.23 -16.83
C20 13V E . 17.23 47.80 -15.64
C14 13V E . 22.85 46.59 -17.09
C11 13V E . 22.39 46.73 -15.63
C10 13V E . 21.14 47.15 -15.22
N1 13V E . 21.08 47.09 -13.89
C12 13V E . 23.08 46.38 -14.47
C9 13V E . 22.23 46.63 -13.37
C8 13V E . 22.59 46.42 -12.04
C7 13V E . 23.85 45.93 -11.79
C13 13V E . 24.33 45.89 -14.16
C6 13V E . 24.71 45.69 -12.83
C5 13V E . 25.99 45.20 -12.60
C4 13V E . 27.10 44.73 -12.40
C1 13V E . 28.44 44.12 -12.16
C3 13V E . 29.43 45.22 -12.19
C2 13V E . 28.68 43.07 -13.21
O1 13V E . 28.48 43.53 -10.91
N3 13V F . -4.03 -9.32 10.99
C15 13V F . -5.19 -9.70 11.56
N2 13V F . -6.21 -9.92 10.74
N4 13V F . -5.17 -9.82 12.86
C16 13V F . -6.35 -10.20 13.41
C17 13V F . -7.53 -10.47 12.67
O2 13V F . -8.76 -10.80 13.25
C18 13V F . -9.20 -11.93 13.96
C19 13V F . -10.58 -11.52 14.50
O3 13V F . -11.68 -12.19 13.89
C20 13V F . -12.62 -11.60 13.03
C14 13V F . -7.41 -10.30 11.26
C11 13V F . -8.58 -10.53 10.33
C10 13V F . -9.82 -11.07 10.62
N1 13V F . -10.56 -11.09 9.51
C12 13V F . -8.60 -10.22 8.98
C9 13V F . -9.86 -10.57 8.48
C8 13V F . -10.19 -10.38 7.14
C7 13V F . -9.27 -9.83 6.27
C13 13V F . -7.70 -9.65 8.08
C6 13V F . -8.03 -9.47 6.73
C5 13V F . -7.09 -8.90 5.87
C4 13V F . -6.26 -8.40 5.12
C1 13V F . -5.25 -7.79 4.21
C3 13V F . -4.18 -8.78 3.82
C2 13V F . -4.71 -6.60 4.95
O1 13V F . -5.88 -7.36 3.06
N3 13V G . -34.23 -29.39 11.12
C15 13V G . -34.62 -30.65 11.37
N2 13V G . -35.27 -31.27 10.39
N4 13V G . -34.33 -31.15 12.54
C16 13V G . -34.75 -32.41 12.77
C17 13V G . -35.48 -33.19 11.84
O2 13V G . -35.91 -34.53 12.03
C18 13V G . -36.41 -35.17 13.18
C19 13V G . -36.65 -36.66 12.87
O3 13V G . -37.98 -37.03 12.53
C20 13V G . -38.39 -37.56 11.28
C14 13V G . -35.74 -32.53 10.60
C11 13V G . -36.47 -33.22 9.48
C10 13V G . -37.02 -34.47 9.50
N1 13V G . -37.55 -34.71 8.29
C12 13V G . -36.68 -32.68 8.23
C9 13V G . -37.38 -33.64 7.46
C8 13V G . -37.75 -33.42 6.15
C7 13V G . -37.40 -32.22 5.54
C13 13V G . -36.37 -31.50 7.57
C6 13V G . -36.72 -31.27 6.24
C5 13V G . -36.39 -30.04 5.65
C4 13V G . -36.16 -28.98 5.10
C1 13V G . -35.89 -27.64 4.46
C3 13V G . -34.42 -27.50 4.21
C2 13V G . -36.39 -26.57 5.39
O1 13V G . -36.55 -27.51 3.24
N3 13V H . 30.77 -15.55 7.12
C15 13V H . 29.72 -15.12 7.85
N2 13V H . 28.69 -14.63 7.17
N4 13V H . 29.80 -15.21 9.15
C16 13V H . 28.72 -14.77 9.82
C17 13V H . 27.55 -14.25 9.20
O2 13V H . 26.48 -13.73 9.99
C18 13V H . 25.07 -13.80 10.09
C19 13V H . 24.46 -12.38 10.27
O3 13V H . 23.03 -12.33 10.27
C20 13V H . 22.31 -11.38 9.53
C14 13V H . 27.56 -14.15 7.76
C11 13V H . 26.52 -13.65 6.75
C10 13V H . 25.28 -13.12 6.98
N1 13V H . 24.72 -12.80 5.83
C12 13V H . 26.66 -13.64 5.35
C9 13V H . 25.51 -13.09 4.79
C8 13V H . 25.29 -12.96 3.44
C7 13V H . 26.27 -13.37 2.55
C13 13V H . 27.63 -14.03 4.43
C6 13V H . 27.45 -13.91 3.03
C5 13V H . 28.44 -14.31 2.09
C4 13V H . 29.34 -14.63 1.30
C1 13V H . 30.39 -15.00 0.28
C3 13V H . 30.39 -16.45 -0.09
C2 13V H . 31.74 -14.58 0.80
O1 13V H . 30.13 -14.32 -0.90
#